data_7L7J
#
_entry.id   7L7J
#
loop_
_entity.id
_entity.type
_entity.pdbx_description
1 polymer 'Prostaglandin E synthase 3'
2 polymer 'Heat shock protein HSP 90-alpha'
3 non-polymer 'PHOSPHOAMINOPHOSPHONIC ACID-ADENYLATE ESTER'
#
loop_
_entity_poly.entity_id
_entity_poly.type
_entity_poly.pdbx_seq_one_letter_code
_entity_poly.pdbx_strand_id
1 'polypeptide(L)'
;MQPASAKWYDRRDYVFIEFCVEDSKDVNVNFEKSKLTFSCLGGSDNFKHLNEIDLFHCIDPNDSKHKRTDRSILCCLRKG
ESGQSWPRLTKERAKLNWLSVDFNNWKDWEDDSDEDMSNFDRFSEMMNNMGGDEDVDLPEVDGADDDSQDSDDEKMPDLE
;
C
2 'polypeptide(L)'
;MPEETQTQDQPMEEEEVETFAFQAEIAQLMSLIINTFYSNKEIFLRELISNSSDALDKIRYESLTDPSKLDSGKELHINL
IPNKQDRTLTIVDTGIGMTKADLINNLGTIAKSGTKAFMEALQAGADISMIGQFGVGFYSAYLVAEKVTVITKHNDDEQY
AWESSAGGSFTVRTDTGEPMGRGTKVILHLKEDQTEYLEERRIKEIVKKHSQFIGYPITLFVEKERDKEVSDDEAEEKED
KEEEKEKEEKESEDKPEIEDVGSDEEEEKKDGDKKKKKKIKEKYIDQEELNKTKPIWTRNPDDITNEEYGEFYKSLTNDW
EDHLAVKHFSVEGQLEFRALLFVPRRAPFDLFENRKKKNNIKLYVRRVFIMDNCEELIPEYLNFIRGVVDSEDLPLNISR
EMLQQSKILKVIRKNLVKKCLELFTELAEDKENYKKFYEQFSKNIKLGIHEDSQNRKKLSELLRYYTSASGDEMVSLKDY
CTRMKENQKHIYYITGETKDQVANSAFVERLRKHGLEVIYMIEPIDEYCVQQLKEFEGKTLVSVTKEGLELPEDEEEKKK
QEEKKTKFENLCKIMKDILEKKVEKVVVSNRLVTSPCCIVTSTYGWTANMERIMKAQALRDNSTMGYMAAKKHLEINPDH
SIIETLRQKAEADKNDKSVKDLVILLYETALLSSGFSLEDPQTHANRIYRMIKLGLGIDEDDPTADDTSAAVTEEMPPLE
GDDDTSRMEEVD
;
A,B
#
loop_
_chem_comp.id
_chem_comp.type
_chem_comp.name
_chem_comp.formula
ANP non-polymer 'PHOSPHOAMINOPHOSPHONIC ACID-ADENYLATE ESTER' 'C10 H17 N6 O12 P3'
#
# COMPACT_ATOMS: atom_id res chain seq x y z
N MET A 1 3.38 47.61 17.84
CA MET A 1 1.92 47.73 17.84
C MET A 1 1.20 46.39 17.71
N GLN A 2 1.76 45.44 16.95
CA GLN A 2 1.24 44.09 16.78
C GLN A 2 2.41 43.13 16.50
N PRO A 3 2.48 41.94 17.12
CA PRO A 3 3.49 40.93 16.83
C PRO A 3 3.61 40.58 15.34
N ALA A 4 4.84 40.39 14.87
CA ALA A 4 5.11 39.80 13.56
C ALA A 4 4.66 38.33 13.55
N SER A 5 4.11 37.86 12.43
CA SER A 5 3.94 36.43 12.21
C SER A 5 5.29 35.73 12.36
N ALA A 6 5.33 34.62 13.08
CA ALA A 6 6.56 33.86 13.32
C ALA A 6 6.36 32.38 13.04
N LYS A 7 7.41 31.73 12.52
CA LYS A 7 7.50 30.26 12.38
C LYS A 7 8.71 29.78 13.18
N TRP A 8 8.64 28.63 13.84
CA TRP A 8 9.75 28.14 14.67
C TRP A 8 10.00 26.64 14.58
N TYR A 9 11.21 26.22 14.92
CA TYR A 9 11.65 24.83 14.95
C TYR A 9 12.88 24.69 15.85
N ASP A 10 13.33 23.46 16.11
CA ASP A 10 14.57 23.25 16.87
C ASP A 10 15.43 22.09 16.33
N ARG A 11 16.71 22.10 16.77
CA ARG A 11 17.71 21.05 16.61
C ARG A 11 18.28 20.68 18.03
N ARG A 12 19.17 19.70 18.12
CA ARG A 12 19.71 19.29 19.42
C ARG A 12 20.30 20.45 20.24
N ASP A 13 21.05 21.31 19.57
CA ASP A 13 21.71 22.45 20.23
C ASP A 13 20.99 23.81 20.08
N TYR A 14 20.06 23.98 19.13
CA TYR A 14 19.56 25.32 18.74
C TYR A 14 18.04 25.39 18.55
N VAL A 15 17.46 26.56 18.82
CA VAL A 15 16.05 26.89 18.56
C VAL A 15 15.96 28.02 17.54
N PHE A 16 15.29 27.78 16.42
CA PHE A 16 15.21 28.67 15.27
C PHE A 16 13.84 29.35 15.20
N ILE A 17 13.82 30.67 14.97
CA ILE A 17 12.60 31.49 14.97
C ILE A 17 12.65 32.46 13.78
N GLU A 18 11.86 32.21 12.75
CA GLU A 18 11.73 33.07 11.58
C GLU A 18 10.59 34.09 11.77
N PHE A 19 10.92 35.35 12.06
CA PHE A 19 9.95 36.45 12.04
C PHE A 19 9.70 36.88 10.59
N CYS A 20 8.48 36.67 10.10
CA CYS A 20 8.12 36.72 8.70
C CYS A 20 7.78 38.14 8.21
N VAL A 21 8.72 39.08 8.34
CA VAL A 21 8.56 40.49 7.94
C VAL A 21 9.32 40.78 6.63
N GLU A 22 8.58 40.97 5.54
CA GLU A 22 9.14 41.28 4.22
C GLU A 22 9.51 42.76 4.05
N ASP A 23 10.62 42.99 3.35
CA ASP A 23 11.34 44.26 3.15
C ASP A 23 11.58 45.05 4.46
N SER A 24 11.80 44.30 5.55
CA SER A 24 11.98 44.77 6.93
C SER A 24 13.02 45.87 7.09
N LYS A 25 12.81 46.78 8.05
CA LYS A 25 13.71 47.90 8.39
C LYS A 25 13.93 47.97 9.90
N ASP A 26 15.05 48.55 10.32
CA ASP A 26 15.35 48.89 11.74
C ASP A 26 15.21 47.71 12.72
N VAL A 27 15.57 46.50 12.26
CA VAL A 27 15.47 45.24 13.02
C VAL A 27 16.35 45.27 14.26
N ASN A 28 15.73 45.11 15.42
CA ASN A 28 16.35 45.03 16.75
C ASN A 28 16.01 43.67 17.37
N VAL A 29 17.00 42.96 17.90
CA VAL A 29 16.80 41.70 18.64
C VAL A 29 17.60 41.73 19.94
N ASN A 30 16.98 41.31 21.03
CA ASN A 30 17.59 41.21 22.35
C ASN A 30 17.47 39.77 22.87
N PHE A 31 18.61 39.14 23.17
CA PHE A 31 18.70 37.82 23.78
C PHE A 31 19.05 37.93 25.26
N GLU A 32 18.32 37.23 26.12
CA GLU A 32 18.54 37.12 27.56
C GLU A 32 18.34 35.66 27.99
N LYS A 33 18.93 35.21 29.10
CA LYS A 33 18.96 33.78 29.49
C LYS A 33 17.57 33.11 29.45
N SER A 34 16.54 33.85 29.87
CA SER A 34 15.15 33.40 29.98
C SER A 34 14.19 34.04 28.96
N LYS A 35 14.65 34.90 28.03
CA LYS A 35 13.76 35.66 27.14
C LYS A 35 14.39 36.03 25.79
N LEU A 36 13.54 36.15 24.78
CA LEU A 36 13.82 36.83 23.51
C LEU A 36 12.90 38.04 23.36
N THR A 37 13.41 39.15 22.84
CA THR A 37 12.58 40.24 22.31
C THR A 37 13.03 40.60 20.90
N PHE A 38 12.07 40.82 20.00
CA PHE A 38 12.27 41.18 18.61
C PHE A 38 11.40 42.39 18.26
N SER A 39 11.92 43.35 17.52
CA SER A 39 11.11 44.43 16.95
C SER A 39 11.70 44.95 15.63
N CYS A 40 10.85 45.48 14.75
CA CYS A 40 11.26 46.07 13.47
C CYS A 40 10.12 46.89 12.85
N LEU A 41 10.40 47.62 11.77
CA LEU A 41 9.38 48.26 10.96
C LEU A 41 9.11 47.44 9.68
N GLY A 42 7.84 47.20 9.35
CA GLY A 42 7.42 46.48 8.15
C GLY A 42 7.65 47.27 6.86
N GLY A 43 8.14 46.62 5.79
CA GLY A 43 8.60 47.31 4.59
C GLY A 43 7.51 47.95 3.73
N SER A 44 6.26 47.48 3.84
CA SER A 44 5.12 47.98 3.07
C SER A 44 4.59 49.34 3.54
N ASP A 45 4.78 49.69 4.81
CA ASP A 45 4.01 50.75 5.50
C ASP A 45 4.70 51.34 6.75
N ASN A 46 5.91 50.88 7.10
CA ASN A 46 6.64 51.20 8.33
C ASN A 46 5.89 50.86 9.64
N PHE A 47 4.90 49.96 9.61
CA PHE A 47 4.20 49.50 10.82
C PHE A 47 5.19 48.81 11.79
N LYS A 48 5.23 49.23 13.05
CA LYS A 48 6.13 48.67 14.07
C LYS A 48 5.63 47.32 14.60
N HIS A 49 6.39 46.27 14.34
CA HIS A 49 6.21 44.97 14.97
C HIS A 49 7.02 44.85 16.26
N LEU A 50 6.48 44.12 17.23
CA LEU A 50 7.12 43.81 18.51
C LEU A 50 6.65 42.42 18.96
N ASN A 51 7.59 41.49 19.17
CA ASN A 51 7.34 40.19 19.75
C ASN A 51 8.18 40.03 21.01
N GLU A 52 7.54 39.72 22.13
CA GLU A 52 8.21 39.29 23.36
C GLU A 52 7.94 37.80 23.57
N ILE A 53 9.00 37.02 23.78
CA ILE A 53 8.94 35.56 23.88
C ILE A 53 9.70 35.15 25.15
N ASP A 54 8.99 35.04 26.26
CA ASP A 54 9.52 34.54 27.53
C ASP A 54 9.73 33.01 27.40
N LEU A 55 10.97 32.57 27.25
CA LEU A 55 11.31 31.27 26.63
C LEU A 55 11.02 30.05 27.53
N PHE A 56 10.63 28.94 26.89
CA PHE A 56 10.32 27.66 27.54
C PHE A 56 11.46 27.13 28.43
N HIS A 57 12.71 27.27 27.98
CA HIS A 57 13.92 26.88 28.71
C HIS A 57 15.06 27.87 28.45
N CYS A 58 16.13 27.80 29.25
CA CYS A 58 17.26 28.73 29.16
C CYS A 58 18.00 28.69 27.81
N ILE A 59 18.62 29.82 27.44
CA ILE A 59 19.43 30.02 26.24
C ILE A 59 20.74 30.76 26.53
N ASP A 60 21.69 30.73 25.59
CA ASP A 60 22.96 31.47 25.70
C ASP A 60 23.03 32.68 24.74
N PRO A 61 22.90 33.92 25.23
CA PRO A 61 23.06 35.14 24.43
C PRO A 61 24.41 35.28 23.71
N ASN A 62 25.48 34.68 24.24
CA ASN A 62 26.83 34.78 23.65
C ASN A 62 27.01 33.90 22.40
N ASP A 63 26.16 32.89 22.21
CA ASP A 63 26.19 31.99 21.05
C ASP A 63 24.89 32.07 20.19
N SER A 64 23.89 32.82 20.64
CA SER A 64 22.68 33.16 19.88
C SER A 64 22.95 34.30 18.88
N LYS A 65 22.16 34.37 17.81
CA LYS A 65 22.37 35.28 16.66
C LYS A 65 21.08 35.53 15.88
N HIS A 66 21.05 36.57 15.04
CA HIS A 66 19.98 36.81 14.06
C HIS A 66 20.52 37.26 12.70
N LYS A 67 19.88 36.79 11.63
CA LYS A 67 20.14 37.22 10.24
C LYS A 67 18.91 37.93 9.69
N ARG A 68 19.04 39.18 9.25
CA ARG A 68 17.98 39.88 8.50
C ARG A 68 18.12 39.56 7.02
N THR A 69 17.01 39.27 6.36
CA THR A 69 16.88 39.23 4.90
C THR A 69 15.68 40.07 4.50
N ASP A 70 15.58 40.47 3.24
CA ASP A 70 14.38 41.15 2.74
C ASP A 70 13.14 40.24 2.72
N ARG A 71 13.33 38.94 2.97
CA ARG A 71 12.22 37.96 3.09
C ARG A 71 11.69 37.71 4.49
N SER A 72 12.62 37.59 5.40
CA SER A 72 12.36 37.29 6.82
C SER A 72 13.59 37.59 7.68
N ILE A 73 13.39 37.69 9.00
CA ILE A 73 14.46 37.75 9.98
C ILE A 73 14.50 36.37 10.64
N LEU A 74 15.65 35.70 10.61
CA LEU A 74 15.81 34.41 11.28
C LEU A 74 16.66 34.61 12.54
N CYS A 75 16.11 34.29 13.71
CA CYS A 75 16.89 34.14 14.92
C CYS A 75 17.28 32.68 15.11
N CYS A 76 18.51 32.44 15.55
CA CYS A 76 19.01 31.14 15.97
C CYS A 76 19.50 31.27 17.42
N LEU A 77 18.83 30.59 18.34
CA LEU A 77 19.09 30.68 19.77
C LEU A 77 19.84 29.43 20.22
N ARG A 78 20.84 29.64 21.08
CA ARG A 78 21.58 28.54 21.59
C ARG A 78 20.92 27.96 22.83
N LYS A 79 20.55 26.68 22.77
CA LYS A 79 19.97 26.07 23.98
C LYS A 79 20.99 26.12 25.13
N GLY A 80 20.56 26.54 26.31
CA GLY A 80 21.39 26.53 27.53
C GLY A 80 21.77 25.11 27.99
N GLU A 81 21.01 24.10 27.57
CA GLU A 81 21.34 22.68 27.71
C GLU A 81 21.00 21.95 26.40
N SER A 82 22.02 21.59 25.62
CA SER A 82 21.82 20.80 24.40
C SER A 82 21.14 19.46 24.71
N GLY A 83 20.26 19.00 23.83
CA GLY A 83 19.45 17.80 24.04
C GLY A 83 18.19 18.02 24.87
N GLN A 84 17.94 19.22 25.41
CA GLN A 84 16.61 19.57 25.93
C GLN A 84 15.60 19.59 24.76
N SER A 85 14.53 18.83 24.88
CA SER A 85 13.38 18.89 23.97
C SER A 85 12.56 20.14 24.24
N TRP A 86 12.11 20.84 23.19
CA TRP A 86 11.24 22.02 23.33
C TRP A 86 9.83 21.69 22.78
N PRO A 87 8.85 21.40 23.65
CA PRO A 87 7.48 21.10 23.24
C PRO A 87 6.64 22.37 22.94
N ARG A 88 7.18 23.55 23.27
CA ARG A 88 6.54 24.87 23.11
C ARG A 88 7.62 25.99 23.22
N LEU A 89 7.50 27.11 22.56
CA LEU A 89 8.55 28.13 22.52
C LEU A 89 8.65 28.95 23.82
N THR A 90 7.56 29.07 24.56
CA THR A 90 7.45 29.96 25.74
C THR A 90 7.17 29.18 27.02
N LYS A 91 7.60 29.72 28.17
CA LYS A 91 7.37 29.07 29.47
C LYS A 91 5.89 28.89 29.80
N GLU A 92 5.05 29.83 29.36
CA GLU A 92 3.59 29.76 29.51
C GLU A 92 2.96 28.74 28.55
N ARG A 93 1.81 28.17 28.93
CA ARG A 93 1.05 27.33 27.97
C ARG A 93 0.17 28.17 26.96
N ALA A 94 0.42 29.49 26.85
CA ALA A 94 -0.30 30.42 25.99
C ALA A 94 -0.29 30.04 24.49
N LYS A 95 -1.46 30.04 23.84
CA LYS A 95 -1.62 29.81 22.39
C LYS A 95 -1.45 31.12 21.62
N LEU A 96 -0.22 31.56 21.42
CA LEU A 96 0.14 32.75 20.64
C LEU A 96 -0.32 32.60 19.17
N ASN A 97 -1.34 33.35 18.74
CA ASN A 97 -2.00 33.10 17.44
C ASN A 97 -1.11 33.35 16.22
N TRP A 98 -0.14 34.27 16.34
CA TRP A 98 0.86 34.60 15.33
C TRP A 98 2.02 33.60 15.22
N LEU A 99 2.16 32.66 16.16
CA LEU A 99 3.26 31.69 16.20
C LEU A 99 2.81 30.29 15.73
N SER A 100 3.58 29.69 14.83
CA SER A 100 3.37 28.31 14.38
C SER A 100 4.70 27.59 14.16
N VAL A 101 4.69 26.28 13.98
CA VAL A 101 5.92 25.51 13.68
C VAL A 101 6.26 25.55 12.18
N ASP A 102 7.54 25.70 11.87
CA ASP A 102 8.10 25.78 10.51
C ASP A 102 8.24 24.40 9.88
N PHE A 103 7.13 23.75 9.52
CA PHE A 103 7.15 22.37 9.01
C PHE A 103 7.84 22.13 7.66
N ASN A 104 8.53 23.12 7.09
CA ASN A 104 9.52 22.90 6.03
C ASN A 104 10.90 22.51 6.60
N ASN A 105 11.20 22.89 7.85
CA ASN A 105 12.49 22.75 8.53
C ASN A 105 12.39 22.06 9.91
N TRP A 106 11.18 21.81 10.42
CA TRP A 106 10.98 20.90 11.53
C TRP A 106 11.41 19.47 11.15
N LYS A 107 12.11 18.83 12.09
CA LYS A 107 12.57 17.44 12.07
C LYS A 107 12.54 16.95 13.51
N ASP A 108 12.16 15.70 13.76
CA ASP A 108 12.22 15.10 15.09
C ASP A 108 13.62 14.54 15.36
N TRP A 109 14.56 15.45 15.65
CA TRP A 109 15.99 15.18 15.81
C TRP A 109 16.35 14.35 17.05
N GLU A 110 15.47 14.23 18.04
CA GLU A 110 15.77 13.85 19.43
C GLU A 110 16.46 12.49 19.63
N VAL B 17 -23.77 49.90 -10.03
CA VAL B 17 -22.80 48.82 -10.23
C VAL B 17 -21.40 49.40 -10.39
N GLU B 18 -20.42 48.88 -9.65
CA GLU B 18 -18.99 49.22 -9.79
C GLU B 18 -18.19 47.99 -10.19
N THR B 19 -17.33 48.11 -11.20
CA THR B 19 -16.48 47.01 -11.70
C THR B 19 -15.04 47.19 -11.23
N PHE B 20 -14.43 46.12 -10.73
CA PHE B 20 -13.06 46.07 -10.25
C PHE B 20 -12.28 44.95 -10.95
N ALA B 21 -10.99 45.12 -11.18
CA ALA B 21 -10.13 44.01 -11.59
C ALA B 21 -9.65 43.24 -10.37
N PHE B 22 -9.57 41.91 -10.44
CA PHE B 22 -8.95 41.13 -9.36
C PHE B 22 -7.51 41.61 -9.14
N GLN B 23 -7.05 41.58 -7.90
CA GLN B 23 -5.67 41.85 -7.48
C GLN B 23 -5.03 40.54 -7.01
N ALA B 24 -3.79 40.57 -6.54
CA ALA B 24 -3.21 39.49 -5.75
C ALA B 24 -2.32 40.05 -4.64
N GLU B 25 -2.36 39.47 -3.44
CA GLU B 25 -1.45 39.87 -2.37
C GLU B 25 -0.11 39.16 -2.55
N ILE B 26 0.83 39.85 -3.20
CA ILE B 26 2.10 39.26 -3.67
C ILE B 26 2.94 38.67 -2.53
N ALA B 27 2.89 39.27 -1.34
CA ALA B 27 3.58 38.78 -0.16
C ALA B 27 3.10 37.39 0.28
N GLN B 28 1.80 37.13 0.18
CA GLN B 28 1.18 35.85 0.52
C GLN B 28 1.27 34.88 -0.65
N LEU B 29 0.98 35.32 -1.87
CA LEU B 29 1.10 34.52 -3.08
C LEU B 29 2.49 33.90 -3.26
N MET B 30 3.55 34.69 -3.05
CA MET B 30 4.93 34.21 -3.07
C MET B 30 5.17 33.16 -1.97
N SER B 31 4.55 33.33 -0.82
CA SER B 31 4.64 32.39 0.30
C SER B 31 3.90 31.08 0.03
N LEU B 32 2.79 31.07 -0.72
CA LEU B 32 2.13 29.83 -1.14
C LEU B 32 3.02 29.01 -2.06
N ILE B 33 3.69 29.63 -3.01
CA ILE B 33 4.59 28.93 -3.93
C ILE B 33 5.76 28.29 -3.17
N ILE B 34 6.29 29.01 -2.17
CA ILE B 34 7.43 28.54 -1.38
C ILE B 34 7.03 27.50 -0.32
N ASN B 35 5.82 27.55 0.24
CA ASN B 35 5.36 26.61 1.27
C ASN B 35 4.47 25.48 0.76
N THR B 36 3.37 25.80 0.07
CA THR B 36 2.22 24.89 -0.06
C THR B 36 2.07 24.25 -1.43
N PHE B 37 2.73 24.74 -2.48
CA PHE B 37 2.68 24.08 -3.80
C PHE B 37 3.45 22.76 -3.82
N TYR B 38 4.67 22.75 -3.27
CA TYR B 38 5.65 21.69 -3.49
C TYR B 38 5.96 20.90 -2.21
N SER B 39 5.58 19.63 -2.15
CA SER B 39 5.72 18.79 -0.94
C SER B 39 7.08 18.12 -0.80
N ASN B 40 7.98 18.30 -1.78
CA ASN B 40 9.37 17.86 -1.72
C ASN B 40 10.28 18.98 -2.26
N LYS B 41 11.35 19.33 -1.54
CA LYS B 41 12.28 20.39 -1.93
C LYS B 41 13.15 20.05 -3.14
N GLU B 42 13.40 18.77 -3.41
CA GLU B 42 14.41 18.31 -4.39
C GLU B 42 14.13 18.76 -5.82
N ILE B 43 12.86 19.02 -6.14
CA ILE B 43 12.41 19.43 -7.48
C ILE B 43 12.91 20.81 -7.90
N PHE B 44 13.48 21.64 -7.03
CA PHE B 44 14.01 22.95 -7.45
C PHE B 44 14.99 22.80 -8.63
N LEU B 45 15.71 21.69 -8.70
CA LEU B 45 16.65 21.39 -9.77
C LEU B 45 15.94 20.90 -11.02
N ARG B 46 14.81 20.23 -10.85
CA ARG B 46 13.99 19.84 -11.97
C ARG B 46 13.47 21.13 -12.65
N GLU B 47 12.86 22.04 -11.89
CA GLU B 47 12.30 23.27 -12.44
C GLU B 47 13.37 24.11 -13.12
N LEU B 48 14.55 24.29 -12.53
CA LEU B 48 15.60 25.10 -13.15
C LEU B 48 16.29 24.42 -14.34
N ILE B 49 16.36 23.10 -14.38
CA ILE B 49 16.80 22.36 -15.58
C ILE B 49 15.71 22.36 -16.67
N SER B 50 14.43 22.36 -16.31
CA SER B 50 13.34 22.52 -17.27
C SER B 50 13.33 23.92 -17.87
N ASN B 51 13.51 24.97 -17.07
CA ASN B 51 13.64 26.35 -17.56
C ASN B 51 14.84 26.51 -18.49
N SER B 52 15.94 25.80 -18.21
CA SER B 52 17.13 25.77 -19.08
C SER B 52 16.85 25.01 -20.37
N SER B 53 16.25 23.82 -20.32
CA SER B 53 15.89 23.08 -21.54
C SER B 53 14.90 23.84 -22.43
N ASP B 54 14.02 24.66 -21.87
CA ASP B 54 13.14 25.55 -22.63
C ASP B 54 13.88 26.74 -23.22
N ALA B 55 14.82 27.34 -22.48
CA ALA B 55 15.68 28.39 -23.02
C ALA B 55 16.61 27.90 -24.13
N LEU B 56 17.04 26.65 -24.09
CA LEU B 56 17.79 26.00 -25.16
C LEU B 56 16.89 25.70 -26.35
N ASP B 57 15.69 25.17 -26.14
CA ASP B 57 14.70 24.98 -27.21
C ASP B 57 14.32 26.28 -27.92
N LYS B 58 14.19 27.40 -27.21
CA LYS B 58 13.93 28.72 -27.79
C LYS B 58 15.06 29.16 -28.73
N ILE B 59 16.32 29.12 -28.31
CA ILE B 59 17.43 29.57 -29.18
C ILE B 59 17.76 28.58 -30.28
N ARG B 60 17.59 27.28 -30.05
CA ARG B 60 17.69 26.28 -31.10
C ARG B 60 16.65 26.59 -32.17
N TYR B 61 15.39 26.82 -31.81
CA TYR B 61 14.33 27.16 -32.75
C TYR B 61 14.61 28.45 -33.51
N GLU B 62 15.00 29.53 -32.84
CA GLU B 62 15.36 30.78 -33.51
C GLU B 62 16.54 30.62 -34.47
N SER B 63 17.50 29.74 -34.17
CA SER B 63 18.61 29.45 -35.07
C SER B 63 18.21 28.69 -36.34
N LEU B 64 17.05 28.03 -36.39
CA LEU B 64 16.61 27.28 -37.57
C LEU B 64 16.28 28.19 -38.75
N THR B 65 15.69 29.35 -38.49
CA THR B 65 15.35 30.35 -39.51
C THR B 65 16.46 31.40 -39.71
N ASP B 66 17.35 31.58 -38.74
CA ASP B 66 18.48 32.51 -38.81
C ASP B 66 19.71 31.99 -38.04
N PRO B 67 20.66 31.29 -38.70
CA PRO B 67 21.85 30.72 -38.07
C PRO B 67 22.71 31.72 -37.27
N SER B 68 22.65 33.01 -37.60
CA SER B 68 23.47 34.04 -36.93
C SER B 68 23.11 34.23 -35.45
N LYS B 69 21.92 33.76 -35.03
CA LYS B 69 21.49 33.67 -33.62
C LYS B 69 22.47 32.89 -32.73
N LEU B 70 23.29 32.02 -33.31
CA LEU B 70 24.29 31.23 -32.59
C LEU B 70 25.73 31.74 -32.76
N ASP B 71 25.99 32.83 -33.49
CA ASP B 71 27.37 33.36 -33.62
C ASP B 71 27.92 33.90 -32.29
N SER B 72 27.05 34.16 -31.32
CA SER B 72 27.33 34.48 -29.91
C SER B 72 27.66 33.24 -29.05
N GLY B 73 27.53 32.03 -29.59
CA GLY B 73 27.90 30.76 -28.96
C GLY B 73 27.13 29.62 -29.59
N LYS B 74 27.80 28.61 -30.17
CA LYS B 74 27.16 27.54 -30.95
C LYS B 74 26.79 26.28 -30.15
N GLU B 75 27.27 26.17 -28.92
CA GLU B 75 26.95 25.02 -28.04
C GLU B 75 25.64 25.24 -27.28
N LEU B 76 24.88 24.16 -27.06
CA LEU B 76 23.62 24.15 -26.34
C LEU B 76 23.73 23.10 -25.22
N HIS B 77 24.03 23.54 -23.99
CA HIS B 77 24.32 22.66 -22.86
C HIS B 77 23.89 23.27 -21.52
N ILE B 78 23.68 22.44 -20.51
CA ILE B 78 23.38 22.85 -19.13
C ILE B 78 24.56 22.43 -18.25
N ASN B 79 25.22 23.34 -17.54
CA ASN B 79 26.26 22.99 -16.55
C ASN B 79 25.74 23.25 -15.14
N LEU B 80 25.88 22.29 -14.24
CA LEU B 80 25.62 22.46 -12.81
C LEU B 80 26.96 22.63 -12.09
N ILE B 81 27.13 23.70 -11.31
CA ILE B 81 28.37 23.97 -10.58
C ILE B 81 28.07 24.19 -9.11
N PRO B 82 28.11 23.15 -8.28
CA PRO B 82 28.17 23.28 -6.83
C PRO B 82 29.44 24.01 -6.41
N ASN B 83 29.36 24.86 -5.39
CA ASN B 83 30.49 25.61 -4.87
C ASN B 83 30.45 25.61 -3.34
N LYS B 84 30.87 24.51 -2.71
CA LYS B 84 30.78 24.29 -1.26
C LYS B 84 31.41 25.40 -0.42
N GLN B 85 32.44 26.09 -0.94
CA GLN B 85 33.09 27.20 -0.26
C GLN B 85 32.18 28.41 -0.07
N ASP B 86 31.22 28.63 -0.98
CA ASP B 86 30.33 29.79 -1.00
C ASP B 86 28.86 29.42 -0.77
N ARG B 87 28.59 28.12 -0.57
CA ARG B 87 27.24 27.55 -0.44
C ARG B 87 26.33 27.73 -1.68
N THR B 88 26.85 28.28 -2.79
CA THR B 88 26.03 28.42 -3.99
C THR B 88 25.96 27.14 -4.81
N LEU B 89 24.79 26.81 -5.36
CA LEU B 89 24.66 25.91 -6.49
C LEU B 89 24.33 26.74 -7.74
N THR B 90 25.19 26.72 -8.75
CA THR B 90 24.97 27.45 -10.01
C THR B 90 24.42 26.51 -11.08
N ILE B 91 23.56 27.02 -11.96
CA ILE B 91 22.99 26.32 -13.12
C ILE B 91 23.22 27.19 -14.37
N VAL B 92 24.34 26.98 -15.07
CA VAL B 92 24.68 27.69 -16.32
C VAL B 92 23.97 27.04 -17.49
N ASP B 93 23.56 27.86 -18.45
CA ASP B 93 22.64 27.47 -19.50
C ASP B 93 22.95 28.30 -20.75
N THR B 94 23.52 27.70 -21.80
CA THR B 94 23.75 28.42 -23.06
C THR B 94 22.48 28.48 -23.91
N GLY B 95 21.38 28.99 -23.34
CA GLY B 95 20.08 29.19 -23.98
C GLY B 95 19.87 30.59 -24.52
N ILE B 96 18.62 30.95 -24.83
CA ILE B 96 18.27 32.25 -25.42
C ILE B 96 18.67 33.44 -24.54
N GLY B 97 18.63 33.30 -23.21
CA GLY B 97 18.85 34.40 -22.28
C GLY B 97 17.64 35.33 -22.20
N MET B 98 17.75 36.38 -21.38
CA MET B 98 16.67 37.34 -21.16
C MET B 98 17.18 38.78 -21.31
N THR B 99 16.46 39.60 -22.07
CA THR B 99 16.71 41.05 -22.08
C THR B 99 16.27 41.65 -20.74
N LYS B 100 16.58 42.93 -20.49
CA LYS B 100 16.16 43.60 -19.25
C LYS B 100 14.63 43.54 -19.07
N ALA B 101 13.88 43.77 -20.15
CA ALA B 101 12.42 43.67 -20.14
C ALA B 101 11.93 42.23 -19.91
N ASP B 102 12.63 41.21 -20.38
CA ASP B 102 12.26 39.82 -20.13
C ASP B 102 12.54 39.39 -18.69
N LEU B 103 13.60 39.89 -18.04
CA LEU B 103 13.84 39.67 -16.59
C LEU B 103 12.74 40.32 -15.74
N ILE B 104 12.45 41.58 -16.01
CA ILE B 104 11.46 42.37 -15.28
C ILE B 104 10.05 41.81 -15.48
N ASN B 105 9.71 41.32 -16.68
CA ASN B 105 8.45 40.67 -16.93
C ASN B 105 8.41 39.25 -16.37
N ASN B 106 9.25 38.33 -16.83
CA ASN B 106 9.02 36.90 -16.64
C ASN B 106 9.48 36.37 -15.27
N LEU B 107 10.58 36.88 -14.72
CA LEU B 107 10.98 36.56 -13.34
C LEU B 107 10.29 37.48 -12.34
N GLY B 108 10.00 38.71 -12.72
CA GLY B 108 9.32 39.68 -11.87
C GLY B 108 7.81 39.48 -11.73
N THR B 109 7.14 38.81 -12.66
CA THR B 109 5.69 38.59 -12.61
C THR B 109 5.38 37.14 -12.30
N ILE B 110 4.74 36.89 -11.15
CA ILE B 110 4.31 35.56 -10.73
C ILE B 110 3.17 35.08 -11.63
N ALA B 111 3.22 33.81 -12.02
CA ALA B 111 2.30 33.20 -12.97
C ALA B 111 2.35 33.78 -14.39
N LYS B 112 3.43 34.46 -14.79
CA LYS B 112 3.70 34.83 -16.19
C LYS B 112 4.77 33.92 -16.77
N SER B 113 4.44 33.24 -17.86
CA SER B 113 5.37 32.34 -18.56
C SER B 113 5.77 32.93 -19.90
N GLY B 114 7.03 33.31 -20.04
CA GLY B 114 7.63 33.67 -21.33
C GLY B 114 7.71 32.48 -22.29
N THR B 115 7.71 31.26 -21.77
CA THR B 115 7.57 30.02 -22.55
C THR B 115 6.21 29.89 -23.20
N LYS B 116 5.11 30.04 -22.46
CA LYS B 116 3.75 30.04 -23.00
C LYS B 116 3.56 31.16 -24.02
N ALA B 117 4.02 32.37 -23.71
CA ALA B 117 3.97 33.50 -24.63
C ALA B 117 4.79 33.29 -25.92
N PHE B 118 5.97 32.67 -25.84
CA PHE B 118 6.76 32.27 -27.02
C PHE B 118 6.03 31.20 -27.83
N MET B 119 5.59 30.13 -27.18
CA MET B 119 4.94 28.98 -27.81
C MET B 119 3.66 29.37 -28.56
N GLU B 120 2.85 30.26 -27.99
CA GLU B 120 1.63 30.78 -28.62
C GLU B 120 1.88 31.81 -29.71
N ALA B 121 3.09 32.35 -29.85
CA ALA B 121 3.44 33.19 -31.00
C ALA B 121 3.77 32.35 -32.25
N LEU B 122 4.09 31.07 -32.11
CA LEU B 122 4.54 30.22 -33.20
C LEU B 122 3.44 29.87 -34.21
N GLN B 123 3.86 29.60 -35.44
CA GLN B 123 3.02 28.95 -36.45
C GLN B 123 2.59 27.55 -35.99
N ALA B 124 1.37 27.14 -36.33
CA ALA B 124 0.77 25.89 -35.83
C ALA B 124 1.57 24.63 -36.18
N GLY B 125 2.33 24.65 -37.28
CA GLY B 125 3.22 23.56 -37.72
C GLY B 125 4.57 23.48 -37.01
N ALA B 126 4.91 24.42 -36.10
CA ALA B 126 6.22 24.48 -35.47
C ALA B 126 6.60 23.19 -34.72
N ASP B 127 7.75 22.60 -35.06
CA ASP B 127 8.17 21.29 -34.56
C ASP B 127 8.94 21.39 -33.23
N ILE B 128 8.21 21.83 -32.19
CA ILE B 128 8.77 22.17 -30.87
C ILE B 128 7.76 21.93 -29.75
N SER B 129 8.26 21.70 -28.54
CA SER B 129 7.45 21.48 -27.34
C SER B 129 8.30 21.75 -26.10
N MET B 130 7.79 22.56 -25.18
CA MET B 130 8.53 23.11 -24.04
C MET B 130 7.83 22.75 -22.74
N ILE B 131 8.58 22.54 -21.68
CA ILE B 131 8.06 22.03 -20.41
C ILE B 131 7.26 23.12 -19.67
N GLY B 132 7.73 24.35 -19.66
CA GLY B 132 7.08 25.47 -18.98
C GLY B 132 5.72 25.85 -19.54
N GLN B 133 4.81 26.27 -18.66
CA GLN B 133 3.52 26.88 -19.01
C GLN B 133 2.85 27.64 -17.85
N PHE B 134 3.02 27.22 -16.59
CA PHE B 134 2.36 27.86 -15.45
C PHE B 134 2.92 29.23 -15.05
N GLY B 135 4.21 29.49 -15.20
CA GLY B 135 4.83 30.75 -14.79
C GLY B 135 5.19 30.86 -13.31
N VAL B 136 5.24 29.75 -12.57
CA VAL B 136 5.65 29.72 -11.15
C VAL B 136 6.87 28.86 -10.86
N GLY B 137 7.31 28.01 -11.79
CA GLY B 137 8.34 27.00 -11.52
C GLY B 137 9.68 27.57 -11.05
N PHE B 138 10.06 28.76 -11.50
CA PHE B 138 11.30 29.39 -11.04
C PHE B 138 11.33 29.65 -9.53
N TYR B 139 10.21 30.03 -8.90
CA TYR B 139 10.22 30.37 -7.48
C TYR B 139 10.35 29.16 -6.56
N SER B 140 10.27 27.94 -7.10
CA SER B 140 10.70 26.73 -6.40
C SER B 140 12.19 26.76 -6.05
N ALA B 141 13.00 27.59 -6.71
CA ALA B 141 14.36 27.88 -6.28
C ALA B 141 14.43 28.30 -4.80
N TYR B 142 13.43 29.04 -4.29
CA TYR B 142 13.38 29.50 -2.90
C TYR B 142 12.91 28.45 -1.90
N LEU B 143 12.63 27.21 -2.33
CA LEU B 143 12.60 26.06 -1.45
C LEU B 143 13.96 25.89 -0.76
N VAL B 144 15.03 25.90 -1.55
CA VAL B 144 16.40 25.65 -1.07
C VAL B 144 17.27 26.91 -0.96
N ALA B 145 17.03 27.94 -1.77
CA ALA B 145 17.85 29.14 -1.79
C ALA B 145 17.41 30.19 -0.76
N GLU B 146 18.34 30.78 -0.02
CA GLU B 146 18.06 32.01 0.75
C GLU B 146 17.93 33.21 -0.18
N LYS B 147 18.69 33.20 -1.27
CA LYS B 147 18.73 34.25 -2.29
C LYS B 147 19.02 33.62 -3.64
N VAL B 148 18.52 34.21 -4.71
CA VAL B 148 18.84 33.79 -6.08
C VAL B 148 19.37 34.98 -6.84
N THR B 149 20.49 34.80 -7.53
CA THR B 149 20.98 35.73 -8.54
C THR B 149 20.86 35.07 -9.90
N VAL B 150 20.16 35.67 -10.85
CA VAL B 150 20.09 35.21 -12.23
C VAL B 150 20.92 36.15 -13.07
N ILE B 151 22.03 35.67 -13.61
CA ILE B 151 22.91 36.44 -14.50
C ILE B 151 22.63 35.99 -15.91
N THR B 152 22.37 36.89 -16.84
CA THR B 152 21.87 36.50 -18.16
C THR B 152 22.29 37.48 -19.26
N LYS B 153 22.49 36.97 -20.48
CA LYS B 153 22.67 37.76 -21.69
C LYS B 153 21.86 37.16 -22.83
N HIS B 154 21.01 37.99 -23.42
CA HIS B 154 20.31 37.73 -24.69
C HIS B 154 21.12 38.32 -25.85
N ASN B 155 20.93 37.82 -27.06
CA ASN B 155 21.59 38.37 -28.27
C ASN B 155 21.36 39.89 -28.46
N ASP B 156 20.21 40.41 -27.99
CA ASP B 156 19.72 41.75 -28.29
C ASP B 156 19.85 42.75 -27.12
N ASP B 157 20.57 42.41 -26.04
CA ASP B 157 20.72 43.31 -24.87
C ASP B 157 22.04 43.06 -24.11
N GLU B 158 22.39 43.97 -23.20
CA GLU B 158 23.54 43.85 -22.30
C GLU B 158 23.40 42.62 -21.36
N GLN B 159 24.48 42.24 -20.68
CA GLN B 159 24.42 41.25 -19.61
C GLN B 159 23.85 41.88 -18.35
N TYR B 160 22.81 41.29 -17.76
CA TYR B 160 22.19 41.76 -16.51
C TYR B 160 22.23 40.72 -15.42
N ALA B 161 22.35 41.15 -14.18
CA ALA B 161 22.07 40.33 -13.02
C ALA B 161 20.77 40.78 -12.37
N TRP B 162 19.82 39.86 -12.25
CA TRP B 162 18.58 40.00 -11.50
C TRP B 162 18.76 39.29 -10.18
N GLU B 163 18.37 39.89 -9.06
CA GLU B 163 18.69 39.33 -7.75
C GLU B 163 17.55 39.54 -6.75
N SER B 164 17.20 38.52 -5.98
CA SER B 164 16.18 38.64 -4.93
C SER B 164 16.27 37.55 -3.87
N SER B 165 15.88 37.86 -2.64
CA SER B 165 15.61 36.87 -1.58
C SER B 165 14.16 36.35 -1.58
N ALA B 166 13.36 36.68 -2.60
CA ALA B 166 11.89 36.61 -2.62
C ALA B 166 11.24 37.51 -1.56
N GLY B 167 11.86 38.65 -1.26
CA GLY B 167 11.41 39.63 -0.26
C GLY B 167 10.38 40.64 -0.76
N GLY B 168 9.45 40.21 -1.62
CA GLY B 168 8.45 41.10 -2.24
C GLY B 168 9.00 42.11 -3.26
N SER B 169 10.32 42.17 -3.45
CA SER B 169 11.02 42.92 -4.48
C SER B 169 12.26 42.19 -4.98
N PHE B 170 12.75 42.62 -6.15
CA PHE B 170 13.97 42.13 -6.79
C PHE B 170 14.74 43.31 -7.36
N THR B 171 16.03 43.16 -7.59
CA THR B 171 16.88 44.21 -8.18
C THR B 171 17.45 43.75 -9.50
N VAL B 172 17.69 44.68 -10.43
CA VAL B 172 18.31 44.41 -11.73
C VAL B 172 19.42 45.41 -11.99
N ARG B 173 20.55 44.95 -12.55
CA ARG B 173 21.59 45.87 -12.89
C ARG B 173 22.41 45.33 -14.08
N THR B 174 22.99 46.25 -14.84
CA THR B 174 23.92 45.92 -15.94
C THR B 174 25.17 45.31 -15.32
N ASP B 175 25.34 44.01 -15.47
CA ASP B 175 26.25 43.25 -14.62
C ASP B 175 27.72 43.47 -14.96
N THR B 176 28.04 43.39 -16.26
CA THR B 176 29.40 43.56 -16.82
C THR B 176 30.49 42.75 -16.09
N GLY B 177 30.16 41.57 -15.54
CA GLY B 177 31.12 40.63 -14.94
C GLY B 177 31.88 39.84 -15.99
N GLU B 178 32.11 38.54 -15.77
CA GLU B 178 32.60 37.67 -16.85
C GLU B 178 31.55 37.57 -17.97
N PRO B 179 31.88 37.88 -19.23
CA PRO B 179 30.88 37.95 -20.29
C PRO B 179 30.46 36.56 -20.78
N MET B 180 29.15 36.34 -20.90
CA MET B 180 28.57 35.05 -21.29
C MET B 180 28.42 34.81 -22.80
N GLY B 181 28.52 35.84 -23.65
CA GLY B 181 28.21 35.76 -25.08
C GLY B 181 26.71 35.67 -25.37
N ARG B 182 26.00 34.63 -24.85
CA ARG B 182 24.52 34.50 -24.88
C ARG B 182 24.19 33.30 -23.95
N GLY B 183 23.21 33.36 -22.96
CA GLY B 183 22.81 32.33 -22.01
C GLY B 183 22.31 32.91 -20.69
N THR B 184 22.08 32.04 -19.72
CA THR B 184 21.66 32.38 -18.36
C THR B 184 22.47 31.58 -17.34
N LYS B 185 22.54 32.06 -16.11
CA LYS B 185 23.25 31.45 -15.00
C LYS B 185 22.43 31.73 -13.74
N VAL B 186 21.66 30.76 -13.29
CA VAL B 186 20.94 30.86 -12.02
C VAL B 186 21.87 30.43 -10.91
N ILE B 187 22.23 31.34 -10.00
CA ILE B 187 23.07 31.08 -8.83
C ILE B 187 22.16 31.01 -7.61
N LEU B 188 22.06 29.84 -6.98
CA LEU B 188 21.25 29.63 -5.79
C LEU B 188 22.12 29.73 -4.56
N HIS B 189 22.01 30.80 -3.79
CA HIS B 189 22.70 30.91 -2.52
C HIS B 189 21.94 30.04 -1.51
N LEU B 190 22.37 28.82 -1.24
CA LEU B 190 21.57 27.87 -0.46
C LEU B 190 21.47 28.26 1.02
N LYS B 191 20.31 27.97 1.63
CA LYS B 191 20.08 28.07 3.07
C LYS B 191 21.02 27.12 3.82
N GLU B 192 21.47 27.48 5.02
CA GLU B 192 22.51 26.76 5.76
C GLU B 192 22.28 25.26 6.01
N ASP B 193 21.03 24.77 6.01
CA ASP B 193 20.73 23.33 6.16
C ASP B 193 20.31 22.64 4.85
N GLN B 194 20.31 23.36 3.72
CA GLN B 194 20.01 22.85 2.38
C GLN B 194 21.26 22.57 1.55
N THR B 195 22.45 22.68 2.15
CA THR B 195 23.75 22.35 1.53
C THR B 195 23.91 20.87 1.17
N GLU B 196 22.95 20.00 1.49
CA GLU B 196 22.89 18.64 0.96
C GLU B 196 22.79 18.62 -0.58
N TYR B 197 22.18 19.64 -1.19
CA TYR B 197 22.09 19.79 -2.63
C TYR B 197 23.41 20.24 -3.29
N LEU B 198 24.50 20.38 -2.53
CA LEU B 198 25.85 20.49 -3.07
C LEU B 198 26.59 19.15 -3.12
N GLU B 199 26.06 18.07 -2.54
CA GLU B 199 26.70 16.76 -2.63
C GLU B 199 26.56 16.21 -4.05
N GLU B 200 27.66 15.76 -4.68
CA GLU B 200 27.62 15.23 -6.04
C GLU B 200 26.61 14.11 -6.30
N ARG B 201 26.47 13.13 -5.39
CA ARG B 201 25.49 12.10 -5.63
C ARG B 201 24.11 12.63 -5.31
N ARG B 202 23.95 13.66 -4.47
CA ARG B 202 22.59 14.19 -4.23
C ARG B 202 22.09 14.74 -5.57
N ILE B 203 22.95 15.52 -6.22
CA ILE B 203 22.65 16.05 -7.56
C ILE B 203 22.47 14.92 -8.57
N LYS B 204 23.38 13.94 -8.61
CA LYS B 204 23.24 12.77 -9.48
C LYS B 204 21.90 12.08 -9.30
N GLU B 205 21.45 11.88 -8.06
CA GLU B 205 20.14 11.30 -7.77
C GLU B 205 19.00 12.13 -8.37
N ILE B 206 18.98 13.42 -8.07
CA ILE B 206 17.86 14.30 -8.43
C ILE B 206 17.76 14.44 -9.94
N VAL B 207 18.89 14.63 -10.61
CA VAL B 207 18.91 14.74 -12.07
C VAL B 207 18.55 13.43 -12.73
N LYS B 208 19.10 12.28 -12.32
CA LYS B 208 18.74 10.99 -12.91
C LYS B 208 17.32 10.54 -12.57
N LYS B 209 16.68 11.08 -11.52
CA LYS B 209 15.25 10.86 -11.25
C LYS B 209 14.36 11.73 -12.13
N HIS B 210 14.58 13.05 -12.12
CA HIS B 210 13.64 14.01 -12.69
C HIS B 210 13.94 14.39 -14.15
N SER B 211 15.21 14.47 -14.53
CA SER B 211 15.67 15.17 -15.73
C SER B 211 16.58 14.33 -16.62
N GLN B 212 16.59 13.02 -16.42
CA GLN B 212 17.39 12.03 -17.15
C GLN B 212 17.25 12.11 -18.67
N PHE B 213 16.12 12.61 -19.18
CA PHE B 213 15.76 12.60 -20.59
C PHE B 213 15.63 14.00 -21.21
N ILE B 214 16.15 15.03 -20.53
CA ILE B 214 16.25 16.38 -21.11
C ILE B 214 17.14 16.35 -22.36
N GLY B 215 16.68 16.95 -23.46
CA GLY B 215 17.29 16.85 -24.79
C GLY B 215 18.65 17.52 -24.99
N TYR B 216 19.32 17.94 -23.91
CA TYR B 216 20.57 18.69 -23.89
C TYR B 216 21.50 18.11 -22.84
N PRO B 217 22.83 18.10 -23.05
CA PRO B 217 23.75 17.52 -22.08
C PRO B 217 23.72 18.31 -20.78
N ILE B 218 23.34 17.67 -19.68
CA ILE B 218 23.43 18.21 -18.32
C ILE B 218 24.77 17.76 -17.74
N THR B 219 25.73 18.65 -17.60
CA THR B 219 27.09 18.38 -17.13
C THR B 219 27.25 18.80 -15.69
N LEU B 220 27.94 18.05 -14.83
CA LEU B 220 28.16 18.42 -13.42
C LEU B 220 29.63 18.70 -13.12
N PHE B 221 29.96 19.89 -12.63
CA PHE B 221 31.34 20.34 -12.39
C PHE B 221 31.68 20.32 -10.90
N VAL B 222 32.27 19.23 -10.37
CA VAL B 222 32.41 19.02 -8.91
C VAL B 222 33.84 18.86 -8.44
N GLU B 223 34.12 19.33 -7.22
CA GLU B 223 35.37 19.12 -6.48
C GLU B 223 36.63 19.41 -7.33
N LYS B 224 37.60 18.48 -7.33
CA LYS B 224 38.87 18.45 -8.06
C LYS B 224 39.20 16.97 -8.28
N GLU B 225 39.96 16.61 -9.31
CA GLU B 225 40.54 15.26 -9.35
C GLU B 225 41.62 15.11 -8.26
N ARG B 226 41.59 14.02 -7.48
CA ARG B 226 42.58 13.84 -6.43
C ARG B 226 43.23 12.47 -6.54
N LYS B 281 46.01 15.62 -12.78
CA LYS B 281 44.72 15.85 -12.14
C LYS B 281 44.08 17.14 -12.62
N GLU B 282 42.85 17.07 -13.13
CA GLU B 282 42.06 18.22 -13.57
C GLU B 282 41.45 19.00 -12.38
N LYS B 283 41.32 20.33 -12.54
CA LYS B 283 40.87 21.25 -11.48
C LYS B 283 39.41 21.08 -11.04
N TYR B 284 38.62 20.32 -11.80
CA TYR B 284 37.26 19.90 -11.47
C TYR B 284 36.95 18.56 -12.15
N ILE B 285 36.06 17.75 -11.56
CA ILE B 285 35.53 16.56 -12.21
C ILE B 285 34.44 17.03 -13.19
N ASP B 286 34.73 16.99 -14.49
CA ASP B 286 33.79 17.33 -15.55
C ASP B 286 32.91 16.10 -15.87
N GLN B 287 31.86 15.86 -15.08
CA GLN B 287 30.93 14.75 -15.27
C GLN B 287 30.10 15.02 -16.51
N GLU B 288 30.64 14.64 -17.67
CA GLU B 288 30.34 15.23 -18.99
C GLU B 288 28.85 15.27 -19.31
N GLU B 289 28.14 14.23 -18.92
CA GLU B 289 26.69 14.14 -18.92
C GLU B 289 26.25 13.41 -17.65
N LEU B 290 25.14 13.87 -17.06
CA LEU B 290 24.28 13.10 -16.18
C LEU B 290 23.21 12.33 -16.97
N ASN B 291 22.93 12.77 -18.19
CA ASN B 291 22.00 12.19 -19.14
C ASN B 291 22.74 11.69 -20.40
N LYS B 292 23.55 10.64 -20.23
CA LYS B 292 24.22 9.95 -21.35
C LYS B 292 23.19 9.26 -22.26
N THR B 293 22.11 8.75 -21.70
CA THR B 293 21.01 8.11 -22.42
C THR B 293 20.10 9.14 -23.12
N LYS B 294 19.33 8.69 -24.11
CA LYS B 294 18.40 9.51 -24.89
C LYS B 294 16.98 8.98 -24.72
N PRO B 295 15.93 9.82 -24.79
CA PRO B 295 14.55 9.38 -24.79
C PRO B 295 14.22 8.64 -26.09
N ILE B 296 14.55 7.36 -26.16
CA ILE B 296 14.49 6.61 -27.41
C ILE B 296 13.05 6.47 -27.94
N TRP B 297 12.05 6.55 -27.06
CA TRP B 297 10.64 6.44 -27.42
C TRP B 297 10.12 7.55 -28.34
N THR B 298 10.83 8.68 -28.49
CA THR B 298 10.40 9.77 -29.38
C THR B 298 10.75 9.51 -30.85
N ARG B 299 11.51 8.46 -31.13
CA ARG B 299 11.85 8.13 -32.51
C ARG B 299 10.75 7.24 -33.09
N ASN B 300 10.78 7.03 -34.39
CA ASN B 300 9.79 6.16 -35.04
C ASN B 300 10.06 4.69 -34.66
N PRO B 301 9.05 3.92 -34.17
CA PRO B 301 9.22 2.52 -33.78
C PRO B 301 9.87 1.60 -34.82
N ASP B 302 9.79 1.96 -36.11
CA ASP B 302 10.35 1.16 -37.20
C ASP B 302 11.87 1.33 -37.36
N ASP B 303 12.45 2.41 -36.85
CA ASP B 303 13.85 2.77 -37.08
C ASP B 303 14.83 2.16 -36.07
N ILE B 304 14.37 1.97 -34.84
CA ILE B 304 15.15 1.49 -33.70
C ILE B 304 15.42 -0.02 -33.87
N THR B 305 16.67 -0.49 -33.74
CA THR B 305 16.95 -1.93 -33.73
C THR B 305 16.87 -2.53 -32.31
N ASN B 306 16.82 -3.85 -32.18
CA ASN B 306 16.72 -4.48 -30.87
C ASN B 306 17.94 -4.21 -29.95
N GLU B 307 19.12 -3.93 -30.50
CA GLU B 307 20.28 -3.50 -29.72
C GLU B 307 20.06 -2.12 -29.11
N GLU B 308 19.48 -1.19 -29.86
CA GLU B 308 19.19 0.16 -29.38
C GLU B 308 18.09 0.18 -28.32
N TYR B 309 17.05 -0.64 -28.47
CA TYR B 309 16.08 -0.87 -27.39
C TYR B 309 16.72 -1.52 -26.15
N GLY B 310 17.71 -2.39 -26.35
CA GLY B 310 18.42 -3.07 -25.27
C GLY B 310 19.36 -2.16 -24.49
N GLU B 311 20.11 -1.29 -25.17
CA GLU B 311 20.93 -0.24 -24.57
C GLU B 311 20.10 0.73 -23.73
N PHE B 312 18.92 1.11 -24.23
CA PHE B 312 17.97 1.92 -23.47
C PHE B 312 17.39 1.16 -22.27
N TYR B 313 16.93 -0.08 -22.44
CA TYR B 313 16.37 -0.86 -21.34
C TYR B 313 17.34 -1.02 -20.18
N LYS B 314 18.61 -1.34 -20.47
CA LYS B 314 19.68 -1.43 -19.46
C LYS B 314 19.93 -0.08 -18.77
N SER B 315 19.87 1.03 -19.51
CA SER B 315 20.04 2.38 -18.94
C SER B 315 18.87 2.80 -18.06
N LEU B 316 17.64 2.48 -18.48
CA LEU B 316 16.39 2.80 -17.77
C LEU B 316 16.26 2.01 -16.46
N THR B 317 16.74 0.78 -16.42
CA THR B 317 16.43 -0.21 -15.36
C THR B 317 17.62 -0.67 -14.53
N ASN B 318 18.85 -0.47 -15.01
CA ASN B 318 20.09 -1.04 -14.48
C ASN B 318 20.15 -2.60 -14.49
N ASP B 319 19.25 -3.29 -15.20
CA ASP B 319 19.42 -4.71 -15.54
C ASP B 319 20.69 -4.91 -16.36
N TRP B 320 21.39 -6.02 -16.18
CA TRP B 320 22.61 -6.36 -16.92
C TRP B 320 22.35 -7.13 -18.22
N GLU B 321 21.11 -7.59 -18.44
CA GLU B 321 20.66 -8.31 -19.63
C GLU B 321 19.65 -7.49 -20.47
N ASP B 322 19.49 -7.81 -21.75
CA ASP B 322 18.48 -7.21 -22.62
C ASP B 322 17.05 -7.48 -22.11
N HIS B 323 16.10 -6.64 -22.50
CA HIS B 323 14.67 -6.95 -22.47
C HIS B 323 14.36 -8.26 -23.22
N LEU B 324 13.30 -8.96 -22.85
CA LEU B 324 12.84 -10.16 -23.55
C LEU B 324 12.02 -9.79 -24.79
N ALA B 325 11.12 -8.83 -24.65
CA ALA B 325 10.28 -8.30 -25.71
C ALA B 325 9.91 -6.85 -25.41
N VAL B 326 9.58 -6.07 -26.44
CA VAL B 326 9.26 -4.65 -26.33
C VAL B 326 8.08 -4.25 -27.22
N LYS B 327 7.13 -3.46 -26.68
CA LYS B 327 6.21 -2.65 -27.49
C LYS B 327 6.74 -1.23 -27.54
N HIS B 328 6.64 -0.61 -28.70
CA HIS B 328 6.75 0.84 -28.81
C HIS B 328 5.48 1.39 -29.46
N PHE B 329 4.61 2.09 -28.73
CA PHE B 329 3.40 2.55 -29.41
C PHE B 329 3.15 4.08 -29.43
N SER B 330 2.50 4.55 -30.50
CA SER B 330 2.13 5.96 -30.64
C SER B 330 0.60 6.04 -30.65
N VAL B 331 0.01 6.60 -29.60
CA VAL B 331 -1.44 6.79 -29.43
C VAL B 331 -1.76 8.24 -29.76
N GLU B 332 -2.74 8.47 -30.63
CA GLU B 332 -3.11 9.80 -31.12
C GLU B 332 -4.64 9.99 -31.11
N GLY B 333 -5.10 11.21 -30.88
CA GLY B 333 -6.52 11.49 -30.58
C GLY B 333 -6.67 12.70 -29.64
N GLN B 334 -7.70 12.68 -28.78
CA GLN B 334 -7.88 13.70 -27.73
C GLN B 334 -6.81 13.57 -26.62
N LEU B 335 -6.39 12.35 -26.33
CA LEU B 335 -5.28 12.00 -25.45
C LEU B 335 -4.19 11.36 -26.31
N GLU B 336 -3.00 11.96 -26.33
CA GLU B 336 -1.88 11.52 -27.16
C GLU B 336 -0.68 11.17 -26.30
N PHE B 337 -0.09 9.99 -26.49
CA PHE B 337 1.09 9.54 -25.75
C PHE B 337 1.90 8.53 -26.56
N ARG B 338 3.15 8.35 -26.16
CA ARG B 338 4.07 7.33 -26.65
C ARG B 338 4.49 6.47 -25.46
N ALA B 339 4.74 5.19 -25.67
CA ALA B 339 5.16 4.32 -24.60
C ALA B 339 6.16 3.29 -25.09
N LEU B 340 7.13 2.96 -24.23
CA LEU B 340 7.95 1.76 -24.33
C LEU B 340 7.57 0.86 -23.19
N LEU B 341 7.14 -0.35 -23.50
CA LEU B 341 6.87 -1.36 -22.49
C LEU B 341 7.81 -2.54 -22.73
N PHE B 342 8.62 -2.88 -21.73
CA PHE B 342 9.59 -3.96 -21.77
C PHE B 342 9.19 -5.08 -20.83
N VAL B 343 9.14 -6.29 -21.37
CA VAL B 343 9.15 -7.51 -20.57
C VAL B 343 10.59 -7.78 -20.13
N PRO B 344 10.91 -7.87 -18.83
CA PRO B 344 12.24 -8.24 -18.37
C PRO B 344 12.66 -9.63 -18.86
N ARG B 345 13.96 -9.93 -18.88
CA ARG B 345 14.44 -11.29 -19.19
C ARG B 345 14.11 -12.31 -18.08
N ARG B 346 13.84 -11.84 -16.87
CA ARG B 346 13.50 -12.66 -15.71
C ARG B 346 12.56 -11.96 -14.76
N ALA B 347 11.72 -12.70 -14.05
CA ALA B 347 10.88 -12.10 -13.02
C ALA B 347 11.75 -11.54 -11.87
N PRO B 348 11.55 -10.29 -11.42
CA PRO B 348 12.24 -9.74 -10.26
C PRO B 348 12.15 -10.66 -9.04
N PHE B 349 13.22 -10.73 -8.24
CA PHE B 349 13.26 -11.56 -7.03
C PHE B 349 12.14 -11.23 -6.03
N ASP B 350 11.66 -9.99 -6.05
CA ASP B 350 10.66 -9.41 -5.16
C ASP B 350 9.35 -9.04 -5.91
N LEU B 351 9.10 -9.59 -7.09
CA LEU B 351 8.02 -9.15 -8.00
C LEU B 351 6.64 -9.00 -7.34
N PHE B 352 6.23 -9.93 -6.48
CA PHE B 352 4.98 -9.83 -5.72
C PHE B 352 5.21 -9.56 -4.23
N GLU B 353 6.42 -9.82 -3.75
CA GLU B 353 6.84 -9.62 -2.36
C GLU B 353 6.95 -8.13 -2.01
N ASN B 354 7.33 -7.30 -2.98
CA ASN B 354 7.41 -5.86 -2.86
C ASN B 354 6.00 -5.22 -2.94
N ARG B 355 5.28 -5.21 -1.81
CA ARG B 355 3.94 -4.59 -1.73
C ARG B 355 3.93 -3.07 -1.92
N LYS B 356 5.11 -2.41 -1.93
CA LYS B 356 5.25 -0.96 -2.17
C LYS B 356 5.29 -0.63 -3.68
N LYS B 357 6.02 -1.39 -4.50
CA LYS B 357 6.13 -1.23 -5.97
C LYS B 357 4.93 -1.86 -6.72
N LYS B 358 3.83 -1.10 -6.82
CA LYS B 358 2.58 -1.46 -7.52
C LYS B 358 2.77 -1.71 -9.02
N ASN B 359 3.63 -0.94 -9.69
CA ASN B 359 4.09 -1.22 -11.06
C ASN B 359 5.41 -0.50 -11.36
N ASN B 360 6.09 -0.96 -12.41
CA ASN B 360 7.36 -0.43 -12.87
C ASN B 360 7.22 0.54 -14.06
N ILE B 361 6.10 1.24 -14.17
CA ILE B 361 5.85 2.25 -15.21
C ILE B 361 6.18 3.64 -14.65
N LYS B 362 6.96 4.41 -15.42
CA LYS B 362 7.22 5.83 -15.18
C LYS B 362 6.45 6.67 -16.20
N LEU B 363 5.75 7.70 -15.73
CA LEU B 363 5.03 8.66 -16.56
C LEU B 363 5.83 9.95 -16.66
N TYR B 364 6.00 10.43 -17.88
CA TYR B 364 6.68 11.67 -18.26
C TYR B 364 5.71 12.59 -19.00
N VAL B 365 5.90 13.89 -18.90
CA VAL B 365 5.24 14.85 -19.80
C VAL B 365 6.33 15.72 -20.40
N ARG B 366 6.41 15.82 -21.75
CA ARG B 366 7.48 16.57 -22.43
C ARG B 366 8.86 16.19 -21.91
N ARG B 367 9.13 14.89 -21.80
CA ARG B 367 10.42 14.34 -21.30
C ARG B 367 10.81 14.63 -19.83
N VAL B 368 9.94 15.32 -19.08
CA VAL B 368 10.18 15.53 -17.64
C VAL B 368 9.35 14.55 -16.83
N PHE B 369 9.98 13.91 -15.85
CA PHE B 369 9.35 12.87 -15.04
C PHE B 369 8.25 13.42 -14.13
N ILE B 370 7.05 12.85 -14.24
CA ILE B 370 5.85 13.29 -13.50
C ILE B 370 5.60 12.40 -12.29
N MET B 371 5.46 11.09 -12.50
CA MET B 371 5.26 10.13 -11.41
C MET B 371 5.58 8.69 -11.84
N ASP B 372 5.83 7.84 -10.87
CA ASP B 372 6.01 6.40 -11.01
C ASP B 372 5.13 5.69 -9.98
N ASN B 373 5.05 4.35 -10.09
CA ASN B 373 4.42 3.51 -9.06
C ASN B 373 2.93 3.83 -8.85
N CYS B 374 2.27 4.42 -9.86
CA CYS B 374 0.86 4.77 -9.83
C CYS B 374 0.01 3.56 -10.26
N GLU B 375 -0.70 2.98 -9.30
CA GLU B 375 -1.56 1.81 -9.48
C GLU B 375 -2.73 2.00 -10.46
N GLU B 376 -2.96 3.23 -10.92
CA GLU B 376 -3.94 3.56 -11.96
C GLU B 376 -3.39 3.38 -13.39
N LEU B 377 -2.08 3.27 -13.59
CA LEU B 377 -1.49 3.12 -14.94
C LEU B 377 -1.64 1.72 -15.52
N ILE B 378 -1.36 0.66 -14.76
CA ILE B 378 -1.59 -0.73 -15.18
C ILE B 378 -2.03 -1.59 -14.00
N PRO B 379 -2.83 -2.64 -14.23
CA PRO B 379 -3.30 -3.54 -13.18
C PRO B 379 -2.14 -4.30 -12.56
N GLU B 380 -2.23 -4.63 -11.28
CA GLU B 380 -1.13 -5.23 -10.52
C GLU B 380 -0.64 -6.57 -11.12
N TYR B 381 -1.42 -7.28 -11.93
CA TYR B 381 -0.91 -8.46 -12.62
C TYR B 381 0.16 -8.14 -13.68
N LEU B 382 0.17 -6.94 -14.27
CA LEU B 382 1.20 -6.47 -15.22
C LEU B 382 2.37 -5.74 -14.56
N ASN B 383 2.48 -5.76 -13.24
CA ASN B 383 3.49 -4.99 -12.49
C ASN B 383 4.95 -5.27 -12.87
N PHE B 384 5.22 -6.41 -13.50
CA PHE B 384 6.54 -6.79 -14.01
C PHE B 384 7.03 -5.97 -15.21
N ILE B 385 6.13 -5.33 -15.97
CA ILE B 385 6.52 -4.58 -17.16
C ILE B 385 7.24 -3.31 -16.74
N ARG B 386 8.52 -3.21 -17.09
CA ARG B 386 9.28 -1.97 -16.98
C ARG B 386 8.83 -1.07 -18.12
N GLY B 387 8.66 0.21 -17.92
CA GLY B 387 8.29 1.05 -19.05
C GLY B 387 8.28 2.54 -18.81
N VAL B 388 8.25 3.25 -19.93
CA VAL B 388 8.06 4.69 -20.04
C VAL B 388 6.72 4.95 -20.69
N VAL B 389 5.95 5.90 -20.15
CA VAL B 389 4.85 6.57 -20.84
C VAL B 389 5.21 8.04 -20.94
N ASP B 390 5.13 8.65 -22.10
CA ASP B 390 5.42 10.06 -22.31
C ASP B 390 4.33 10.73 -23.13
N SER B 391 3.98 11.96 -22.79
CA SER B 391 2.95 12.70 -23.51
C SER B 391 3.29 14.17 -23.64
N GLU B 392 2.84 14.80 -24.73
CA GLU B 392 2.95 16.24 -24.93
C GLU B 392 1.87 17.05 -24.19
N ASP B 393 0.78 16.43 -23.73
CA ASP B 393 -0.52 17.12 -23.59
C ASP B 393 -1.29 16.91 -22.29
N LEU B 394 -0.83 16.10 -21.33
CA LEU B 394 -1.63 15.78 -20.13
C LEU B 394 -1.73 16.96 -19.15
N PRO B 395 -2.85 17.10 -18.41
CA PRO B 395 -3.03 18.17 -17.43
C PRO B 395 -2.31 17.84 -16.13
N LEU B 396 -1.24 18.57 -15.83
CA LEU B 396 -0.45 18.42 -14.62
C LEU B 396 -1.06 19.20 -13.46
N ASN B 397 -0.92 18.66 -12.25
CA ASN B 397 -1.16 19.40 -11.02
C ASN B 397 -0.12 20.51 -10.85
N ILE B 398 -0.40 21.54 -10.05
CA ILE B 398 0.51 22.67 -9.83
C ILE B 398 1.90 22.25 -9.32
N SER B 399 2.00 21.16 -8.56
CA SER B 399 3.30 20.60 -8.11
C SER B 399 4.08 19.92 -9.24
N ARG B 400 3.39 19.56 -10.32
CA ARG B 400 3.91 18.75 -11.44
C ARG B 400 4.33 17.31 -11.00
N GLU B 401 3.79 16.84 -9.85
CA GLU B 401 4.05 15.48 -9.33
C GLU B 401 2.89 14.50 -9.56
N MET B 402 1.80 14.91 -10.23
CA MET B 402 0.64 14.08 -10.57
C MET B 402 -0.23 14.74 -11.64
N LEU B 403 -1.23 14.02 -12.17
CA LEU B 403 -2.23 14.58 -13.09
C LEU B 403 -3.48 15.12 -12.36
N GLN B 404 -4.17 16.05 -13.02
CA GLN B 404 -5.43 16.64 -12.55
C GLN B 404 -6.70 15.78 -12.80
N GLN B 405 -6.60 14.71 -13.57
CA GLN B 405 -7.77 13.92 -14.00
C GLN B 405 -7.44 12.43 -13.97
N SER B 406 -8.15 11.64 -13.17
CA SER B 406 -8.05 10.18 -13.17
C SER B 406 -8.55 9.55 -14.48
N LYS B 407 -9.49 10.20 -15.18
CA LYS B 407 -9.96 9.81 -16.53
C LYS B 407 -8.82 9.62 -17.53
N ILE B 408 -7.80 10.48 -17.47
CA ILE B 408 -6.60 10.38 -18.31
C ILE B 408 -5.85 9.08 -18.01
N LEU B 409 -5.77 8.67 -16.75
CA LEU B 409 -5.08 7.43 -16.36
C LEU B 409 -5.87 6.19 -16.80
N LYS B 410 -7.21 6.21 -16.76
CA LYS B 410 -8.03 5.11 -17.32
C LYS B 410 -7.81 4.93 -18.82
N VAL B 411 -7.83 6.01 -19.60
CA VAL B 411 -7.63 5.91 -21.05
C VAL B 411 -6.18 5.55 -21.41
N ILE B 412 -5.20 5.95 -20.59
CA ILE B 412 -3.83 5.42 -20.69
C ILE B 412 -3.84 3.91 -20.42
N ARG B 413 -4.36 3.48 -19.27
CA ARG B 413 -4.37 2.08 -18.82
C ARG B 413 -5.04 1.12 -19.78
N LYS B 414 -6.18 1.48 -20.36
CA LYS B 414 -6.82 0.67 -21.40
C LYS B 414 -5.86 0.44 -22.56
N ASN B 415 -5.18 1.48 -23.04
CA ASN B 415 -4.21 1.34 -24.12
C ASN B 415 -2.94 0.59 -23.68
N LEU B 416 -2.41 0.81 -22.48
CA LEU B 416 -1.26 0.04 -22.00
C LEU B 416 -1.59 -1.45 -21.94
N VAL B 417 -2.69 -1.83 -21.29
CA VAL B 417 -3.13 -3.24 -21.18
C VAL B 417 -3.40 -3.82 -22.56
N LYS B 418 -4.21 -3.17 -23.39
CA LYS B 418 -4.54 -3.59 -24.77
C LYS B 418 -3.30 -3.90 -25.61
N LYS B 419 -2.21 -3.14 -25.42
CA LYS B 419 -0.95 -3.34 -26.15
C LYS B 419 0.05 -4.26 -25.44
N CYS B 420 -0.04 -4.46 -24.14
CA CYS B 420 0.65 -5.58 -23.47
C CYS B 420 0.10 -6.93 -23.92
N LEU B 421 -1.22 -7.08 -24.03
CA LEU B 421 -1.79 -8.35 -24.50
C LEU B 421 -1.52 -8.56 -26.00
N GLU B 422 -1.35 -7.51 -26.80
CA GLU B 422 -0.73 -7.64 -28.13
C GLU B 422 0.71 -8.13 -28.03
N LEU B 423 1.52 -7.61 -27.12
CA LEU B 423 2.92 -8.01 -26.97
C LEU B 423 3.03 -9.50 -26.68
N PHE B 424 2.26 -9.99 -25.71
CA PHE B 424 2.26 -11.40 -25.37
C PHE B 424 1.69 -12.24 -26.52
N THR B 425 0.70 -11.77 -27.26
CA THR B 425 0.16 -12.47 -28.45
C THR B 425 1.16 -12.52 -29.61
N GLU B 426 1.97 -11.48 -29.82
CA GLU B 426 3.08 -11.47 -30.78
C GLU B 426 4.25 -12.35 -30.32
N LEU B 427 4.56 -12.33 -29.02
CA LEU B 427 5.61 -13.12 -28.41
C LEU B 427 5.27 -14.61 -28.43
N ALA B 428 4.00 -14.97 -28.29
CA ALA B 428 3.49 -16.34 -28.34
C ALA B 428 3.67 -17.03 -29.70
N GLU B 429 4.00 -16.32 -30.76
CA GLU B 429 4.37 -16.93 -32.04
C GLU B 429 5.83 -17.41 -32.07
N ASP B 430 6.69 -16.92 -31.18
CA ASP B 430 8.11 -17.29 -31.09
C ASP B 430 8.33 -18.26 -29.91
N LYS B 431 8.01 -19.54 -30.11
CA LYS B 431 7.91 -20.56 -29.06
C LYS B 431 9.07 -20.57 -28.05
N GLU B 432 10.31 -20.40 -28.50
CA GLU B 432 11.47 -20.40 -27.60
C GLU B 432 11.53 -19.17 -26.71
N ASN B 433 11.21 -17.99 -27.22
CA ASN B 433 11.05 -16.80 -26.37
C ASN B 433 9.77 -16.87 -25.54
N TYR B 434 8.70 -17.49 -26.02
CA TYR B 434 7.50 -17.65 -25.22
C TYR B 434 7.71 -18.59 -24.03
N LYS B 435 8.49 -19.66 -24.18
CA LYS B 435 8.91 -20.49 -23.04
C LYS B 435 9.71 -19.68 -22.02
N LYS B 436 10.67 -18.86 -22.45
CA LYS B 436 11.46 -17.98 -21.57
C LYS B 436 10.60 -16.95 -20.80
N PHE B 437 9.49 -16.51 -21.41
CA PHE B 437 8.49 -15.63 -20.80
C PHE B 437 7.58 -16.38 -19.83
N TYR B 438 6.89 -17.40 -20.31
CA TYR B 438 5.86 -18.10 -19.56
C TYR B 438 6.43 -18.84 -18.35
N GLU B 439 7.65 -19.38 -18.42
CA GLU B 439 8.28 -20.07 -17.28
C GLU B 439 8.57 -19.16 -16.08
N GLN B 440 8.25 -17.86 -16.17
CA GLN B 440 8.50 -16.84 -15.15
C GLN B 440 7.27 -15.98 -14.89
N PHE B 441 6.61 -15.52 -15.95
CA PHE B 441 5.45 -14.63 -15.89
C PHE B 441 4.10 -15.36 -16.03
N SER B 442 4.05 -16.69 -16.04
CA SER B 442 2.77 -17.40 -16.00
C SER B 442 1.94 -17.09 -14.76
N LYS B 443 2.55 -16.84 -13.59
CA LYS B 443 1.82 -16.34 -12.42
C LYS B 443 1.05 -15.08 -12.75
N ASN B 444 1.64 -14.17 -13.52
CA ASN B 444 1.02 -12.91 -13.90
C ASN B 444 -0.14 -13.11 -14.87
N ILE B 445 -0.03 -13.99 -15.85
CA ILE B 445 -1.13 -14.30 -16.78
C ILE B 445 -2.32 -14.90 -16.03
N LYS B 446 -2.07 -15.80 -15.07
CA LYS B 446 -3.10 -16.48 -14.29
C LYS B 446 -3.75 -15.56 -13.26
N LEU B 447 -2.95 -14.73 -12.61
CA LEU B 447 -3.43 -13.62 -11.78
C LEU B 447 -4.24 -12.62 -12.61
N GLY B 448 -3.86 -12.41 -13.86
CA GLY B 448 -4.63 -11.66 -14.85
C GLY B 448 -5.98 -12.29 -15.12
N ILE B 449 -6.06 -13.58 -15.42
CA ILE B 449 -7.35 -14.26 -15.66
C ILE B 449 -8.23 -14.24 -14.41
N HIS B 450 -7.65 -14.28 -13.22
CA HIS B 450 -8.40 -14.08 -11.99
C HIS B 450 -8.97 -12.65 -11.91
N GLU B 451 -8.14 -11.62 -11.99
CA GLU B 451 -8.54 -10.22 -11.78
C GLU B 451 -9.30 -9.55 -12.93
N ASP B 452 -8.91 -9.79 -14.18
CA ASP B 452 -9.19 -8.92 -15.33
C ASP B 452 -10.26 -9.49 -16.27
N SER B 453 -11.52 -9.19 -15.95
CA SER B 453 -12.70 -9.80 -16.58
C SER B 453 -12.88 -9.50 -18.07
N GLN B 454 -12.45 -8.33 -18.53
CA GLN B 454 -12.54 -7.94 -19.94
C GLN B 454 -11.62 -8.81 -20.81
N ASN B 455 -10.45 -9.19 -20.29
CA ASN B 455 -9.37 -9.80 -21.07
C ASN B 455 -9.24 -11.32 -20.94
N ARG B 456 -10.07 -12.03 -20.17
CA ARG B 456 -9.95 -13.50 -20.02
C ARG B 456 -9.93 -14.24 -21.36
N LYS B 457 -10.70 -13.79 -22.35
CA LYS B 457 -10.68 -14.37 -23.71
C LYS B 457 -9.31 -14.22 -24.40
N LYS B 458 -8.56 -13.16 -24.11
CA LYS B 458 -7.20 -12.93 -24.62
C LYS B 458 -6.18 -13.67 -23.76
N LEU B 459 -6.17 -13.43 -22.45
CA LEU B 459 -5.22 -14.03 -21.52
C LEU B 459 -5.30 -15.57 -21.51
N SER B 460 -6.47 -16.18 -21.66
CA SER B 460 -6.55 -17.65 -21.71
C SER B 460 -5.94 -18.28 -22.96
N GLU B 461 -5.70 -17.52 -24.02
CA GLU B 461 -4.90 -17.99 -25.17
C GLU B 461 -3.40 -17.86 -24.93
N LEU B 462 -2.98 -17.16 -23.87
CA LEU B 462 -1.60 -17.08 -23.40
C LEU B 462 -1.24 -18.21 -22.43
N LEU B 463 -2.22 -18.91 -21.86
CA LEU B 463 -1.99 -20.04 -20.96
C LEU B 463 -1.33 -21.21 -21.68
N ARG B 464 -0.42 -21.82 -20.92
CA ARG B 464 0.35 -23.01 -21.30
C ARG B 464 0.34 -23.94 -20.07
N TYR B 465 0.17 -25.25 -20.30
CA TYR B 465 0.09 -26.25 -19.23
C TYR B 465 0.74 -27.55 -19.68
N TYR B 466 1.20 -28.38 -18.73
CA TYR B 466 1.45 -29.79 -19.03
C TYR B 466 0.12 -30.53 -19.19
N THR B 467 0.11 -31.67 -19.86
CA THR B 467 -1.09 -32.50 -20.01
C THR B 467 -0.72 -33.99 -20.09
N SER B 468 -1.70 -34.87 -19.91
CA SER B 468 -1.51 -36.31 -20.00
C SER B 468 -1.12 -36.86 -21.38
N ALA B 469 -0.98 -36.02 -22.41
CA ALA B 469 -0.59 -36.42 -23.76
C ALA B 469 0.44 -35.49 -24.45
N SER B 470 1.07 -34.58 -23.69
CA SER B 470 2.16 -33.70 -24.15
C SER B 470 3.54 -34.08 -23.62
N GLY B 471 3.65 -35.04 -22.69
CA GLY B 471 4.91 -35.39 -22.05
C GLY B 471 5.42 -34.29 -21.13
N ASP B 472 6.56 -33.69 -21.45
CA ASP B 472 7.14 -32.55 -20.74
C ASP B 472 7.08 -31.23 -21.53
N GLU B 473 6.46 -31.22 -22.70
CA GLU B 473 6.12 -29.99 -23.43
C GLU B 473 4.94 -29.26 -22.76
N MET B 474 5.04 -27.94 -22.58
CA MET B 474 3.90 -27.09 -22.21
C MET B 474 3.06 -26.83 -23.46
N VAL B 475 1.75 -27.05 -23.42
CA VAL B 475 0.82 -26.88 -24.54
C VAL B 475 -0.30 -25.90 -24.19
N SER B 476 -0.86 -25.21 -25.18
CA SER B 476 -1.96 -24.26 -24.98
C SER B 476 -3.32 -24.94 -25.02
N LEU B 477 -4.35 -24.25 -24.54
CA LEU B 477 -5.73 -24.75 -24.64
C LEU B 477 -6.17 -24.97 -26.10
N LYS B 478 -5.59 -24.26 -27.09
CA LYS B 478 -5.86 -24.50 -28.53
C LYS B 478 -5.27 -25.80 -29.04
N ASP B 479 -4.13 -26.24 -28.49
CA ASP B 479 -3.55 -27.54 -28.81
C ASP B 479 -4.37 -28.67 -28.18
N TYR B 480 -4.83 -28.49 -26.95
CA TYR B 480 -5.81 -29.38 -26.34
C TYR B 480 -7.05 -29.47 -27.23
N CYS B 481 -7.68 -28.35 -27.60
CA CYS B 481 -8.84 -28.31 -28.49
C CYS B 481 -8.58 -28.90 -29.89
N THR B 482 -7.33 -28.96 -30.33
CA THR B 482 -6.97 -29.63 -31.59
C THR B 482 -6.98 -31.14 -31.42
N ARG B 483 -6.47 -31.66 -30.30
CA ARG B 483 -6.39 -33.09 -30.01
C ARG B 483 -7.67 -33.71 -29.46
N MET B 484 -8.59 -32.92 -28.90
CA MET B 484 -9.87 -33.39 -28.33
C MET B 484 -10.58 -34.43 -29.21
N LYS B 485 -11.00 -35.54 -28.59
CA LYS B 485 -11.76 -36.59 -29.30
C LYS B 485 -13.10 -36.04 -29.76
N GLU B 486 -13.65 -36.56 -30.86
CA GLU B 486 -14.86 -36.03 -31.51
C GLU B 486 -16.09 -35.95 -30.58
N ASN B 487 -16.18 -36.80 -29.56
CA ASN B 487 -17.24 -36.75 -28.55
C ASN B 487 -17.00 -35.77 -27.39
N GLN B 488 -15.80 -35.21 -27.19
CA GLN B 488 -15.53 -34.38 -26.01
C GLN B 488 -16.30 -33.04 -26.04
N LYS B 489 -17.18 -32.86 -25.05
CA LYS B 489 -17.84 -31.57 -24.77
C LYS B 489 -17.10 -30.71 -23.74
N HIS B 490 -16.02 -31.25 -23.14
CA HIS B 490 -15.34 -30.67 -21.98
C HIS B 490 -13.82 -30.70 -22.13
N ILE B 491 -13.16 -29.70 -21.53
CA ILE B 491 -11.72 -29.68 -21.34
C ILE B 491 -11.44 -30.22 -19.94
N TYR B 492 -11.00 -31.47 -19.83
CA TYR B 492 -10.74 -32.08 -18.53
C TYR B 492 -9.45 -31.54 -17.94
N TYR B 493 -9.46 -31.20 -16.67
CA TYR B 493 -8.28 -30.76 -15.95
C TYR B 493 -8.18 -31.38 -14.56
N ILE B 494 -7.00 -31.38 -13.99
CA ILE B 494 -6.74 -31.87 -12.64
C ILE B 494 -5.75 -30.94 -11.98
N THR B 495 -5.86 -30.81 -10.67
CA THR B 495 -4.98 -29.94 -9.88
C THR B 495 -4.34 -30.69 -8.71
N GLY B 496 -3.12 -30.32 -8.31
CA GLY B 496 -2.40 -30.97 -7.20
C GLY B 496 -1.08 -30.28 -6.87
N GLU B 497 -0.21 -30.91 -6.08
CA GLU B 497 1.05 -30.28 -5.66
C GLU B 497 2.22 -30.48 -6.64
N THR B 498 2.25 -31.58 -7.41
CA THR B 498 3.33 -31.90 -8.36
C THR B 498 2.79 -32.63 -9.59
N LYS B 499 3.50 -32.57 -10.71
CA LYS B 499 3.12 -33.29 -11.94
C LYS B 499 3.06 -34.80 -11.71
N ASP B 500 3.89 -35.34 -10.81
CA ASP B 500 3.92 -36.77 -10.49
C ASP B 500 2.74 -37.21 -9.62
N GLN B 501 2.33 -36.41 -8.63
CA GLN B 501 1.12 -36.68 -7.83
C GLN B 501 -0.13 -36.67 -8.71
N VAL B 502 -0.19 -35.69 -9.60
CA VAL B 502 -1.31 -35.43 -10.49
C VAL B 502 -1.41 -36.47 -11.59
N ALA B 503 -0.33 -36.75 -12.31
CA ALA B 503 -0.36 -37.69 -13.42
C ALA B 503 -0.73 -39.11 -13.01
N ASN B 504 -0.24 -39.57 -11.85
CA ASN B 504 -0.52 -40.89 -11.32
C ASN B 504 -1.72 -40.91 -10.35
N SER B 505 -2.53 -39.85 -10.32
CA SER B 505 -3.71 -39.75 -9.45
C SER B 505 -4.79 -40.78 -9.79
N ALA B 506 -5.66 -41.12 -8.84
CA ALA B 506 -6.74 -42.08 -9.05
C ALA B 506 -7.81 -41.56 -10.02
N PHE B 507 -8.06 -40.25 -10.01
CA PHE B 507 -9.14 -39.61 -10.75
C PHE B 507 -9.01 -39.72 -12.28
N VAL B 508 -7.77 -39.77 -12.79
CA VAL B 508 -7.48 -39.79 -14.23
C VAL B 508 -7.44 -41.18 -14.83
N GLU B 509 -7.64 -42.24 -14.05
CA GLU B 509 -7.40 -43.61 -14.50
C GLU B 509 -8.24 -43.98 -15.72
N ARG B 510 -9.55 -43.68 -15.74
CA ARG B 510 -10.37 -43.97 -16.92
C ARG B 510 -10.26 -42.92 -18.01
N LEU B 511 -9.90 -41.68 -17.70
CA LEU B 511 -9.59 -40.69 -18.75
C LEU B 511 -8.42 -41.20 -19.60
N ARG B 512 -7.35 -41.67 -18.92
CA ARG B 512 -6.12 -42.17 -19.53
C ARG B 512 -6.32 -43.51 -20.24
N LYS B 513 -7.26 -44.31 -19.76
CA LYS B 513 -7.67 -45.58 -20.41
C LYS B 513 -8.49 -45.35 -21.67
N HIS B 514 -9.39 -44.38 -21.68
CA HIS B 514 -10.15 -43.98 -22.88
C HIS B 514 -9.33 -43.14 -23.88
N GLY B 515 -8.10 -42.76 -23.55
CA GLY B 515 -7.27 -41.89 -24.37
C GLY B 515 -7.68 -40.42 -24.33
N LEU B 516 -8.53 -40.02 -23.38
CA LEU B 516 -8.92 -38.64 -23.16
C LEU B 516 -7.76 -37.88 -22.48
N GLU B 517 -7.56 -36.64 -22.85
CA GLU B 517 -6.44 -35.85 -22.34
C GLU B 517 -6.85 -35.04 -21.12
N VAL B 518 -5.95 -34.88 -20.15
CA VAL B 518 -6.19 -34.12 -18.93
C VAL B 518 -5.12 -33.06 -18.73
N ILE B 519 -5.50 -31.82 -18.48
CA ILE B 519 -4.58 -30.72 -18.18
C ILE B 519 -4.06 -30.84 -16.75
N TYR B 520 -2.77 -30.66 -16.53
CA TYR B 520 -2.16 -30.76 -15.21
C TYR B 520 -1.82 -29.38 -14.67
N MET B 521 -2.48 -29.01 -13.57
CA MET B 521 -2.36 -27.70 -12.93
C MET B 521 -1.73 -27.82 -11.54
N ILE B 522 -0.61 -27.13 -11.31
CA ILE B 522 0.40 -27.53 -10.32
C ILE B 522 0.75 -26.41 -9.34
N GLU B 523 0.71 -25.14 -9.75
CA GLU B 523 0.95 -24.02 -8.83
C GLU B 523 -0.36 -23.60 -8.14
N PRO B 524 -0.32 -23.05 -6.91
CA PRO B 524 -1.56 -22.66 -6.23
C PRO B 524 -2.37 -21.61 -7.00
N ILE B 525 -1.71 -20.74 -7.78
CA ILE B 525 -2.40 -19.74 -8.61
C ILE B 525 -3.30 -20.39 -9.68
N ASP B 526 -3.01 -21.63 -10.11
CA ASP B 526 -3.87 -22.33 -11.06
C ASP B 526 -5.27 -22.61 -10.51
N GLU B 527 -5.40 -22.73 -9.19
CA GLU B 527 -6.69 -23.03 -8.55
C GLU B 527 -7.61 -21.80 -8.49
N TYR B 528 -7.02 -20.61 -8.43
CA TYR B 528 -7.74 -19.34 -8.59
C TYR B 528 -8.14 -19.14 -10.06
N CYS B 529 -7.20 -19.30 -10.99
CA CYS B 529 -7.41 -19.15 -12.43
C CYS B 529 -8.66 -19.89 -12.95
N VAL B 530 -8.85 -21.17 -12.61
CA VAL B 530 -9.99 -21.98 -13.08
C VAL B 530 -11.33 -21.70 -12.40
N GLN B 531 -11.39 -20.89 -11.35
CA GLN B 531 -12.69 -20.38 -10.89
C GLN B 531 -13.30 -19.46 -11.94
N GLN B 532 -12.47 -18.58 -12.51
CA GLN B 532 -12.86 -17.60 -13.53
C GLN B 532 -12.82 -18.17 -14.95
N LEU B 533 -11.86 -19.03 -15.28
CA LEU B 533 -11.75 -19.67 -16.59
C LEU B 533 -12.74 -20.84 -16.72
N LYS B 534 -14.04 -20.54 -16.77
CA LYS B 534 -15.09 -21.55 -16.85
C LYS B 534 -15.19 -22.22 -18.22
N GLU B 535 -14.81 -21.52 -19.29
CA GLU B 535 -14.97 -22.01 -20.66
C GLU B 535 -13.84 -21.50 -21.56
N PHE B 536 -13.45 -22.29 -22.55
CA PHE B 536 -12.54 -21.88 -23.63
C PHE B 536 -13.07 -22.41 -24.97
N GLU B 537 -13.17 -21.60 -26.02
CA GLU B 537 -13.69 -22.02 -27.34
C GLU B 537 -15.05 -22.77 -27.28
N GLY B 538 -15.94 -22.38 -26.37
CA GLY B 538 -17.23 -23.03 -26.18
C GLY B 538 -17.18 -24.38 -25.44
N LYS B 539 -16.00 -24.81 -24.98
CA LYS B 539 -15.78 -26.06 -24.24
C LYS B 539 -15.65 -25.75 -22.76
N THR B 540 -16.44 -26.42 -21.93
CA THR B 540 -16.43 -26.18 -20.47
C THR B 540 -15.21 -26.81 -19.83
N LEU B 541 -14.47 -26.08 -18.98
CA LEU B 541 -13.41 -26.67 -18.18
C LEU B 541 -14.01 -27.50 -17.04
N VAL B 542 -13.68 -28.79 -16.98
CA VAL B 542 -14.21 -29.77 -16.02
C VAL B 542 -13.10 -30.33 -15.14
N SER B 543 -13.16 -30.11 -13.83
CA SER B 543 -12.20 -30.77 -12.94
C SER B 543 -12.53 -32.25 -12.83
N VAL B 544 -11.53 -33.11 -12.98
CA VAL B 544 -11.70 -34.55 -12.78
C VAL B 544 -11.83 -34.93 -11.30
N THR B 545 -11.72 -33.98 -10.37
CA THR B 545 -11.85 -34.21 -8.92
C THR B 545 -13.21 -33.82 -8.35
N LYS B 546 -14.22 -33.58 -9.19
CA LYS B 546 -15.59 -33.17 -8.80
C LYS B 546 -16.63 -34.20 -9.22
N GLU B 547 -17.74 -34.26 -8.49
CA GLU B 547 -18.84 -35.21 -8.70
C GLU B 547 -19.41 -35.20 -10.12
N GLY B 548 -20.08 -36.28 -10.53
CA GLY B 548 -20.81 -36.31 -11.80
C GLY B 548 -19.94 -36.15 -13.05
N LEU B 549 -18.72 -36.70 -13.04
CA LEU B 549 -17.84 -36.72 -14.21
C LEU B 549 -18.37 -37.73 -15.24
N GLU B 550 -19.30 -37.30 -16.11
CA GLU B 550 -19.70 -38.10 -17.26
C GLU B 550 -18.64 -37.99 -18.37
N LEU B 551 -17.93 -39.08 -18.63
CA LEU B 551 -17.05 -39.22 -19.79
C LEU B 551 -17.87 -39.46 -21.07
N PRO B 552 -17.35 -39.14 -22.26
CA PRO B 552 -17.92 -39.63 -23.51
C PRO B 552 -17.88 -41.15 -23.51
N GLU B 553 -19.05 -41.79 -23.62
CA GLU B 553 -19.24 -43.20 -23.27
C GLU B 553 -20.33 -43.88 -24.13
N ASP B 554 -20.22 -45.19 -24.32
CA ASP B 554 -21.20 -45.99 -25.07
C ASP B 554 -22.41 -46.41 -24.23
N GLU B 555 -23.57 -46.56 -24.88
CA GLU B 555 -24.81 -46.96 -24.20
C GLU B 555 -24.75 -48.37 -23.57
N GLU B 556 -23.96 -49.31 -24.10
CA GLU B 556 -23.81 -50.64 -23.47
C GLU B 556 -22.97 -50.55 -22.19
N GLU B 557 -21.94 -49.69 -22.19
CA GLU B 557 -21.14 -49.41 -20.99
C GLU B 557 -21.94 -48.62 -19.96
N LYS B 558 -22.78 -47.66 -20.36
CA LYS B 558 -23.75 -47.02 -19.45
C LYS B 558 -24.75 -48.02 -18.87
N LYS B 559 -25.28 -48.95 -19.68
CA LYS B 559 -26.18 -50.02 -19.21
C LYS B 559 -25.50 -50.88 -18.14
N LYS B 560 -24.29 -51.37 -18.41
CA LYS B 560 -23.48 -52.08 -17.40
C LYS B 560 -23.16 -51.22 -16.19
N GLN B 561 -22.90 -49.92 -16.34
CA GLN B 561 -22.60 -49.03 -15.21
C GLN B 561 -23.80 -48.86 -14.27
N GLU B 562 -25.02 -48.74 -14.79
CA GLU B 562 -26.23 -48.70 -13.95
C GLU B 562 -26.53 -50.06 -13.31
N GLU B 563 -26.18 -51.18 -13.96
CA GLU B 563 -26.21 -52.51 -13.34
C GLU B 563 -25.17 -52.65 -12.21
N LYS B 564 -23.97 -52.09 -12.37
CA LYS B 564 -22.96 -52.02 -11.30
C LYS B 564 -23.46 -51.17 -10.13
N LYS B 565 -24.03 -49.99 -10.36
CA LYS B 565 -24.74 -49.24 -9.30
C LYS B 565 -25.79 -50.11 -8.60
N THR B 566 -26.60 -50.85 -9.36
CA THR B 566 -27.66 -51.74 -8.83
C THR B 566 -27.10 -52.87 -7.96
N LYS B 567 -25.94 -53.44 -8.32
CA LYS B 567 -25.26 -54.49 -7.54
C LYS B 567 -24.74 -53.99 -6.18
N PHE B 568 -24.41 -52.70 -6.08
CA PHE B 568 -23.63 -52.13 -4.98
C PHE B 568 -24.41 -51.17 -4.05
N GLU B 569 -25.73 -50.99 -4.22
CA GLU B 569 -26.51 -50.07 -3.38
C GLU B 569 -26.46 -50.42 -1.87
N ASN B 570 -26.46 -51.71 -1.52
CA ASN B 570 -26.32 -52.13 -0.12
C ASN B 570 -24.94 -51.79 0.44
N LEU B 571 -23.86 -52.05 -0.30
CA LEU B 571 -22.52 -51.70 0.16
C LEU B 571 -22.39 -50.18 0.35
N CYS B 572 -22.92 -49.38 -0.57
CA CYS B 572 -22.87 -47.93 -0.43
C CYS B 572 -23.60 -47.46 0.83
N LYS B 573 -24.78 -48.02 1.17
CA LYS B 573 -25.50 -47.66 2.39
C LYS B 573 -24.76 -48.11 3.66
N ILE B 574 -24.19 -49.32 3.66
CA ILE B 574 -23.38 -49.82 4.77
C ILE B 574 -22.15 -48.94 4.99
N MET B 575 -21.47 -48.55 3.91
CA MET B 575 -20.33 -47.64 3.97
C MET B 575 -20.72 -46.24 4.42
N LYS B 576 -21.88 -45.71 4.00
CA LYS B 576 -22.38 -44.41 4.46
C LYS B 576 -22.75 -44.44 5.95
N ASP B 577 -23.28 -45.54 6.46
CA ASP B 577 -23.52 -45.72 7.91
C ASP B 577 -22.22 -45.74 8.72
N ILE B 578 -21.17 -46.38 8.22
CA ILE B 578 -19.84 -46.42 8.85
C ILE B 578 -19.19 -45.03 8.81
N LEU B 579 -19.22 -44.37 7.65
CA LEU B 579 -18.59 -43.08 7.36
C LEU B 579 -19.47 -41.86 7.68
N GLU B 580 -20.43 -41.99 8.60
CA GLU B 580 -21.42 -40.94 8.80
C GLU B 580 -20.76 -39.61 9.24
N LYS B 581 -21.20 -38.50 8.64
CA LYS B 581 -20.62 -37.14 8.70
C LYS B 581 -19.18 -37.00 8.15
N LYS B 582 -18.47 -38.09 7.85
CA LYS B 582 -17.16 -38.05 7.15
C LYS B 582 -17.30 -37.84 5.63
N VAL B 583 -18.45 -38.21 5.06
CA VAL B 583 -18.82 -38.04 3.64
C VAL B 583 -20.29 -37.66 3.48
N GLU B 584 -20.63 -36.94 2.42
CA GLU B 584 -22.01 -36.65 2.04
C GLU B 584 -22.68 -37.84 1.38
N LYS B 585 -21.94 -38.60 0.57
CA LYS B 585 -22.43 -39.77 -0.17
C LYS B 585 -21.36 -40.84 -0.29
N VAL B 586 -21.80 -42.07 -0.57
CA VAL B 586 -20.94 -43.12 -1.11
C VAL B 586 -21.59 -43.65 -2.38
N VAL B 587 -20.83 -43.76 -3.48
CA VAL B 587 -21.37 -44.05 -4.81
C VAL B 587 -20.44 -44.94 -5.61
N VAL B 588 -20.98 -45.78 -6.48
CA VAL B 588 -20.20 -46.46 -7.51
C VAL B 588 -19.77 -45.45 -8.57
N SER B 589 -18.55 -45.55 -9.11
CA SER B 589 -18.12 -44.66 -10.20
C SER B 589 -17.26 -45.30 -11.29
N ASN B 590 -17.14 -44.58 -12.39
CA ASN B 590 -16.41 -44.98 -13.60
C ASN B 590 -15.08 -44.22 -13.80
N ARG B 591 -14.76 -43.18 -13.03
CA ARG B 591 -13.44 -42.51 -13.20
C ARG B 591 -12.18 -43.34 -12.78
N LEU B 592 -12.41 -44.42 -12.01
CA LEU B 592 -11.40 -45.35 -11.52
C LEU B 592 -11.23 -46.58 -12.42
N VAL B 593 -10.06 -47.24 -12.34
CA VAL B 593 -9.74 -48.52 -13.01
C VAL B 593 -9.00 -49.48 -12.07
N THR B 594 -7.94 -49.03 -11.39
CA THR B 594 -7.06 -49.83 -10.54
C THR B 594 -6.96 -49.36 -9.09
N SER B 595 -7.36 -48.12 -8.76
CA SER B 595 -7.63 -47.75 -7.36
C SER B 595 -8.95 -48.35 -6.89
N PRO B 596 -9.09 -48.80 -5.63
CA PRO B 596 -10.37 -49.31 -5.12
C PRO B 596 -11.38 -48.19 -4.82
N CYS B 597 -10.94 -46.99 -4.45
CA CYS B 597 -11.82 -45.85 -4.25
C CYS B 597 -11.07 -44.51 -4.26
N CYS B 598 -11.79 -43.41 -4.39
CA CYS B 598 -11.26 -42.04 -4.29
C CYS B 598 -12.28 -41.08 -3.69
N ILE B 599 -11.82 -39.97 -3.12
CA ILE B 599 -12.69 -38.97 -2.48
C ILE B 599 -12.81 -37.78 -3.43
N VAL B 600 -14.05 -37.46 -3.78
CA VAL B 600 -14.42 -36.49 -4.81
C VAL B 600 -15.26 -35.40 -4.17
N THR B 601 -15.21 -34.15 -4.60
CA THR B 601 -16.01 -33.09 -3.96
C THR B 601 -17.33 -32.81 -4.68
N SER B 602 -18.27 -32.14 -4.01
CA SER B 602 -19.42 -31.53 -4.69
C SER B 602 -18.98 -30.49 -5.72
N THR B 603 -19.83 -30.18 -6.70
CA THR B 603 -19.48 -29.22 -7.78
C THR B 603 -19.34 -27.78 -7.32
N TYR B 604 -20.10 -27.34 -6.33
CA TYR B 604 -20.12 -25.94 -5.88
C TYR B 604 -19.24 -25.64 -4.64
N GLY B 605 -18.65 -26.66 -4.02
CA GLY B 605 -17.63 -26.49 -2.98
C GLY B 605 -16.21 -26.28 -3.53
N TRP B 606 -15.26 -26.05 -2.64
CA TRP B 606 -13.83 -26.15 -2.94
C TRP B 606 -13.44 -27.56 -3.41
N THR B 607 -12.47 -27.66 -4.31
CA THR B 607 -11.78 -28.93 -4.61
C THR B 607 -10.91 -29.37 -3.43
N ALA B 608 -10.43 -30.62 -3.45
CA ALA B 608 -9.48 -31.11 -2.46
C ALA B 608 -8.19 -30.24 -2.37
N ASN B 609 -7.77 -29.64 -3.49
CA ASN B 609 -6.62 -28.73 -3.57
C ASN B 609 -6.95 -27.29 -3.17
N MET B 610 -8.13 -26.78 -3.54
CA MET B 610 -8.54 -25.43 -3.14
C MET B 610 -8.68 -25.34 -1.64
N GLU B 611 -9.20 -26.38 -0.99
CA GLU B 611 -9.20 -26.44 0.47
C GLU B 611 -7.79 -26.41 1.04
N ARG B 612 -6.88 -27.22 0.51
CA ARG B 612 -5.49 -27.22 0.98
C ARG B 612 -4.84 -25.83 0.90
N ILE B 613 -5.12 -25.12 -0.19
CA ILE B 613 -4.59 -23.77 -0.41
C ILE B 613 -5.25 -22.77 0.54
N MET B 614 -6.57 -22.73 0.66
CA MET B 614 -7.27 -21.77 1.53
C MET B 614 -6.99 -22.00 3.03
N LYS B 615 -6.89 -23.26 3.48
CA LYS B 615 -6.43 -23.63 4.83
C LYS B 615 -4.98 -23.24 5.15
N ALA B 616 -4.24 -22.68 4.18
CA ALA B 616 -2.86 -22.22 4.33
C ALA B 616 -2.67 -20.72 4.06
N GLN B 617 -3.72 -19.98 3.69
CA GLN B 617 -3.63 -18.53 3.58
C GLN B 617 -3.66 -17.91 4.98
N ALA B 618 -2.57 -17.26 5.38
CA ALA B 618 -2.40 -16.72 6.73
C ALA B 618 -3.40 -15.62 7.09
N LEU B 619 -3.62 -14.68 6.18
CA LEU B 619 -4.44 -13.49 6.38
C LEU B 619 -5.82 -13.63 5.72
N ARG B 620 -6.57 -14.64 6.17
CA ARG B 620 -7.93 -14.92 5.68
C ARG B 620 -8.83 -15.45 6.84
N ASP B 621 -10.05 -14.94 7.02
CA ASP B 621 -10.92 -15.37 8.12
C ASP B 621 -11.50 -16.77 7.88
N ASN B 622 -11.05 -17.76 8.65
CA ASN B 622 -11.41 -19.17 8.44
C ASN B 622 -12.89 -19.49 8.63
N SER B 623 -13.63 -18.73 9.45
CA SER B 623 -15.08 -18.92 9.57
C SER B 623 -15.80 -18.52 8.27
N THR B 624 -15.29 -17.48 7.63
CA THR B 624 -15.88 -16.85 6.44
C THR B 624 -15.58 -17.65 5.18
N MET B 625 -14.32 -18.05 4.99
CA MET B 625 -13.94 -18.90 3.85
C MET B 625 -14.35 -20.37 4.04
N GLY B 626 -14.23 -20.91 5.26
CA GLY B 626 -14.54 -22.31 5.57
C GLY B 626 -16.02 -22.68 5.48
N TYR B 627 -16.90 -21.70 5.32
CA TYR B 627 -18.32 -21.86 5.00
C TYR B 627 -18.57 -22.74 3.76
N MET B 628 -17.66 -22.73 2.78
CA MET B 628 -17.77 -23.47 1.52
C MET B 628 -16.70 -24.58 1.33
N ALA B 629 -16.20 -25.12 2.44
CA ALA B 629 -15.21 -26.20 2.45
C ALA B 629 -15.65 -27.45 1.64
N ALA B 630 -14.70 -28.32 1.31
CA ALA B 630 -14.94 -29.46 0.43
C ALA B 630 -15.93 -30.46 1.04
N LYS B 631 -17.15 -30.50 0.52
CA LYS B 631 -18.15 -31.54 0.78
C LYS B 631 -17.72 -32.81 0.06
N LYS B 632 -17.42 -33.89 0.78
CA LYS B 632 -16.70 -35.07 0.26
C LYS B 632 -17.67 -36.20 -0.09
N HIS B 633 -17.50 -36.82 -1.24
CA HIS B 633 -18.16 -38.04 -1.66
C HIS B 633 -17.10 -39.13 -1.73
N LEU B 634 -17.42 -40.37 -1.36
CA LEU B 634 -16.51 -41.50 -1.59
C LEU B 634 -16.98 -42.25 -2.82
N GLU B 635 -16.13 -42.36 -3.83
CA GLU B 635 -16.40 -43.11 -5.05
C GLU B 635 -15.72 -44.47 -5.01
N ILE B 636 -16.48 -45.52 -5.28
CA ILE B 636 -16.07 -46.92 -5.24
C ILE B 636 -15.81 -47.42 -6.66
N ASN B 637 -14.68 -48.09 -6.90
CA ASN B 637 -14.43 -48.89 -8.10
C ASN B 637 -15.12 -50.26 -7.95
N PRO B 638 -16.23 -50.53 -8.65
CA PRO B 638 -17.02 -51.75 -8.45
C PRO B 638 -16.32 -53.02 -8.96
N ASP B 639 -15.23 -52.89 -9.72
CA ASP B 639 -14.50 -54.00 -10.35
C ASP B 639 -13.22 -54.37 -9.57
N HIS B 640 -12.88 -53.63 -8.52
CA HIS B 640 -11.70 -53.88 -7.70
C HIS B 640 -11.92 -55.11 -6.82
N SER B 641 -10.89 -55.95 -6.68
CA SER B 641 -10.99 -57.17 -5.86
C SER B 641 -11.18 -56.87 -4.37
N ILE B 642 -10.63 -55.77 -3.87
CA ILE B 642 -10.89 -55.30 -2.49
C ILE B 642 -12.38 -55.06 -2.30
N ILE B 643 -12.99 -54.34 -3.25
CA ILE B 643 -14.37 -53.87 -3.18
C ILE B 643 -15.37 -54.99 -3.42
N GLU B 644 -15.15 -55.90 -4.36
CA GLU B 644 -16.03 -57.05 -4.54
C GLU B 644 -15.97 -58.00 -3.34
N THR B 645 -14.79 -58.18 -2.74
CA THR B 645 -14.67 -58.94 -1.49
C THR B 645 -15.37 -58.23 -0.34
N LEU B 646 -15.20 -56.91 -0.22
CA LEU B 646 -15.87 -56.08 0.77
C LEU B 646 -17.39 -56.09 0.61
N ARG B 647 -17.88 -56.21 -0.62
CA ARG B 647 -19.32 -56.31 -0.85
C ARG B 647 -19.80 -57.66 -0.29
N GLN B 648 -19.10 -58.75 -0.63
CA GLN B 648 -19.47 -60.06 -0.12
C GLN B 648 -19.42 -60.14 1.42
N LYS B 649 -18.49 -59.44 2.08
CA LYS B 649 -18.49 -59.33 3.55
C LYS B 649 -19.65 -58.48 4.07
N ALA B 650 -19.89 -57.30 3.49
CA ALA B 650 -20.99 -56.42 3.88
C ALA B 650 -22.38 -57.06 3.66
N GLU B 651 -22.51 -57.91 2.63
CA GLU B 651 -23.69 -58.75 2.39
C GLU B 651 -23.82 -59.91 3.40
N ALA B 652 -22.72 -60.42 3.96
CA ALA B 652 -22.74 -61.44 5.01
C ALA B 652 -23.15 -60.86 6.38
N ASP B 653 -22.60 -59.72 6.79
CA ASP B 653 -22.96 -59.03 8.04
C ASP B 653 -22.66 -57.53 8.00
N LYS B 654 -23.72 -56.69 8.10
CA LYS B 654 -23.63 -55.22 8.10
C LYS B 654 -22.81 -54.63 9.26
N ASN B 655 -22.64 -55.38 10.35
CA ASN B 655 -21.92 -54.96 11.56
C ASN B 655 -20.60 -55.73 11.78
N ASP B 656 -20.06 -56.41 10.76
CA ASP B 656 -18.77 -57.08 10.87
C ASP B 656 -17.65 -56.08 11.21
N LYS B 657 -16.96 -56.28 12.33
CA LYS B 657 -15.80 -55.44 12.72
C LYS B 657 -14.70 -55.43 11.66
N SER B 658 -14.59 -56.47 10.83
CA SER B 658 -13.69 -56.46 9.67
C SER B 658 -14.13 -55.43 8.62
N VAL B 659 -15.41 -55.39 8.26
CA VAL B 659 -15.94 -54.39 7.33
C VAL B 659 -15.77 -52.99 7.89
N LYS B 660 -16.01 -52.77 9.18
CA LYS B 660 -15.82 -51.46 9.83
C LYS B 660 -14.37 -51.00 9.80
N ASP B 661 -13.39 -51.90 9.92
CA ASP B 661 -11.96 -51.56 9.77
C ASP B 661 -11.59 -51.23 8.32
N LEU B 662 -11.93 -52.08 7.35
CA LEU B 662 -11.58 -51.81 5.96
C LEU B 662 -12.26 -50.55 5.44
N VAL B 663 -13.52 -50.28 5.77
CA VAL B 663 -14.21 -49.09 5.27
C VAL B 663 -13.59 -47.81 5.82
N ILE B 664 -13.13 -47.79 7.06
CA ILE B 664 -12.40 -46.62 7.61
C ILE B 664 -10.98 -46.54 7.02
N LEU B 665 -10.28 -47.66 6.87
CA LEU B 665 -8.93 -47.66 6.29
C LEU B 665 -8.92 -47.26 4.82
N LEU B 666 -9.91 -47.69 4.02
CA LEU B 666 -10.11 -47.25 2.65
C LEU B 666 -10.51 -45.78 2.58
N TYR B 667 -11.40 -45.28 3.44
CA TYR B 667 -11.67 -43.85 3.49
C TYR B 667 -10.42 -43.02 3.82
N GLU B 668 -9.62 -43.40 4.81
CA GLU B 668 -8.41 -42.68 5.16
C GLU B 668 -7.34 -42.78 4.07
N THR B 669 -7.18 -43.93 3.42
CA THR B 669 -6.25 -44.07 2.30
C THR B 669 -6.71 -43.25 1.09
N ALA B 670 -8.02 -43.23 0.82
CA ALA B 670 -8.62 -42.41 -0.23
C ALA B 670 -8.55 -40.91 0.06
N LEU B 671 -8.62 -40.44 1.31
CA LEU B 671 -8.32 -39.04 1.65
C LEU B 671 -6.88 -38.66 1.25
N LEU B 672 -5.90 -39.54 1.46
CA LEU B 672 -4.51 -39.28 1.08
C LEU B 672 -4.31 -39.27 -0.43
N SER B 673 -4.71 -40.34 -1.13
CA SER B 673 -4.52 -40.44 -2.58
C SER B 673 -5.32 -39.39 -3.37
N SER B 674 -6.39 -38.85 -2.77
CA SER B 674 -7.20 -37.77 -3.34
C SER B 674 -6.73 -36.36 -2.95
N GLY B 675 -5.69 -36.22 -2.14
CA GLY B 675 -5.02 -34.94 -1.88
C GLY B 675 -5.54 -34.13 -0.68
N PHE B 676 -6.44 -34.69 0.12
CA PHE B 676 -6.82 -34.12 1.41
C PHE B 676 -5.74 -34.37 2.49
N SER B 677 -5.81 -33.62 3.58
CA SER B 677 -5.23 -34.00 4.86
C SER B 677 -6.17 -34.94 5.62
N LEU B 678 -5.63 -35.77 6.51
CA LEU B 678 -6.43 -36.60 7.42
C LEU B 678 -6.97 -35.75 8.57
N GLU B 679 -8.15 -36.06 9.11
CA GLU B 679 -8.73 -35.29 10.23
C GLU B 679 -7.91 -35.45 11.52
N ASP B 680 -7.20 -36.57 11.65
CA ASP B 680 -6.09 -36.78 12.58
C ASP B 680 -5.14 -37.84 11.96
N PRO B 681 -3.93 -37.46 11.52
CA PRO B 681 -2.95 -38.41 11.01
C PRO B 681 -2.52 -39.48 12.01
N GLN B 682 -2.55 -39.22 13.31
CA GLN B 682 -2.10 -40.20 14.31
C GLN B 682 -3.09 -41.37 14.42
N THR B 683 -4.39 -41.06 14.44
CA THR B 683 -5.46 -42.06 14.45
C THR B 683 -5.38 -42.99 13.26
N HIS B 684 -4.97 -42.48 12.10
CA HIS B 684 -4.68 -43.30 10.91
C HIS B 684 -3.40 -44.12 11.07
N ALA B 685 -2.28 -43.48 11.42
CA ALA B 685 -0.98 -44.12 11.54
C ALA B 685 -1.03 -45.33 12.49
N ASN B 686 -1.78 -45.25 13.60
CA ASN B 686 -1.97 -46.38 14.51
C ASN B 686 -2.57 -47.64 13.83
N ARG B 687 -3.34 -47.52 12.73
CA ARG B 687 -3.82 -48.68 11.95
C ARG B 687 -2.68 -49.33 11.19
N ILE B 688 -1.83 -48.53 10.56
CA ILE B 688 -0.67 -49.02 9.80
C ILE B 688 0.32 -49.68 10.75
N TYR B 689 0.62 -49.05 11.88
CA TYR B 689 1.48 -49.65 12.89
C TYR B 689 0.87 -50.94 13.44
N ARG B 690 -0.46 -51.02 13.49
CA ARG B 690 -1.16 -52.23 13.94
C ARG B 690 -0.97 -53.37 12.91
N MET B 691 -1.22 -53.06 11.63
CA MET B 691 -1.03 -54.05 10.55
C MET B 691 0.42 -54.54 10.46
N ILE B 692 1.39 -53.66 10.72
CA ILE B 692 2.81 -54.03 10.83
C ILE B 692 3.02 -54.97 12.04
N LYS B 693 2.48 -54.65 13.22
CA LYS B 693 2.58 -55.53 14.39
C LYS B 693 2.01 -56.92 14.09
N LEU B 694 0.82 -56.99 13.51
CA LEU B 694 0.18 -58.25 13.12
C LEU B 694 1.03 -59.01 12.09
N GLY B 695 1.52 -58.33 11.05
CA GLY B 695 2.33 -58.94 10.00
C GLY B 695 3.65 -59.52 10.52
N LEU B 696 4.34 -58.79 11.38
CA LEU B 696 5.60 -59.22 12.03
C LEU B 696 5.39 -60.26 13.14
N GLY B 697 4.15 -60.52 13.56
CA GLY B 697 3.82 -61.46 14.63
C GLY B 697 4.12 -60.94 16.05
N ILE B 698 4.08 -59.62 16.24
CA ILE B 698 4.37 -58.91 17.50
C ILE B 698 3.23 -59.07 18.50
N VAL C 17 21.94 50.06 -10.05
CA VAL C 17 21.00 49.04 -9.54
C VAL C 17 19.59 49.61 -9.44
N GLU C 18 18.60 48.96 -10.06
CA GLU C 18 17.18 49.33 -9.98
C GLU C 18 16.38 48.28 -9.19
N THR C 19 15.52 48.72 -8.27
CA THR C 19 14.68 47.83 -7.44
C THR C 19 13.23 47.86 -7.90
N PHE C 20 12.60 46.69 -8.03
CA PHE C 20 11.24 46.51 -8.52
C PHE C 20 10.43 45.66 -7.54
N ALA C 21 9.15 45.94 -7.35
CA ALA C 21 8.25 45.01 -6.67
C ALA C 21 7.93 43.82 -7.57
N PHE C 22 7.74 42.63 -7.00
CA PHE C 22 7.12 41.53 -7.76
C PHE C 22 5.68 41.88 -8.13
N GLN C 23 5.21 41.38 -9.28
CA GLN C 23 3.85 41.52 -9.79
C GLN C 23 3.19 40.13 -9.87
N ALA C 24 1.95 40.05 -10.35
CA ALA C 24 1.36 38.78 -10.77
C ALA C 24 0.52 38.97 -12.03
N GLU C 25 0.51 37.97 -12.91
CA GLU C 25 -0.35 37.98 -14.10
C GLU C 25 -1.71 37.40 -13.72
N ILE C 26 -2.60 38.25 -13.23
CA ILE C 26 -3.87 37.86 -12.61
C ILE C 26 -4.72 36.96 -13.50
N ALA C 27 -4.71 37.19 -14.82
CA ALA C 27 -5.43 36.36 -15.77
C ALA C 27 -4.96 34.90 -15.76
N GLN C 28 -3.65 34.65 -15.74
CA GLN C 28 -3.08 33.31 -15.68
C GLN C 28 -3.01 32.78 -14.25
N LEU C 29 -2.85 33.61 -13.23
CA LEU C 29 -2.88 33.19 -11.83
C LEU C 29 -4.23 32.60 -11.43
N MET C 30 -5.34 33.21 -11.87
CA MET C 30 -6.66 32.65 -11.70
C MET C 30 -6.80 31.32 -12.45
N SER C 31 -6.26 31.22 -13.66
CA SER C 31 -6.22 29.97 -14.42
C SER C 31 -5.47 28.86 -13.68
N LEU C 32 -4.39 29.16 -12.95
CA LEU C 32 -3.73 28.16 -12.10
C LEU C 32 -4.67 27.65 -11.01
N ILE C 33 -5.33 28.55 -10.28
CA ILE C 33 -6.19 28.19 -9.15
C ILE C 33 -7.35 27.30 -9.58
N ILE C 34 -7.96 27.61 -10.73
CA ILE C 34 -9.09 26.85 -11.27
C ILE C 34 -8.63 25.52 -11.89
N ASN C 35 -7.60 25.53 -12.74
CA ASN C 35 -7.27 24.37 -13.56
C ASN C 35 -6.25 23.41 -12.92
N THR C 36 -5.40 23.88 -12.00
CA THR C 36 -4.19 23.14 -11.59
C THR C 36 -4.05 22.81 -10.10
N PHE C 37 -4.74 23.50 -9.18
CA PHE C 37 -4.50 23.26 -7.74
C PHE C 37 -5.19 21.99 -7.23
N TYR C 38 -6.45 21.77 -7.62
CA TYR C 38 -7.34 20.79 -6.99
C TYR C 38 -7.53 19.57 -7.89
N SER C 39 -7.20 18.37 -7.41
CA SER C 39 -7.23 17.15 -8.22
C SER C 39 -8.63 16.57 -8.39
N ASN C 40 -9.60 17.02 -7.58
CA ASN C 40 -11.02 16.67 -7.65
C ASN C 40 -11.88 17.93 -7.52
N LYS C 41 -12.92 18.08 -8.33
CA LYS C 41 -13.82 19.23 -8.31
C LYS C 41 -14.74 19.28 -7.10
N GLU C 42 -15.05 18.15 -6.46
CA GLU C 42 -16.05 18.07 -5.37
C GLU C 42 -15.68 18.92 -4.15
N ILE C 43 -14.40 19.22 -3.97
CA ILE C 43 -13.88 19.99 -2.84
C ILE C 43 -14.42 21.41 -2.77
N PHE C 44 -14.97 21.96 -3.87
CA PHE C 44 -15.53 23.31 -3.88
C PHE C 44 -16.52 23.52 -2.73
N LEU C 45 -17.28 22.48 -2.38
CA LEU C 45 -18.29 22.55 -1.34
C LEU C 45 -17.67 22.55 0.03
N ARG C 46 -16.54 21.85 0.26
CA ARG C 46 -15.84 21.96 1.54
C ARG C 46 -15.14 23.30 1.69
N GLU C 47 -14.65 23.91 0.62
CA GLU C 47 -14.05 25.24 0.73
C GLU C 47 -15.10 26.31 1.04
N LEU C 48 -16.29 26.22 0.46
CA LEU C 48 -17.36 27.17 0.75
C LEU C 48 -18.07 26.91 2.08
N ILE C 49 -18.13 25.67 2.55
CA ILE C 49 -18.58 25.34 3.91
C ILE C 49 -17.52 25.71 4.95
N SER C 50 -16.22 25.60 4.64
CA SER C 50 -15.16 26.08 5.52
C SER C 50 -15.20 27.59 5.65
N ASN C 51 -15.41 28.33 4.56
CA ASN C 51 -15.56 29.78 4.62
C ASN C 51 -16.80 30.18 5.44
N SER C 52 -17.91 29.47 5.33
CA SER C 52 -19.07 29.69 6.20
C SER C 52 -18.77 29.34 7.65
N SER C 53 -18.06 28.27 7.95
CA SER C 53 -17.69 27.92 9.31
C SER C 53 -16.74 28.95 9.93
N ASP C 54 -15.84 29.55 9.15
CA ASP C 54 -15.01 30.67 9.58
C ASP C 54 -15.83 31.95 9.77
N ALA C 55 -16.76 32.27 8.86
CA ALA C 55 -17.64 33.42 9.01
C ALA C 55 -18.52 33.32 10.24
N LEU C 56 -18.97 32.11 10.59
CA LEU C 56 -19.69 31.82 11.81
C LEU C 56 -18.78 31.90 13.05
N ASP C 57 -17.55 31.40 13.00
CA ASP C 57 -16.57 31.56 14.09
C ASP C 57 -16.23 33.02 14.36
N LYS C 58 -16.13 33.87 13.33
CA LYS C 58 -15.86 35.30 13.48
C LYS C 58 -17.00 36.02 14.19
N ILE C 59 -18.26 35.77 13.85
CA ILE C 59 -19.38 36.42 14.54
C ILE C 59 -19.63 35.82 15.92
N ARG C 60 -19.45 34.50 16.10
CA ARG C 60 -19.50 33.87 17.41
C ARG C 60 -18.48 34.54 18.33
N TYR C 61 -17.22 34.63 17.92
CA TYR C 61 -16.18 35.31 18.70
C TYR C 61 -16.45 36.80 18.92
N GLU C 62 -16.90 37.55 17.91
CA GLU C 62 -17.25 38.96 18.09
C GLU C 62 -18.43 39.17 19.07
N SER C 63 -19.36 38.23 19.15
CA SER C 63 -20.52 38.31 20.04
C SER C 63 -20.20 38.08 21.52
N LEU C 64 -19.07 37.43 21.86
CA LEU C 64 -18.71 37.09 23.25
C LEU C 64 -18.53 38.32 24.13
N THR C 65 -17.93 39.38 23.59
CA THR C 65 -17.67 40.64 24.30
C THR C 65 -18.76 41.70 24.09
N ASP C 66 -19.67 41.48 23.14
CA ASP C 66 -20.71 42.44 22.74
C ASP C 66 -21.93 41.71 22.13
N PRO C 67 -22.92 41.32 22.95
CA PRO C 67 -24.14 40.64 22.49
C PRO C 67 -24.92 41.36 21.38
N SER C 68 -24.74 42.68 21.22
CA SER C 68 -25.45 43.44 20.18
C SER C 68 -25.07 43.02 18.75
N LYS C 69 -23.93 42.34 18.55
CA LYS C 69 -23.52 41.78 17.26
C LYS C 69 -24.52 40.77 16.71
N LEU C 70 -25.31 40.11 17.56
CA LEU C 70 -26.35 39.15 17.18
C LEU C 70 -27.76 39.75 17.14
N ASP C 71 -27.95 41.06 17.31
CA ASP C 71 -29.28 41.68 17.20
C ASP C 71 -29.90 41.51 15.80
N SER C 72 -29.06 41.39 14.78
CA SER C 72 -29.40 41.13 13.38
C SER C 72 -29.71 39.66 13.07
N GLY C 73 -29.61 38.77 14.06
CA GLY C 73 -29.92 37.34 13.98
C GLY C 73 -29.08 36.54 14.97
N LYS C 74 -29.69 35.59 15.70
CA LYS C 74 -28.99 34.83 16.76
C LYS C 74 -28.59 33.42 16.35
N GLU C 75 -29.27 32.83 15.37
CA GLU C 75 -29.12 31.42 14.99
C GLU C 75 -27.94 31.21 14.02
N LEU C 76 -26.74 30.93 14.53
CA LEU C 76 -25.56 30.62 13.71
C LEU C 76 -25.68 29.24 13.04
N HIS C 77 -25.87 29.18 11.72
CA HIS C 77 -26.07 27.93 10.98
C HIS C 77 -25.68 28.05 9.50
N ILE C 78 -25.56 26.92 8.81
CA ILE C 78 -25.28 26.84 7.37
C ILE C 78 -26.48 26.19 6.66
N ASN C 79 -26.89 26.70 5.51
CA ASN C 79 -27.93 26.12 4.66
C ASN C 79 -27.35 25.87 3.28
N LEU C 80 -27.51 24.66 2.74
CA LEU C 80 -27.20 24.33 1.36
C LEU C 80 -28.52 24.22 0.61
N ILE C 81 -28.65 24.92 -0.51
CA ILE C 81 -29.91 25.11 -1.21
C ILE C 81 -29.70 24.86 -2.71
N PRO C 82 -29.65 23.58 -3.15
CA PRO C 82 -29.63 23.24 -4.56
C PRO C 82 -30.97 23.56 -5.21
N ASN C 83 -30.90 24.24 -6.36
CA ASN C 83 -31.99 24.64 -7.20
C ASN C 83 -31.78 24.03 -8.60
N LYS C 84 -32.44 22.90 -8.86
CA LYS C 84 -32.30 22.18 -10.15
C LYS C 84 -32.86 22.97 -11.33
N GLN C 85 -33.79 23.91 -11.10
CA GLN C 85 -34.41 24.71 -12.17
C GLN C 85 -33.47 25.78 -12.71
N ASP C 86 -32.74 26.49 -11.84
CA ASP C 86 -31.79 27.55 -12.20
C ASP C 86 -30.32 27.08 -12.29
N ARG C 87 -30.12 25.76 -12.26
CA ARG C 87 -28.80 25.13 -12.28
C ARG C 87 -27.88 25.77 -11.20
N THR C 88 -28.47 26.08 -10.05
CA THR C 88 -27.81 26.90 -9.04
C THR C 88 -27.67 26.16 -7.72
N LEU C 89 -26.52 26.21 -7.07
CA LEU C 89 -26.34 25.77 -5.68
C LEU C 89 -26.03 26.97 -4.81
N THR C 90 -26.93 27.31 -3.88
CA THR C 90 -26.71 28.43 -2.96
C THR C 90 -26.24 27.92 -1.61
N ILE C 91 -25.23 28.54 -1.02
CA ILE C 91 -24.69 28.24 0.30
C ILE C 91 -24.91 29.47 1.18
N VAL C 92 -25.82 29.40 2.13
CA VAL C 92 -26.18 30.51 3.02
C VAL C 92 -25.64 30.27 4.41
N ASP C 93 -25.03 31.27 5.02
CA ASP C 93 -24.68 31.24 6.43
C ASP C 93 -25.06 32.55 7.11
N THR C 94 -25.43 32.46 8.37
CA THR C 94 -25.61 33.61 9.27
C THR C 94 -24.29 33.96 9.96
N GLY C 95 -23.20 34.09 9.21
CA GLY C 95 -21.88 34.49 9.71
C GLY C 95 -21.66 36.00 9.80
N ILE C 96 -20.42 36.44 9.97
CA ILE C 96 -20.07 37.86 10.14
C ILE C 96 -20.47 38.74 8.95
N GLY C 97 -20.48 38.20 7.73
CA GLY C 97 -20.71 38.97 6.51
C GLY C 97 -19.49 39.76 6.06
N MET C 98 -19.60 40.49 4.95
CA MET C 98 -18.53 41.34 4.43
C MET C 98 -19.04 42.75 4.14
N THR C 99 -18.32 43.77 4.63
CA THR C 99 -18.57 45.15 4.20
C THR C 99 -18.08 45.32 2.75
N LYS C 100 -18.44 46.41 2.07
CA LYS C 100 -18.01 46.64 0.67
C LYS C 100 -16.49 46.54 0.52
N ALA C 101 -15.76 47.14 1.45
CA ALA C 101 -14.30 47.06 1.50
C ALA C 101 -13.78 45.65 1.78
N ASP C 102 -14.50 44.82 2.52
CA ASP C 102 -14.11 43.42 2.75
C ASP C 102 -14.37 42.55 1.52
N LEU C 103 -15.39 42.83 0.71
CA LEU C 103 -15.60 42.14 -0.57
C LEU C 103 -14.46 42.44 -1.54
N ILE C 104 -14.22 43.73 -1.77
CA ILE C 104 -13.20 44.25 -2.67
C ILE C 104 -11.79 43.78 -2.25
N ASN C 105 -11.50 43.74 -0.96
CA ASN C 105 -10.24 43.19 -0.47
C ASN C 105 -10.21 41.67 -0.55
N ASN C 106 -11.11 40.93 0.10
CA ASN C 106 -10.91 39.52 0.40
C ASN C 106 -11.37 38.57 -0.71
N LEU C 107 -12.45 38.92 -1.44
CA LEU C 107 -12.84 38.20 -2.66
C LEU C 107 -12.19 38.80 -3.91
N GLY C 108 -11.82 40.06 -3.87
CA GLY C 108 -11.14 40.72 -4.97
C GLY C 108 -9.64 40.47 -5.04
N THR C 109 -8.96 40.15 -3.94
CA THR C 109 -7.51 39.94 -3.91
C THR C 109 -7.20 38.45 -3.74
N ILE C 110 -6.58 37.87 -4.75
CA ILE C 110 -6.11 36.47 -4.72
C ILE C 110 -4.98 36.33 -3.69
N ALA C 111 -4.94 35.22 -2.97
CA ALA C 111 -4.02 34.96 -1.88
C ALA C 111 -4.12 35.92 -0.69
N LYS C 112 -5.19 36.72 -0.57
CA LYS C 112 -5.50 37.47 0.67
C LYS C 112 -6.58 36.77 1.46
N SER C 113 -6.28 36.43 2.71
CA SER C 113 -7.22 35.83 3.63
C SER C 113 -7.68 36.83 4.67
N GLY C 114 -8.98 37.12 4.71
CA GLY C 114 -9.57 37.88 5.80
C GLY C 114 -9.62 37.09 7.11
N THR C 115 -9.61 35.76 7.04
CA THR C 115 -9.48 34.86 8.20
C THR C 115 -8.12 35.00 8.88
N LYS C 116 -7.01 34.94 8.14
CA LYS C 116 -5.67 35.16 8.70
C LYS C 116 -5.55 36.55 9.33
N ALA C 117 -5.96 37.60 8.61
CA ALA C 117 -5.88 38.97 9.10
C ALA C 117 -6.74 39.24 10.34
N PHE C 118 -7.82 38.49 10.54
CA PHE C 118 -8.60 38.50 11.79
C PHE C 118 -7.89 37.73 12.90
N MET C 119 -7.48 36.49 12.63
CA MET C 119 -6.81 35.61 13.59
C MET C 119 -5.58 36.26 14.21
N GLU C 120 -4.72 36.87 13.40
CA GLU C 120 -3.49 37.52 13.86
C GLU C 120 -3.73 38.79 14.71
N ALA C 121 -4.95 39.33 14.75
CA ALA C 121 -5.28 40.46 15.61
C ALA C 121 -5.57 40.04 17.06
N LEU C 122 -5.89 38.77 17.30
CA LEU C 122 -6.38 38.29 18.60
C LEU C 122 -5.27 38.03 19.63
N GLN C 123 -5.60 38.24 20.90
CA GLN C 123 -4.79 37.87 22.06
C GLN C 123 -4.71 36.34 22.25
N ALA C 124 -3.64 35.85 22.89
CA ALA C 124 -3.36 34.42 23.02
C ALA C 124 -4.43 33.60 23.76
N GLY C 125 -5.24 34.24 24.62
CA GLY C 125 -6.36 33.61 25.32
C GLY C 125 -7.59 33.28 24.47
N ALA C 126 -7.62 33.67 23.18
CA ALA C 126 -8.75 33.40 22.29
C ALA C 126 -8.95 31.89 22.04
N ASP C 127 -10.16 31.37 22.23
CA ASP C 127 -10.52 29.95 22.08
C ASP C 127 -11.04 29.59 20.68
N ILE C 128 -11.04 30.55 19.76
CA ILE C 128 -11.34 30.39 18.34
C ILE C 128 -10.26 29.58 17.60
N SER C 129 -10.63 28.87 16.54
CA SER C 129 -9.70 28.26 15.57
C SER C 129 -10.40 28.07 14.24
N MET C 130 -9.86 28.66 13.17
CA MET C 130 -10.53 28.85 11.88
C MET C 130 -9.78 28.13 10.78
N ILE C 131 -10.50 27.59 9.81
CA ILE C 131 -9.95 26.67 8.82
C ILE C 131 -9.13 27.42 7.77
N GLY C 132 -9.57 28.60 7.33
CA GLY C 132 -8.93 29.38 6.27
C GLY C 132 -7.59 29.99 6.67
N GLN C 133 -6.67 30.06 5.71
CA GLN C 133 -5.38 30.77 5.84
C GLN C 133 -4.71 31.12 4.51
N PHE C 134 -4.90 30.36 3.42
CA PHE C 134 -4.23 30.65 2.13
C PHE C 134 -4.80 31.83 1.35
N GLY C 135 -6.08 32.20 1.50
CA GLY C 135 -6.68 33.28 0.71
C GLY C 135 -7.02 32.89 -0.73
N VAL C 136 -7.20 31.59 -0.99
CA VAL C 136 -7.43 31.01 -2.32
C VAL C 136 -8.71 30.18 -2.40
N GLY C 137 -9.17 29.57 -1.31
CA GLY C 137 -10.21 28.54 -1.36
C GLY C 137 -11.55 29.00 -1.93
N PHE C 138 -11.88 30.28 -1.83
CA PHE C 138 -13.10 30.80 -2.45
C PHE C 138 -13.12 30.58 -3.96
N TYR C 139 -11.98 30.82 -4.61
CA TYR C 139 -11.82 30.65 -6.06
C TYR C 139 -12.12 29.23 -6.57
N SER C 140 -11.99 28.24 -5.70
CA SER C 140 -12.36 26.86 -6.02
C SER C 140 -13.84 26.70 -6.35
N ALA C 141 -14.69 27.68 -6.02
CA ALA C 141 -16.06 27.75 -6.52
C ALA C 141 -16.13 27.66 -8.05
N TYR C 142 -15.14 28.21 -8.77
CA TYR C 142 -15.07 28.18 -10.22
C TYR C 142 -14.64 26.84 -10.83
N LEU C 143 -14.34 25.83 -10.00
CA LEU C 143 -14.28 24.45 -10.47
C LEU C 143 -15.64 24.07 -11.08
N VAL C 144 -16.74 24.37 -10.38
CA VAL C 144 -18.11 24.02 -10.79
C VAL C 144 -18.94 25.19 -11.29
N ALA C 145 -18.65 26.43 -10.89
CA ALA C 145 -19.47 27.59 -11.21
C ALA C 145 -19.16 28.23 -12.57
N GLU C 146 -20.19 28.42 -13.39
CA GLU C 146 -20.20 29.29 -14.57
C GLU C 146 -20.09 30.76 -14.15
N LYS C 147 -20.76 31.15 -13.06
CA LYS C 147 -20.69 32.47 -12.43
C LYS C 147 -20.94 32.32 -10.94
N VAL C 148 -20.37 33.16 -10.11
CA VAL C 148 -20.64 33.21 -8.66
C VAL C 148 -21.20 34.57 -8.27
N THR C 149 -22.33 34.58 -7.58
CA THR C 149 -22.83 35.77 -6.91
C THR C 149 -22.69 35.57 -5.41
N VAL C 150 -22.03 36.46 -4.69
CA VAL C 150 -21.94 36.45 -3.24
C VAL C 150 -22.78 37.59 -2.71
N ILE C 151 -24.01 37.30 -2.30
CA ILE C 151 -24.81 38.26 -1.55
C ILE C 151 -24.28 38.29 -0.13
N THR C 152 -24.13 39.45 0.50
CA THR C 152 -23.59 39.55 1.84
C THR C 152 -24.14 40.72 2.62
N LYS C 153 -24.17 40.61 3.95
CA LYS C 153 -24.62 41.64 4.88
C LYS C 153 -23.84 41.55 6.18
N HIS C 154 -22.90 42.47 6.37
CA HIS C 154 -22.24 42.70 7.66
C HIS C 154 -23.14 43.51 8.58
N ASN C 155 -22.80 43.66 9.87
CA ASN C 155 -23.53 44.57 10.76
C ASN C 155 -23.26 46.06 10.46
N ASP C 156 -22.05 46.40 9.99
CA ASP C 156 -21.56 47.78 9.87
C ASP C 156 -21.70 48.40 8.46
N ASP C 157 -22.39 47.75 7.54
CA ASP C 157 -22.54 48.20 6.14
C ASP C 157 -23.85 47.68 5.51
N GLU C 158 -24.21 48.18 4.34
CA GLU C 158 -25.39 47.75 3.56
C GLU C 158 -25.27 46.29 3.08
N GLN C 159 -26.37 45.77 2.50
CA GLN C 159 -26.31 44.50 1.77
C GLN C 159 -25.70 44.75 0.40
N TYR C 160 -24.75 43.92 -0.03
CA TYR C 160 -24.15 44.00 -1.37
C TYR C 160 -24.20 42.66 -2.06
N ALA C 161 -24.31 42.69 -3.38
CA ALA C 161 -23.93 41.56 -4.23
C ALA C 161 -22.55 41.84 -4.81
N TRP C 162 -21.63 40.89 -4.64
CA TRP C 162 -20.40 40.77 -5.41
C TRP C 162 -20.61 39.70 -6.46
N GLU C 163 -20.18 39.90 -7.69
CA GLU C 163 -20.53 39.00 -8.78
C GLU C 163 -19.39 38.86 -9.79
N SER C 164 -19.02 37.63 -10.14
CA SER C 164 -18.00 37.38 -11.15
C SER C 164 -18.08 36.02 -11.80
N SER C 165 -17.67 35.93 -13.06
CA SER C 165 -17.42 34.69 -13.81
C SER C 165 -15.92 34.38 -13.94
N ALA C 166 -15.08 34.95 -13.07
CA ALA C 166 -13.62 34.85 -13.06
C ALA C 166 -12.92 35.43 -14.30
N GLY C 167 -13.59 36.29 -15.07
CA GLY C 167 -13.06 36.93 -16.27
C GLY C 167 -12.06 38.07 -16.01
N GLY C 168 -11.20 37.95 -15.01
CA GLY C 168 -10.23 38.99 -14.61
C GLY C 168 -10.84 40.20 -13.90
N SER C 169 -12.17 40.27 -13.78
CA SER C 169 -12.89 41.32 -13.07
C SER C 169 -14.09 40.77 -12.29
N PHE C 170 -14.56 41.57 -11.34
CA PHE C 170 -15.74 41.32 -10.52
C PHE C 170 -16.51 42.62 -10.33
N THR C 171 -17.81 42.55 -10.13
CA THR C 171 -18.64 43.74 -9.93
C THR C 171 -19.27 43.72 -8.55
N VAL C 172 -19.43 44.89 -7.93
CA VAL C 172 -20.07 45.05 -6.63
C VAL C 172 -21.22 46.04 -6.77
N ARG C 173 -22.38 45.72 -6.20
CA ARG C 173 -23.48 46.62 -6.28
C ARG C 173 -24.34 46.51 -5.00
N THR C 174 -24.97 47.61 -4.61
CA THR C 174 -25.88 47.64 -3.46
C THR C 174 -27.08 46.77 -3.78
N ASP C 175 -27.41 45.83 -2.91
CA ASP C 175 -28.39 44.80 -3.23
C ASP C 175 -29.83 45.21 -2.92
N THR C 176 -30.67 45.24 -3.96
CA THR C 176 -32.10 45.59 -3.90
C THR C 176 -33.03 44.40 -3.63
N GLY C 177 -32.50 43.17 -3.59
CA GLY C 177 -33.26 41.95 -3.32
C GLY C 177 -33.67 41.76 -1.85
N GLU C 178 -33.93 40.51 -1.47
CA GLU C 178 -34.43 40.13 -0.14
C GLU C 178 -33.45 40.49 1.00
N PRO C 179 -33.86 41.20 2.06
CA PRO C 179 -32.97 41.63 3.14
C PRO C 179 -32.55 40.48 4.07
N MET C 180 -31.25 40.20 4.13
CA MET C 180 -30.67 39.11 4.94
C MET C 180 -30.63 39.41 6.45
N GLY C 181 -30.63 40.68 6.87
CA GLY C 181 -30.38 41.08 8.26
C GLY C 181 -28.89 40.99 8.64
N ARG C 182 -28.30 39.78 8.55
CA ARG C 182 -26.85 39.53 8.71
C ARG C 182 -26.42 38.12 8.16
N GLY C 183 -25.32 38.03 7.37
CA GLY C 183 -24.82 36.76 6.86
C GLY C 183 -24.09 36.88 5.54
N THR C 184 -23.98 35.78 4.82
CA THR C 184 -23.50 35.70 3.42
C THR C 184 -24.20 34.54 2.71
N LYS C 185 -24.32 34.63 1.39
CA LYS C 185 -25.15 33.76 0.55
C LYS C 185 -24.45 33.60 -0.78
N VAL C 186 -23.59 32.59 -0.88
CA VAL C 186 -22.78 32.28 -2.05
C VAL C 186 -23.62 31.48 -3.03
N ILE C 187 -24.11 32.12 -4.06
CA ILE C 187 -24.92 31.54 -5.13
C ILE C 187 -23.96 31.07 -6.22
N LEU C 188 -23.80 29.76 -6.42
CA LEU C 188 -23.03 29.21 -7.52
C LEU C 188 -23.96 28.91 -8.68
N HIS C 189 -23.87 29.64 -9.78
CA HIS C 189 -24.55 29.26 -11.01
C HIS C 189 -23.70 28.18 -11.69
N LEU C 190 -24.10 26.91 -11.69
CA LEU C 190 -23.23 25.81 -12.09
C LEU C 190 -23.12 25.65 -13.61
N LYS C 191 -21.94 25.23 -14.08
CA LYS C 191 -21.72 24.78 -15.45
C LYS C 191 -22.66 23.60 -15.77
N GLU C 192 -23.12 23.51 -17.02
CA GLU C 192 -24.11 22.49 -17.44
C GLU C 192 -23.66 21.05 -17.21
N ASP C 193 -22.37 20.77 -17.35
CA ASP C 193 -21.76 19.47 -17.09
C ASP C 193 -21.52 19.17 -15.59
N GLN C 194 -21.80 20.14 -14.71
CA GLN C 194 -21.54 20.07 -13.26
C GLN C 194 -22.83 20.11 -12.41
N THR C 195 -24.00 19.97 -13.01
CA THR C 195 -25.29 19.92 -12.31
C THR C 195 -25.49 18.66 -11.45
N GLU C 196 -24.51 17.75 -11.38
CA GLU C 196 -24.52 16.63 -10.42
C GLU C 196 -24.51 17.09 -8.97
N TYR C 197 -23.86 18.26 -8.70
CA TYR C 197 -23.83 18.86 -7.35
C TYR C 197 -25.23 19.30 -6.82
N LEU C 198 -26.22 19.32 -7.69
CA LEU C 198 -27.61 19.63 -7.30
C LEU C 198 -28.39 18.41 -6.85
N GLU C 199 -27.87 17.20 -7.05
CA GLU C 199 -28.51 15.97 -6.57
C GLU C 199 -28.28 15.85 -5.06
N GLU C 200 -29.35 15.72 -4.27
CA GLU C 200 -29.23 15.71 -2.81
C GLU C 200 -28.38 14.55 -2.27
N ARG C 201 -28.28 13.48 -3.04
CA ARG C 201 -27.41 12.36 -2.67
C ARG C 201 -25.95 12.80 -2.81
N ARG C 202 -25.65 13.56 -3.88
CA ARG C 202 -24.30 14.08 -4.15
C ARG C 202 -23.82 15.02 -3.05
N ILE C 203 -24.65 16.01 -2.75
CA ILE C 203 -24.33 16.93 -1.65
C ILE C 203 -24.13 16.18 -0.35
N LYS C 204 -25.02 15.23 0.00
CA LYS C 204 -24.85 14.39 1.19
C LYS C 204 -23.52 13.67 1.19
N GLU C 205 -23.12 13.03 0.09
CA GLU C 205 -21.82 12.35 -0.03
C GLU C 205 -20.65 13.29 0.26
N ILE C 206 -20.63 14.46 -0.39
CA ILE C 206 -19.51 15.41 -0.30
C ILE C 206 -19.43 16.02 1.08
N VAL C 207 -20.56 16.40 1.67
CA VAL C 207 -20.60 16.98 3.01
C VAL C 207 -20.27 15.95 4.07
N LYS C 208 -20.76 14.71 3.98
CA LYS C 208 -20.40 13.67 4.94
C LYS C 208 -18.91 13.36 4.88
N LYS C 209 -18.33 13.27 3.69
CA LYS C 209 -16.92 12.94 3.50
C LYS C 209 -16.01 14.03 4.03
N HIS C 210 -16.25 15.29 3.65
CA HIS C 210 -15.32 16.39 3.93
C HIS C 210 -15.64 17.20 5.20
N SER C 211 -16.90 17.26 5.62
CA SER C 211 -17.40 18.34 6.48
C SER C 211 -18.35 17.90 7.59
N GLN C 212 -18.49 16.61 7.88
CA GLN C 212 -19.43 16.14 8.91
C GLN C 212 -19.08 16.61 10.33
N PHE C 213 -17.90 17.20 10.56
CA PHE C 213 -17.45 17.68 11.86
C PHE C 213 -17.30 19.21 11.94
N ILE C 214 -17.77 19.95 10.94
CA ILE C 214 -17.91 21.40 11.01
C ILE C 214 -18.83 21.78 12.18
N GLY C 215 -18.42 22.72 13.03
CA GLY C 215 -19.06 23.00 14.32
C GLY C 215 -20.44 23.65 14.29
N TYR C 216 -21.08 23.76 13.12
CA TYR C 216 -22.36 24.45 12.91
C TYR C 216 -23.33 23.58 12.10
N PRO C 217 -24.63 23.63 12.35
CA PRO C 217 -25.57 22.75 11.68
C PRO C 217 -25.66 23.08 10.20
N ILE C 218 -25.24 22.16 9.33
CA ILE C 218 -25.34 22.26 7.88
C ILE C 218 -26.66 21.66 7.43
N THR C 219 -27.71 22.46 7.33
CA THR C 219 -29.01 21.99 6.81
C THR C 219 -28.97 21.90 5.30
N LEU C 220 -29.58 20.90 4.68
CA LEU C 220 -29.76 20.82 3.22
C LEU C 220 -31.24 20.95 2.84
N PHE C 221 -31.59 21.81 1.90
CA PHE C 221 -32.96 22.02 1.44
C PHE C 221 -33.20 21.29 0.12
N VAL C 222 -34.11 20.30 0.11
CA VAL C 222 -34.08 19.22 -0.89
C VAL C 222 -35.08 19.37 -2.03
N GLU C 223 -36.38 19.32 -1.74
CA GLU C 223 -37.46 19.10 -2.72
C GLU C 223 -38.83 19.50 -2.16
N LYS C 224 -39.84 19.68 -3.02
CA LYS C 224 -41.24 19.64 -2.59
C LYS C 224 -41.67 18.19 -2.29
N GLU C 225 -42.43 17.98 -1.22
CA GLU C 225 -43.06 16.69 -0.93
C GLU C 225 -44.19 16.36 -1.94
N ARG C 226 -44.12 15.17 -2.58
CA ARG C 226 -45.08 14.68 -3.60
C ARG C 226 -45.83 15.71 -4.45
N LYS C 281 -48.14 18.64 2.66
CA LYS C 281 -46.92 18.58 1.87
C LYS C 281 -45.91 19.65 2.31
N GLU C 282 -44.68 19.26 2.66
CA GLU C 282 -43.58 20.21 2.84
C GLU C 282 -43.19 20.87 1.50
N LYS C 283 -43.27 22.21 1.40
CA LYS C 283 -42.90 22.93 0.17
C LYS C 283 -41.40 22.86 -0.16
N TYR C 284 -40.58 22.64 0.87
CA TYR C 284 -39.11 22.54 0.77
C TYR C 284 -38.59 21.64 1.92
N ILE C 285 -38.40 20.34 1.68
CA ILE C 285 -37.96 19.41 2.72
C ILE C 285 -36.56 19.78 3.21
N ASP C 286 -36.39 20.04 4.51
CA ASP C 286 -35.06 20.09 5.13
C ASP C 286 -34.56 18.68 5.44
N GLN C 287 -33.35 18.32 5.03
CA GLN C 287 -32.57 17.33 5.74
C GLN C 287 -31.93 18.10 6.89
N GLU C 288 -32.52 17.98 8.08
CA GLU C 288 -32.39 18.95 9.17
C GLU C 288 -30.95 19.34 9.45
N GLU C 289 -30.04 18.37 9.47
CA GLU C 289 -28.60 18.57 9.46
C GLU C 289 -27.96 17.44 8.64
N LEU C 290 -26.93 17.75 7.86
CA LEU C 290 -26.03 16.77 7.25
C LEU C 290 -24.93 16.29 8.20
N ASN C 291 -24.62 17.10 9.20
CA ASN C 291 -23.69 16.81 10.27
C ASN C 291 -24.43 16.65 11.59
N LYS C 292 -25.35 15.68 11.67
CA LYS C 292 -26.11 15.39 12.91
C LYS C 292 -25.25 14.54 13.87
N THR C 293 -24.05 15.01 14.14
CA THR C 293 -23.01 14.38 14.99
C THR C 293 -22.05 15.45 15.50
N LYS C 294 -21.30 15.16 16.57
CA LYS C 294 -20.33 16.06 17.19
C LYS C 294 -18.94 15.47 17.09
N PRO C 295 -17.87 16.25 16.86
CA PRO C 295 -16.50 15.79 17.01
C PRO C 295 -16.16 15.61 18.49
N ILE C 296 -16.49 14.47 19.09
CA ILE C 296 -16.26 14.29 20.54
C ILE C 296 -14.78 14.26 20.91
N TRP C 297 -13.88 13.99 19.96
CA TRP C 297 -12.45 13.90 20.25
C TRP C 297 -11.85 15.22 20.77
N THR C 298 -12.47 16.37 20.52
CA THR C 298 -12.00 17.65 21.08
C THR C 298 -12.30 17.81 22.57
N ARG C 299 -13.07 16.91 23.16
CA ARG C 299 -13.36 17.04 24.57
C ARG C 299 -12.34 16.27 25.42
N ASN C 300 -12.32 16.56 26.72
CA ASN C 300 -11.41 15.90 27.65
C ASN C 300 -11.84 14.44 27.85
N PRO C 301 -10.95 13.44 27.69
CA PRO C 301 -11.35 12.03 27.72
C PRO C 301 -11.89 11.54 29.08
N ASP C 302 -11.68 12.28 30.17
CA ASP C 302 -12.28 11.96 31.46
C ASP C 302 -13.79 12.27 31.52
N ASP C 303 -14.28 13.17 30.67
CA ASP C 303 -15.65 13.71 30.73
C ASP C 303 -16.66 12.94 29.85
N ILE C 304 -16.17 12.06 28.99
CA ILE C 304 -16.93 11.28 28.01
C ILE C 304 -17.16 9.87 28.59
N THR C 305 -18.40 9.38 28.64
CA THR C 305 -18.67 7.99 29.06
C THR C 305 -18.56 7.01 27.89
N ASN C 306 -18.50 5.70 28.17
CA ASN C 306 -18.41 4.70 27.09
C ASN C 306 -19.66 4.65 26.19
N GLU C 307 -20.83 5.11 26.64
CA GLU C 307 -22.00 5.27 25.78
C GLU C 307 -21.81 6.36 24.72
N GLU C 308 -21.21 7.50 25.12
CA GLU C 308 -20.92 8.63 24.23
C GLU C 308 -19.89 8.26 23.16
N TYR C 309 -18.84 7.52 23.56
CA TYR C 309 -17.88 6.94 22.61
C TYR C 309 -18.55 5.93 21.65
N GLY C 310 -19.57 5.20 22.10
CA GLY C 310 -20.27 4.20 21.31
C GLY C 310 -21.20 4.80 20.26
N GLU C 311 -21.96 5.84 20.61
CA GLU C 311 -22.75 6.61 19.66
C GLU C 311 -21.88 7.31 18.61
N PHE C 312 -20.72 7.85 19.00
CA PHE C 312 -19.76 8.36 18.03
C PHE C 312 -19.17 7.26 17.15
N TYR C 313 -18.75 6.10 17.68
CA TYR C 313 -18.21 5.01 16.86
C TYR C 313 -19.21 4.55 15.80
N LYS C 314 -20.48 4.38 16.17
CA LYS C 314 -21.56 4.03 15.23
C LYS C 314 -21.77 5.10 14.16
N SER C 315 -21.69 6.37 14.53
CA SER C 315 -21.87 7.51 13.61
C SER C 315 -20.69 7.71 12.66
N LEU C 316 -19.45 7.51 13.13
CA LEU C 316 -18.23 7.56 12.34
C LEU C 316 -18.16 6.44 11.29
N THR C 317 -18.64 5.25 11.63
CA THR C 317 -18.41 4.03 10.83
C THR C 317 -19.66 3.49 10.12
N ASN C 318 -20.84 4.00 10.45
CA ASN C 318 -22.15 3.44 10.08
C ASN C 318 -22.41 2.02 10.60
N ASP C 319 -21.61 1.53 11.55
CA ASP C 319 -21.83 0.25 12.21
C ASP C 319 -23.10 0.26 13.09
N TRP C 320 -23.77 -0.88 13.19
CA TRP C 320 -24.92 -1.09 14.09
C TRP C 320 -24.47 -1.54 15.48
N GLU C 321 -23.33 -2.25 15.52
CA GLU C 321 -22.70 -2.78 16.73
C GLU C 321 -21.85 -1.70 17.45
N ASP C 322 -21.57 -1.88 18.73
CA ASP C 322 -20.70 -0.97 19.50
C ASP C 322 -19.20 -1.14 19.16
N HIS C 323 -18.32 -0.36 19.78
CA HIS C 323 -16.87 -0.63 19.83
C HIS C 323 -16.54 -1.63 20.95
N LEU C 324 -15.40 -2.31 20.83
CA LEU C 324 -14.88 -3.22 21.86
C LEU C 324 -14.05 -2.46 22.91
N ALA C 325 -13.15 -1.60 22.45
CA ALA C 325 -12.26 -0.79 23.27
C ALA C 325 -11.93 0.51 22.55
N VAL C 326 -11.63 1.56 23.31
CA VAL C 326 -11.29 2.88 22.78
C VAL C 326 -10.10 3.47 23.52
N LYS C 327 -9.17 4.08 22.77
CA LYS C 327 -8.12 4.95 23.29
C LYS C 327 -8.39 6.36 22.80
N HIS C 328 -8.51 7.31 23.70
CA HIS C 328 -8.65 8.72 23.39
C HIS C 328 -7.52 9.47 24.10
N PHE C 329 -6.71 10.18 23.33
CA PHE C 329 -5.50 10.80 23.84
C PHE C 329 -5.14 12.06 23.04
N SER C 330 -4.21 12.83 23.58
CA SER C 330 -3.56 13.93 22.87
C SER C 330 -2.05 13.83 22.96
N VAL C 331 -1.40 14.25 21.88
CA VAL C 331 0.04 14.41 21.75
C VAL C 331 0.32 15.90 21.78
N GLU C 332 1.32 16.34 22.56
CA GLU C 332 1.72 17.75 22.59
C GLU C 332 3.22 17.90 22.48
N GLY C 333 3.65 18.91 21.71
CA GLY C 333 5.05 19.13 21.37
C GLY C 333 5.15 20.08 20.17
N GLN C 334 6.13 19.83 19.30
CA GLN C 334 6.16 20.45 17.98
C GLN C 334 4.89 20.10 17.18
N LEU C 335 4.52 18.81 17.12
CA LEU C 335 3.15 18.39 16.79
C LEU C 335 2.24 18.52 18.01
N GLU C 336 1.06 19.09 17.81
CA GLU C 336 -0.07 18.95 18.73
C GLU C 336 -1.20 18.26 17.97
N PHE C 337 -1.68 17.12 18.44
CA PHE C 337 -2.81 16.42 17.83
C PHE C 337 -3.62 15.64 18.87
N ARG C 338 -4.86 15.30 18.54
CA ARG C 338 -5.77 14.46 19.33
C ARG C 338 -6.17 13.26 18.49
N ALA C 339 -6.47 12.13 19.11
CA ALA C 339 -6.97 10.98 18.37
C ALA C 339 -7.99 10.16 19.14
N LEU C 340 -8.93 9.58 18.41
CA LEU C 340 -9.78 8.47 18.85
C LEU C 340 -9.38 7.24 18.08
N LEU C 341 -8.98 6.19 18.77
CA LEU C 341 -8.70 4.89 18.17
C LEU C 341 -9.68 3.89 18.77
N PHE C 342 -10.49 3.27 17.93
CA PHE C 342 -11.50 2.28 18.29
C PHE C 342 -11.12 0.90 17.77
N VAL C 343 -11.16 -0.10 18.64
CA VAL C 343 -11.21 -1.49 18.23
C VAL C 343 -12.67 -1.86 17.93
N PRO C 344 -13.04 -2.26 16.71
CA PRO C 344 -14.41 -2.67 16.40
C PRO C 344 -14.74 -4.01 17.07
N ARG C 345 -16.02 -4.24 17.35
CA ARG C 345 -16.47 -5.48 17.97
C ARG C 345 -16.01 -6.71 17.17
N ARG C 346 -16.17 -6.67 15.85
CA ARG C 346 -15.77 -7.75 15.01
C ARG C 346 -14.86 -7.24 13.88
N ALA C 347 -13.96 -8.12 13.43
CA ALA C 347 -13.09 -7.81 12.30
C ALA C 347 -13.93 -7.67 11.02
N PRO C 348 -13.68 -6.66 10.16
CA PRO C 348 -14.30 -6.59 8.84
C PRO C 348 -14.10 -7.90 8.08
N PHE C 349 -15.15 -8.43 7.42
CA PHE C 349 -15.07 -9.74 6.75
C PHE C 349 -14.01 -9.77 5.63
N ASP C 350 -13.65 -8.60 5.12
CA ASP C 350 -12.72 -8.33 4.03
C ASP C 350 -11.36 -7.76 4.50
N LEU C 351 -11.07 -7.74 5.81
CA LEU C 351 -9.98 -6.95 6.42
C LEU C 351 -8.61 -7.05 5.73
N PHE C 352 -8.26 -8.23 5.21
CA PHE C 352 -7.00 -8.45 4.47
C PHE C 352 -7.21 -8.80 2.98
N GLU C 353 -8.46 -8.95 2.54
CA GLU C 353 -8.81 -9.17 1.13
C GLU C 353 -9.01 -7.84 0.38
N ASN C 354 -9.51 -6.82 1.09
CA ASN C 354 -9.66 -5.45 0.61
C ASN C 354 -8.30 -4.73 0.59
N ARG C 355 -7.49 -5.04 -0.43
CA ARG C 355 -6.19 -4.39 -0.62
C ARG C 355 -6.25 -2.86 -0.88
N LYS C 356 -7.43 -2.36 -1.27
CA LYS C 356 -7.64 -0.92 -1.52
C LYS C 356 -7.79 -0.10 -0.23
N LYS C 357 -8.66 -0.49 0.72
CA LYS C 357 -8.88 0.24 1.99
C LYS C 357 -7.79 -0.08 3.04
N LYS C 358 -6.55 0.33 2.77
CA LYS C 358 -5.33 0.03 3.54
C LYS C 358 -5.37 0.46 5.00
N ASN C 359 -6.07 1.54 5.33
CA ASN C 359 -6.17 2.11 6.68
C ASN C 359 -7.61 2.55 6.97
N ASN C 360 -7.99 2.46 8.25
CA ASN C 360 -9.26 2.98 8.77
C ASN C 360 -9.11 4.22 9.68
N ILE C 361 -7.98 4.93 9.57
CA ILE C 361 -7.71 6.18 10.29
C ILE C 361 -8.00 7.36 9.36
N LYS C 362 -8.81 8.33 9.79
CA LYS C 362 -9.02 9.58 9.07
C LYS C 362 -8.22 10.70 9.72
N LEU C 363 -7.45 11.44 8.94
CA LEU C 363 -6.75 12.64 9.37
C LEU C 363 -7.59 13.88 9.05
N TYR C 364 -7.80 14.71 10.06
CA TYR C 364 -8.49 15.98 10.05
C TYR C 364 -7.52 17.09 10.44
N VAL C 365 -7.74 18.31 9.96
CA VAL C 365 -7.08 19.51 10.51
C VAL C 365 -8.16 20.55 10.76
N ARG C 366 -8.24 21.09 12.00
CA ARG C 366 -9.29 22.05 12.38
C ARG C 366 -10.69 21.52 12.02
N ARG C 367 -10.94 20.24 12.33
CA ARG C 367 -12.23 19.55 12.04
C ARG C 367 -12.62 19.36 10.56
N VAL C 368 -11.74 19.73 9.63
CA VAL C 368 -11.96 19.46 8.20
C VAL C 368 -11.11 18.29 7.73
N PHE C 369 -11.69 17.39 6.95
CA PHE C 369 -11.01 16.17 6.50
C PHE C 369 -9.84 16.46 5.56
N ILE C 370 -8.71 15.78 5.74
CA ILE C 370 -7.51 15.93 4.90
C ILE C 370 -7.27 14.68 4.04
N MET C 371 -7.12 13.51 4.64
CA MET C 371 -6.91 12.23 3.97
C MET C 371 -7.17 11.06 4.92
N ASP C 372 -7.35 9.84 4.42
CA ASP C 372 -7.57 8.65 5.26
C ASP C 372 -6.64 7.48 4.89
N ASN C 373 -6.69 7.04 3.63
CA ASN C 373 -6.11 5.79 3.16
C ASN C 373 -4.58 5.86 2.96
N CYS C 374 -3.92 6.70 3.76
CA CYS C 374 -2.49 6.92 3.78
C CYS C 374 -1.81 5.87 4.66
N GLU C 375 -1.20 4.86 4.05
CA GLU C 375 -0.50 3.74 4.69
C GLU C 375 0.66 4.16 5.62
N GLU C 376 1.05 5.42 5.60
CA GLU C 376 2.07 5.99 6.49
C GLU C 376 1.51 6.32 7.89
N LEU C 377 0.18 6.43 8.08
CA LEU C 377 -0.43 6.77 9.38
C LEU C 377 -0.32 5.65 10.43
N ILE C 378 -0.64 4.41 10.08
CA ILE C 378 -0.45 3.23 10.94
C ILE C 378 0.08 2.04 10.14
N PRO C 379 0.84 1.14 10.76
CA PRO C 379 1.32 -0.07 10.13
C PRO C 379 0.17 -1.00 9.72
N GLU C 380 0.40 -1.80 8.70
CA GLU C 380 -0.61 -2.60 8.02
C GLU C 380 -1.28 -3.62 8.94
N TYR C 381 -0.60 -4.02 10.03
CA TYR C 381 -1.17 -4.91 11.02
C TYR C 381 -2.19 -4.24 11.95
N LEU C 382 -2.24 -2.91 12.04
CA LEU C 382 -3.25 -2.16 12.78
C LEU C 382 -4.42 -1.67 11.91
N ASN C 383 -4.51 -2.10 10.65
CA ASN C 383 -5.53 -1.67 9.69
C ASN C 383 -6.99 -1.81 10.15
N PHE C 384 -7.26 -2.66 11.13
CA PHE C 384 -8.56 -2.87 11.75
C PHE C 384 -9.03 -1.73 12.66
N ILE C 385 -8.12 -0.89 13.17
CA ILE C 385 -8.49 0.20 14.09
C ILE C 385 -9.22 1.28 13.31
N ARG C 386 -10.50 1.52 13.65
CA ARG C 386 -11.24 2.60 13.07
C ARG C 386 -10.90 3.77 13.93
N GLY C 387 -10.56 5.00 13.38
CA GLY C 387 -10.13 6.13 14.18
C GLY C 387 -10.09 7.46 13.46
N VAL C 388 -9.89 8.50 14.25
CA VAL C 388 -9.76 9.89 13.84
C VAL C 388 -8.50 10.45 14.46
N VAL C 389 -7.71 11.18 13.68
CA VAL C 389 -6.60 12.01 14.14
C VAL C 389 -6.92 13.42 13.74
N ASP C 390 -6.85 14.38 14.66
CA ASP C 390 -7.17 15.77 14.38
C ASP C 390 -6.13 16.71 14.97
N SER C 391 -5.80 17.78 14.26
CA SER C 391 -4.75 18.70 14.69
C SER C 391 -5.04 20.14 14.31
N GLU C 392 -4.53 21.08 15.08
CA GLU C 392 -4.71 22.51 14.86
C GLU C 392 -3.78 23.11 13.80
N ASP C 393 -2.60 22.57 13.54
CA ASP C 393 -1.54 23.34 12.88
C ASP C 393 -0.58 22.53 11.99
N LEU C 394 -1.00 21.39 11.45
CA LEU C 394 -0.22 20.69 10.43
C LEU C 394 -0.08 21.50 9.12
N PRO C 395 0.97 21.29 8.32
CA PRO C 395 1.14 21.95 7.03
C PRO C 395 0.33 21.24 5.95
N LEU C 396 -0.49 21.99 5.24
CA LEU C 396 -1.36 21.47 4.20
C LEU C 396 -0.84 21.81 2.82
N ASN C 397 -0.99 20.87 1.91
CA ASN C 397 -0.81 21.14 0.49
C ASN C 397 -1.77 22.23 0.03
N ILE C 398 -1.46 22.97 -1.04
CA ILE C 398 -2.33 24.05 -1.53
C ILE C 398 -3.76 23.58 -1.88
N SER C 399 -3.90 22.33 -2.32
CA SER C 399 -5.19 21.64 -2.54
C SER C 399 -5.98 21.37 -1.27
N ARG C 400 -5.24 21.18 -0.17
CA ARG C 400 -5.75 20.76 1.16
C ARG C 400 -6.21 19.28 1.17
N GLU C 401 -5.95 18.57 0.07
CA GLU C 401 -6.24 17.14 -0.08
C GLU C 401 -5.14 16.21 0.43
N MET C 402 -4.03 16.76 0.94
CA MET C 402 -2.96 16.00 1.60
C MET C 402 -2.12 16.89 2.50
N LEU C 403 -1.36 16.24 3.36
CA LEU C 403 -0.35 16.82 4.24
C LEU C 403 0.96 17.09 3.47
N GLN C 404 1.64 18.20 3.77
CA GLN C 404 2.77 18.68 2.97
C GLN C 404 4.14 18.10 3.33
N GLN C 405 4.36 17.68 4.58
CA GLN C 405 5.63 17.21 5.13
C GLN C 405 5.52 15.74 5.57
N SER C 406 6.16 14.81 4.89
CA SER C 406 6.04 13.38 5.21
C SER C 406 6.65 12.98 6.55
N LYS C 407 7.66 13.71 7.07
CA LYS C 407 8.21 13.46 8.41
C LYS C 407 7.18 13.57 9.54
N ILE C 408 6.07 14.28 9.31
CA ILE C 408 4.97 14.39 10.28
C ILE C 408 4.21 13.08 10.43
N LEU C 409 4.04 12.32 9.34
CA LEU C 409 3.33 11.05 9.39
C LEU C 409 4.09 10.04 10.23
N LYS C 410 5.42 10.00 10.13
CA LYS C 410 6.27 9.17 10.98
C LYS C 410 6.06 9.47 12.46
N VAL C 411 5.98 10.75 12.86
CA VAL C 411 5.76 11.12 14.26
C VAL C 411 4.32 10.88 14.71
N ILE C 412 3.33 11.03 13.84
CA ILE C 412 1.97 10.56 14.13
C ILE C 412 1.97 9.05 14.36
N ARG C 413 2.48 8.26 13.40
CA ARG C 413 2.56 6.79 13.44
C ARG C 413 3.23 6.26 14.69
N LYS C 414 4.36 6.83 15.13
CA LYS C 414 5.01 6.47 16.40
C LYS C 414 4.07 6.62 17.58
N ASN C 415 3.31 7.72 17.65
CA ASN C 415 2.39 7.96 18.74
C ASN C 415 1.09 7.14 18.63
N LEU C 416 0.55 6.93 17.44
CA LEU C 416 -0.62 6.07 17.27
C LEU C 416 -0.29 4.65 17.68
N VAL C 417 0.81 4.08 17.20
CA VAL C 417 1.20 2.70 17.54
C VAL C 417 1.47 2.55 19.04
N LYS C 418 2.21 3.47 19.66
CA LYS C 418 2.44 3.46 21.11
C LYS C 418 1.13 3.45 21.90
N LYS C 419 0.14 4.24 21.49
CA LYS C 419 -1.17 4.31 22.17
C LYS C 419 -2.12 3.17 21.80
N CYS C 420 -1.98 2.55 20.64
CA CYS C 420 -2.63 1.27 20.34
C CYS C 420 -2.13 0.16 21.24
N LEU C 421 -0.83 0.03 21.42
CA LEU C 421 -0.26 -1.01 22.24
C LEU C 421 -0.54 -0.77 23.73
N GLU C 422 -0.62 0.49 24.18
CA GLU C 422 -1.24 0.81 25.48
C GLU C 422 -2.67 0.30 25.56
N LEU C 423 -3.48 0.48 24.52
CA LEU C 423 -4.88 0.05 24.52
C LEU C 423 -4.97 -1.46 24.67
N PHE C 424 -4.20 -2.21 23.87
CA PHE C 424 -4.22 -3.67 23.94
C PHE C 424 -3.71 -4.19 25.28
N THR C 425 -2.67 -3.62 25.88
CA THR C 425 -2.23 -4.05 27.23
C THR C 425 -3.18 -3.60 28.34
N GLU C 426 -3.92 -2.50 28.19
CA GLU C 426 -5.02 -2.15 29.10
C GLU C 426 -6.26 -3.04 28.90
N LEU C 427 -6.49 -3.52 27.68
CA LEU C 427 -7.54 -4.48 27.34
C LEU C 427 -7.21 -5.87 27.86
N ALA C 428 -5.94 -6.28 27.84
CA ALA C 428 -5.45 -7.56 28.35
C ALA C 428 -5.59 -7.75 29.87
N GLU C 429 -5.80 -6.68 30.64
CA GLU C 429 -6.16 -6.77 32.06
C GLU C 429 -7.58 -7.34 32.28
N ASP C 430 -8.45 -7.24 31.28
CA ASP C 430 -9.87 -7.56 31.36
C ASP C 430 -10.19 -8.82 30.55
N LYS C 431 -9.81 -9.98 31.08
CA LYS C 431 -9.73 -11.28 30.38
C LYS C 431 -10.92 -11.60 29.47
N GLU C 432 -12.15 -11.36 29.92
CA GLU C 432 -13.36 -11.65 29.14
C GLU C 432 -13.48 -10.77 27.89
N ASN C 433 -13.10 -9.49 27.97
CA ASN C 433 -13.01 -8.63 26.79
C ASN C 433 -11.77 -8.95 25.95
N TYR C 434 -10.66 -9.35 26.57
CA TYR C 434 -9.49 -9.78 25.80
C TYR C 434 -9.75 -11.04 24.99
N LYS C 435 -10.56 -11.97 25.48
CA LYS C 435 -11.00 -13.14 24.70
C LYS C 435 -11.77 -12.72 23.46
N LYS C 436 -12.74 -11.81 23.59
CA LYS C 436 -13.50 -11.24 22.47
C LYS C 436 -12.64 -10.50 21.46
N PHE C 437 -11.57 -9.86 21.92
CA PHE C 437 -10.56 -9.22 21.08
C PHE C 437 -9.71 -10.24 20.33
N TYR C 438 -9.00 -11.10 21.05
CA TYR C 438 -8.01 -12.00 20.48
C TYR C 438 -8.64 -13.06 19.56
N GLU C 439 -9.89 -13.44 19.80
CA GLU C 439 -10.70 -14.31 18.94
C GLU C 439 -10.79 -13.82 17.49
N GLN C 440 -10.50 -12.54 17.23
CA GLN C 440 -10.72 -11.89 15.94
C GLN C 440 -9.49 -11.13 15.43
N PHE C 441 -8.68 -10.59 16.33
CA PHE C 441 -7.48 -9.82 16.01
C PHE C 441 -6.16 -10.55 16.34
N SER C 442 -6.19 -11.88 16.58
CA SER C 442 -4.98 -12.70 16.73
C SER C 442 -4.04 -12.51 15.55
N LYS C 443 -4.56 -12.59 14.32
CA LYS C 443 -3.80 -12.41 13.08
C LYS C 443 -3.06 -11.09 13.04
N ASN C 444 -3.67 -10.02 13.54
CA ASN C 444 -3.08 -8.71 13.57
C ASN C 444 -1.92 -8.61 14.56
N ILE C 445 -2.03 -9.18 15.76
CA ILE C 445 -0.91 -9.22 16.71
C ILE C 445 0.26 -10.03 16.15
N LYS C 446 -0.05 -11.17 15.52
CA LYS C 446 0.94 -12.09 14.96
C LYS C 446 1.62 -11.54 13.72
N LEU C 447 0.89 -10.83 12.88
CA LEU C 447 1.40 -10.02 11.78
C LEU C 447 2.23 -8.84 12.28
N GLY C 448 1.86 -8.27 13.43
CA GLY C 448 2.67 -7.29 14.14
C GLY C 448 4.00 -7.86 14.60
N ILE C 449 4.03 -9.06 15.16
CA ILE C 449 5.28 -9.73 15.52
C ILE C 449 6.10 -10.09 14.28
N HIS C 450 5.46 -10.41 13.16
CA HIS C 450 6.14 -10.62 11.89
C HIS C 450 6.79 -9.34 11.33
N GLU C 451 6.16 -8.17 11.47
CA GLU C 451 6.54 -6.95 10.73
C GLU C 451 7.07 -5.77 11.56
N ASP C 452 6.78 -5.70 12.86
CA ASP C 452 7.13 -4.58 13.75
C ASP C 452 8.22 -4.99 14.75
N SER C 453 9.48 -4.87 14.32
CA SER C 453 10.65 -5.27 15.11
C SER C 453 10.84 -4.47 16.40
N GLN C 454 10.30 -3.25 16.48
CA GLN C 454 10.45 -2.38 17.63
C GLN C 454 9.49 -2.80 18.75
N ASN C 455 8.22 -2.94 18.44
CA ASN C 455 7.20 -3.31 19.42
C ASN C 455 7.07 -4.82 19.66
N ARG C 456 7.89 -5.62 18.96
CA ARG C 456 7.88 -7.09 19.08
C ARG C 456 7.78 -7.61 20.52
N LYS C 457 8.57 -7.00 21.41
CA LYS C 457 8.53 -7.35 22.83
C LYS C 457 7.16 -7.10 23.44
N LYS C 458 6.59 -5.89 23.29
CA LYS C 458 5.26 -5.51 23.79
C LYS C 458 4.16 -6.40 23.20
N LEU C 459 4.20 -6.65 21.90
CA LEU C 459 3.29 -7.54 21.20
C LEU C 459 3.38 -9.00 21.69
N SER C 460 4.57 -9.50 22.05
CA SER C 460 4.72 -10.88 22.53
C SER C 460 3.89 -11.16 23.78
N GLU C 461 3.66 -10.17 24.64
CA GLU C 461 2.82 -10.30 25.84
C GLU C 461 1.30 -10.27 25.53
N LEU C 462 0.92 -9.89 24.31
CA LEU C 462 -0.46 -9.94 23.82
C LEU C 462 -0.83 -11.30 23.23
N LEU C 463 0.13 -12.16 22.94
CA LEU C 463 -0.13 -13.49 22.40
C LEU C 463 -0.87 -14.35 23.41
N ARG C 464 -1.78 -15.16 22.85
CA ARG C 464 -2.59 -16.15 23.57
C ARG C 464 -2.56 -17.44 22.75
N TYR C 465 -2.32 -18.57 23.40
CA TYR C 465 -2.22 -19.87 22.74
C TYR C 465 -2.90 -20.96 23.55
N TYR C 466 -3.43 -21.99 22.90
CA TYR C 466 -3.75 -23.22 23.59
C TYR C 466 -2.46 -23.95 23.96
N THR C 467 -2.47 -24.77 25.00
CA THR C 467 -1.31 -25.57 25.41
C THR C 467 -1.76 -26.90 25.98
N SER C 468 -0.84 -27.86 26.10
CA SER C 468 -1.14 -29.18 26.67
C SER C 468 -1.66 -29.15 28.11
N ALA C 469 -1.34 -28.11 28.89
CA ALA C 469 -1.84 -27.93 30.25
C ALA C 469 -3.13 -27.07 30.34
N SER C 470 -3.63 -26.54 29.22
CA SER C 470 -4.77 -25.62 29.21
C SER C 470 -6.03 -26.25 28.60
N GLY C 471 -7.10 -26.34 29.39
CA GLY C 471 -8.30 -27.13 29.07
C GLY C 471 -9.25 -26.46 28.07
N ASP C 472 -8.94 -26.56 26.77
CA ASP C 472 -9.68 -25.88 25.70
C ASP C 472 -9.82 -24.36 25.95
N GLU C 473 -8.74 -23.77 26.44
CA GLU C 473 -8.65 -22.36 26.81
C GLU C 473 -7.26 -21.81 26.43
N MET C 474 -7.15 -20.50 26.20
CA MET C 474 -5.91 -19.87 25.72
C MET C 474 -5.19 -19.11 26.83
N VAL C 475 -3.87 -19.27 26.92
CA VAL C 475 -3.00 -18.71 27.96
C VAL C 475 -1.90 -17.85 27.36
N SER C 476 -1.39 -16.89 28.11
CA SER C 476 -0.27 -16.04 27.68
C SER C 476 1.08 -16.70 27.92
N LEU C 477 2.13 -16.25 27.24
CA LEU C 477 3.48 -16.76 27.48
C LEU C 477 3.95 -16.53 28.95
N LYS C 478 3.44 -15.53 29.66
CA LYS C 478 3.70 -15.32 31.09
C LYS C 478 3.08 -16.41 31.97
N ASP C 479 1.95 -16.97 31.55
CA ASP C 479 1.30 -18.10 32.23
C ASP C 479 2.05 -19.42 31.96
N TYR C 480 2.54 -19.64 30.74
CA TYR C 480 3.45 -20.75 30.43
C TYR C 480 4.69 -20.67 31.32
N CYS C 481 5.37 -19.51 31.34
CA CYS C 481 6.54 -19.29 32.18
C CYS C 481 6.27 -19.42 33.67
N THR C 482 5.05 -19.13 34.14
CA THR C 482 4.67 -19.35 35.54
C THR C 482 4.63 -20.84 35.88
N ARG C 483 4.23 -21.70 34.94
CA ARG C 483 4.14 -23.16 35.11
C ARG C 483 5.42 -23.93 34.77
N MET C 484 6.38 -23.33 34.05
CA MET C 484 7.66 -23.97 33.70
C MET C 484 8.36 -24.62 34.90
N LYS C 485 8.83 -25.85 34.71
CA LYS C 485 9.63 -26.58 35.71
C LYS C 485 11.02 -25.96 35.86
N GLU C 486 11.66 -26.10 37.02
CA GLU C 486 12.92 -25.42 37.32
C GLU C 486 14.09 -25.83 36.41
N ASN C 487 13.99 -27.01 35.79
CA ASN C 487 14.97 -27.50 34.83
C ASN C 487 14.78 -26.92 33.41
N GLN C 488 13.61 -26.36 33.04
CA GLN C 488 13.37 -25.84 31.69
C GLN C 488 14.09 -24.50 31.46
N LYS C 489 14.87 -24.42 30.38
CA LYS C 489 15.45 -23.17 29.86
C LYS C 489 14.82 -22.75 28.51
N HIS C 490 13.78 -23.46 28.07
CA HIS C 490 13.16 -23.35 26.75
C HIS C 490 11.64 -23.42 26.84
N ILE C 491 10.96 -22.71 25.96
CA ILE C 491 9.51 -22.78 25.78
C ILE C 491 9.25 -23.73 24.62
N TYR C 492 8.64 -24.87 24.90
CA TYR C 492 8.36 -25.88 23.89
C TYR C 492 7.10 -25.50 23.13
N TYR C 493 7.16 -25.41 21.82
CA TYR C 493 5.99 -25.19 20.98
C TYR C 493 5.90 -26.22 19.87
N ILE C 494 4.69 -26.47 19.38
CA ILE C 494 4.45 -27.27 18.19
C ILE C 494 3.55 -26.48 17.27
N THR C 495 3.76 -26.64 15.97
CA THR C 495 2.95 -26.02 14.93
C THR C 495 2.27 -27.08 14.06
N GLY C 496 1.05 -26.83 13.60
CA GLY C 496 0.32 -27.80 12.76
C GLY C 496 -1.00 -27.29 12.20
N GLU C 497 -1.84 -28.21 11.74
CA GLU C 497 -3.06 -27.93 11.01
C GLU C 497 -4.30 -27.78 11.90
N THR C 498 -4.40 -28.52 13.02
CA THR C 498 -5.56 -28.49 13.94
C THR C 498 -5.12 -28.75 15.38
N LYS C 499 -5.90 -28.34 16.39
CA LYS C 499 -5.55 -28.59 17.80
C LYS C 499 -5.45 -30.09 18.11
N ASP C 500 -6.30 -30.92 17.51
CA ASP C 500 -6.22 -32.37 17.67
C ASP C 500 -4.99 -32.97 16.97
N GLN C 501 -4.66 -32.50 15.77
CA GLN C 501 -3.53 -33.01 15.00
C GLN C 501 -2.19 -32.71 15.68
N VAL C 502 -2.02 -31.56 16.33
CA VAL C 502 -0.83 -31.28 17.15
C VAL C 502 -0.88 -31.98 18.51
N ALA C 503 -2.00 -31.95 19.24
CA ALA C 503 -2.08 -32.53 20.57
C ALA C 503 -1.90 -34.06 20.58
N ASN C 504 -2.37 -34.76 19.56
CA ASN C 504 -2.20 -36.21 19.42
C ASN C 504 -0.81 -36.60 18.86
N SER C 505 0.00 -35.64 18.40
CA SER C 505 1.18 -35.94 17.57
C SER C 505 2.26 -36.75 18.29
N ALA C 506 3.13 -37.39 17.51
CA ALA C 506 4.25 -38.18 18.01
C ALA C 506 5.30 -37.32 18.73
N PHE C 507 5.49 -36.07 18.31
CA PHE C 507 6.55 -35.22 18.84
C PHE C 507 6.40 -34.86 20.32
N VAL C 508 5.18 -34.76 20.82
CA VAL C 508 4.89 -34.39 22.20
C VAL C 508 4.82 -35.58 23.15
N GLU C 509 5.06 -36.81 22.70
CA GLU C 509 4.83 -38.01 23.51
C GLU C 509 5.64 -38.05 24.79
N ARG C 510 6.95 -37.73 24.76
CA ARG C 510 7.75 -37.71 26.00
C ARG C 510 7.62 -36.40 26.79
N LEU C 511 7.34 -35.30 26.09
CA LEU C 511 7.11 -34.03 26.77
C LEU C 511 5.94 -34.16 27.76
N ARG C 512 4.79 -34.63 27.30
CA ARG C 512 3.62 -34.86 28.17
C ARG C 512 3.85 -35.96 29.20
N LYS C 513 4.70 -36.96 28.93
CA LYS C 513 5.10 -37.96 29.93
C LYS C 513 5.85 -37.33 31.10
N HIS C 514 6.77 -36.40 30.85
CA HIS C 514 7.39 -35.59 31.90
C HIS C 514 6.46 -34.52 32.49
N GLY C 515 5.30 -34.25 31.90
CA GLY C 515 4.44 -33.12 32.26
C GLY C 515 5.01 -31.77 31.81
N LEU C 516 5.93 -31.75 30.85
CA LEU C 516 6.43 -30.51 30.26
C LEU C 516 5.34 -29.91 29.37
N GLU C 517 5.03 -28.64 29.56
CA GLU C 517 3.96 -28.01 28.80
C GLU C 517 4.40 -27.68 27.37
N VAL C 518 3.49 -27.82 26.40
CA VAL C 518 3.75 -27.53 24.99
C VAL C 518 2.72 -26.54 24.46
N ILE C 519 3.16 -25.50 23.77
CA ILE C 519 2.30 -24.51 23.11
C ILE C 519 1.77 -25.06 21.79
N TYR C 520 0.46 -24.98 21.56
CA TYR C 520 -0.14 -25.39 20.29
C TYR C 520 -0.34 -24.18 19.38
N MET C 521 0.34 -24.20 18.25
CA MET C 521 0.23 -23.20 17.18
C MET C 521 -0.44 -23.83 15.96
N ILE C 522 -1.52 -23.23 15.48
CA ILE C 522 -2.52 -23.88 14.64
C ILE C 522 -3.15 -22.98 13.55
N GLU C 523 -2.87 -21.67 13.53
CA GLU C 523 -3.10 -20.83 12.34
C GLU C 523 -1.86 -20.87 11.41
N PRO C 524 -1.99 -20.62 10.09
CA PRO C 524 -0.81 -20.45 9.24
C PRO C 524 0.04 -19.22 9.62
N ILE C 525 -0.59 -18.14 10.08
CA ILE C 525 0.11 -16.93 10.55
C ILE C 525 1.01 -17.21 11.76
N ASP C 526 0.74 -18.26 12.56
CA ASP C 526 1.60 -18.61 13.69
C ASP C 526 3.02 -18.95 13.25
N GLU C 527 3.20 -19.50 12.05
CA GLU C 527 4.51 -19.90 11.54
C GLU C 527 5.34 -18.69 11.10
N TYR C 528 4.70 -17.70 10.46
CA TYR C 528 5.32 -16.41 10.13
C TYR C 528 5.64 -15.57 11.36
N CYS C 529 4.83 -15.68 12.41
CA CYS C 529 5.03 -15.05 13.71
C CYS C 529 6.20 -15.68 14.50
N VAL C 530 6.19 -17.00 14.67
CA VAL C 530 7.10 -17.67 15.61
C VAL C 530 8.56 -17.62 15.17
N GLN C 531 8.82 -17.45 13.87
CA GLN C 531 10.15 -17.18 13.32
C GLN C 531 10.79 -15.92 13.89
N GLN C 532 10.01 -14.89 14.22
CA GLN C 532 10.52 -13.66 14.84
C GLN C 532 10.49 -13.72 16.37
N LEU C 533 9.56 -14.50 16.92
CA LEU C 533 9.39 -14.73 18.36
C LEU C 533 10.45 -15.71 18.93
N LYS C 534 11.75 -15.45 18.68
CA LYS C 534 12.83 -16.39 19.03
C LYS C 534 13.00 -16.63 20.53
N GLU C 535 12.74 -15.63 21.36
CA GLU C 535 12.92 -15.74 22.82
C GLU C 535 11.85 -14.92 23.53
N PHE C 536 11.40 -15.37 24.70
CA PHE C 536 10.48 -14.62 25.56
C PHE C 536 11.00 -14.63 27.00
N GLU C 537 11.18 -13.49 27.65
CA GLU C 537 11.70 -13.40 29.03
C GLU C 537 13.03 -14.17 29.27
N GLY C 538 13.89 -14.24 28.26
CA GLY C 538 15.14 -15.00 28.32
C GLY C 538 14.99 -16.52 28.15
N LYS C 539 13.78 -17.02 27.84
CA LYS C 539 13.48 -18.43 27.55
C LYS C 539 13.37 -18.62 26.04
N THR C 540 14.22 -19.45 25.44
CA THR C 540 14.22 -19.65 23.98
C THR C 540 13.02 -20.50 23.55
N LEU C 541 12.23 -20.03 22.58
CA LEU C 541 11.17 -20.85 21.98
C LEU C 541 11.81 -21.89 21.06
N VAL C 542 11.57 -23.18 21.33
CA VAL C 542 12.08 -24.29 20.52
C VAL C 542 10.93 -25.13 19.97
N SER C 543 10.91 -25.35 18.66
CA SER C 543 9.91 -26.24 18.08
C SER C 543 10.20 -27.66 18.51
N VAL C 544 9.18 -28.37 18.98
CA VAL C 544 9.28 -29.80 19.27
C VAL C 544 9.37 -30.65 18.00
N THR C 545 9.34 -30.07 16.79
CA THR C 545 9.48 -30.81 15.52
C THR C 545 10.87 -30.64 14.87
N LYS C 546 11.86 -30.07 15.57
CA LYS C 546 13.22 -29.84 15.07
C LYS C 546 14.24 -30.75 15.77
N GLU C 547 15.26 -31.18 15.04
CA GLU C 547 16.31 -32.11 15.48
C GLU C 547 16.91 -31.81 16.88
N GLY C 548 17.34 -32.86 17.59
CA GLY C 548 18.10 -32.68 18.85
C GLY C 548 17.34 -31.91 19.93
N LEU C 549 16.05 -32.19 20.11
CA LEU C 549 15.24 -31.59 21.16
C LEU C 549 15.79 -31.95 22.54
N GLU C 550 16.17 -30.94 23.32
CA GLU C 550 16.72 -31.15 24.66
C GLU C 550 15.60 -31.10 25.70
N LEU C 551 15.14 -32.27 26.15
CA LEU C 551 14.33 -32.40 27.36
C LEU C 551 15.24 -32.43 28.60
N PRO C 552 14.79 -31.94 29.78
CA PRO C 552 15.55 -31.95 31.04
C PRO C 552 15.70 -33.35 31.68
N GLU C 553 16.32 -34.26 30.94
CA GLU C 553 16.62 -35.63 31.36
C GLU C 553 17.67 -35.73 32.49
N ASP C 554 17.60 -36.79 33.28
CA ASP C 554 18.58 -37.18 34.30
C ASP C 554 19.81 -37.88 33.68
N GLU C 555 20.93 -37.97 34.42
CA GLU C 555 22.12 -38.71 34.00
C GLU C 555 21.85 -40.21 33.78
N GLU C 556 20.95 -40.82 34.55
CA GLU C 556 20.53 -42.20 34.32
C GLU C 556 19.78 -42.35 32.99
N GLU C 557 18.99 -41.35 32.61
CA GLU C 557 18.33 -41.31 31.31
C GLU C 557 19.33 -41.04 30.18
N LYS C 558 20.28 -40.11 30.36
CA LYS C 558 21.34 -39.87 29.38
C LYS C 558 22.16 -41.13 29.12
N LYS C 559 22.51 -41.91 30.17
CA LYS C 559 23.19 -43.20 30.02
C LYS C 559 22.35 -44.20 29.23
N LYS C 560 21.06 -44.35 29.55
CA LYS C 560 20.13 -45.19 28.78
C LYS C 560 20.02 -44.76 27.31
N GLN C 561 20.01 -43.45 27.02
CA GLN C 561 20.04 -42.95 25.65
C GLN C 561 21.35 -43.27 24.91
N GLU C 562 22.51 -43.21 25.57
CA GLU C 562 23.77 -43.66 24.97
C GLU C 562 23.83 -45.18 24.72
N GLU C 563 23.26 -46.00 25.61
CA GLU C 563 23.11 -47.45 25.39
C GLU C 563 22.18 -47.73 24.20
N LYS C 564 21.05 -47.02 24.13
CA LYS C 564 20.08 -47.15 23.04
C LYS C 564 20.68 -46.73 21.70
N LYS C 565 21.38 -45.60 21.63
CA LYS C 565 22.16 -45.21 20.42
C LYS C 565 23.23 -46.24 20.06
N THR C 566 23.85 -46.88 21.05
CA THR C 566 24.85 -47.93 20.81
C THR C 566 24.21 -49.16 20.17
N LYS C 567 23.19 -49.76 20.80
CA LYS C 567 22.62 -51.04 20.32
C LYS C 567 21.84 -50.95 19.00
N PHE C 568 21.38 -49.76 18.63
CA PHE C 568 20.69 -49.48 17.35
C PHE C 568 21.57 -48.81 16.28
N GLU C 569 22.87 -48.64 16.48
CA GLU C 569 23.77 -47.98 15.51
C GLU C 569 23.69 -48.59 14.10
N ASN C 570 23.72 -49.93 14.01
CA ASN C 570 23.61 -50.64 12.74
C ASN C 570 22.25 -50.44 12.08
N LEU C 571 21.15 -50.49 12.85
CA LEU C 571 19.82 -50.30 12.28
C LEU C 571 19.68 -48.94 11.62
N CYS C 572 20.21 -47.88 12.22
CA CYS C 572 20.17 -46.54 11.62
C CYS C 572 20.93 -46.49 10.29
N LYS C 573 22.09 -47.15 10.19
CA LYS C 573 22.84 -47.26 8.93
C LYS C 573 22.06 -48.05 7.88
N ILE C 574 21.41 -49.15 8.27
CA ILE C 574 20.60 -49.99 7.37
C ILE C 574 19.36 -49.22 6.88
N MET C 575 18.65 -48.53 7.77
CA MET C 575 17.51 -47.71 7.39
C MET C 575 17.91 -46.52 6.50
N LYS C 576 19.08 -45.93 6.70
CA LYS C 576 19.61 -44.86 5.83
C LYS C 576 20.02 -45.37 4.44
N ASP C 577 20.45 -46.63 4.31
CA ASP C 577 20.62 -47.24 2.99
C ASP C 577 19.28 -47.45 2.26
N ILE C 578 18.23 -47.86 2.98
CA ILE C 578 16.91 -48.09 2.38
C ILE C 578 16.21 -46.77 2.04
N LEU C 579 16.30 -45.78 2.93
CA LEU C 579 15.71 -44.44 2.80
C LEU C 579 16.67 -43.42 2.15
N GLU C 580 17.63 -43.87 1.34
CA GLU C 580 18.64 -43.00 0.76
C GLU C 580 18.01 -41.87 -0.07
N LYS C 581 18.55 -40.66 0.06
CA LYS C 581 18.03 -39.37 -0.44
C LYS C 581 16.67 -38.91 0.14
N LYS C 582 15.87 -39.82 0.72
CA LYS C 582 14.56 -39.52 1.33
C LYS C 582 14.67 -38.85 2.70
N VAL C 583 15.83 -38.99 3.37
CA VAL C 583 16.20 -38.37 4.65
C VAL C 583 17.68 -37.99 4.65
N GLU C 584 18.08 -37.02 5.46
CA GLU C 584 19.49 -36.73 5.73
C GLU C 584 20.12 -37.81 6.61
N LYS C 585 19.40 -38.26 7.65
CA LYS C 585 19.89 -39.26 8.60
C LYS C 585 18.75 -39.97 9.32
N VAL C 586 19.07 -41.09 9.94
CA VAL C 586 18.17 -41.83 10.83
C VAL C 586 18.81 -41.89 12.21
N VAL C 587 18.08 -41.56 13.28
CA VAL C 587 18.64 -41.37 14.63
C VAL C 587 17.74 -41.97 15.70
N VAL C 588 18.31 -42.47 16.79
CA VAL C 588 17.56 -42.92 17.98
C VAL C 588 17.15 -41.71 18.83
N SER C 589 15.92 -41.70 19.37
CA SER C 589 15.33 -40.48 19.94
C SER C 589 14.83 -40.54 21.39
N ASN C 590 14.99 -39.40 22.09
CA ASN C 590 14.45 -39.08 23.41
C ASN C 590 13.00 -38.54 23.39
N ARG C 591 12.51 -38.14 22.23
CA ARG C 591 11.17 -37.49 22.14
C ARG C 591 9.91 -38.33 21.94
N LEU C 592 10.09 -39.63 21.74
CA LEU C 592 8.99 -40.57 21.51
C LEU C 592 8.74 -41.51 22.69
N VAL C 593 7.55 -42.14 22.73
CA VAL C 593 7.16 -43.16 23.73
C VAL C 593 6.37 -44.29 23.08
N THR C 594 5.32 -43.98 22.32
CA THR C 594 4.36 -44.91 21.74
C THR C 594 4.39 -44.98 20.21
N SER C 595 4.84 -43.94 19.51
CA SER C 595 5.03 -43.98 18.06
C SER C 595 6.36 -44.68 17.72
N PRO C 596 6.45 -45.53 16.69
CA PRO C 596 7.68 -46.24 16.35
C PRO C 596 8.74 -45.32 15.75
N CYS C 597 8.34 -44.25 15.07
CA CYS C 597 9.25 -43.21 14.60
C CYS C 597 8.48 -41.94 14.21
N CYS C 598 9.17 -40.82 14.06
CA CYS C 598 8.62 -39.60 13.46
C CYS C 598 9.70 -38.89 12.63
N ILE C 599 9.32 -38.10 11.63
CA ILE C 599 10.27 -37.30 10.87
C ILE C 599 10.29 -35.87 11.42
N VAL C 600 11.42 -35.47 11.97
CA VAL C 600 11.72 -34.07 12.33
C VAL C 600 12.49 -33.42 11.20
N THR C 601 12.62 -32.10 11.22
CA THR C 601 13.51 -31.38 10.31
C THR C 601 14.81 -30.97 10.99
N SER C 602 15.83 -30.66 10.20
CA SER C 602 16.98 -29.88 10.64
C SER C 602 16.57 -28.51 11.19
N THR C 603 17.41 -27.89 12.02
CA THR C 603 17.10 -26.60 12.66
C THR C 603 17.01 -25.44 11.69
N TYR C 604 17.95 -25.34 10.75
CA TYR C 604 18.10 -24.21 9.83
C TYR C 604 17.35 -24.44 8.50
N GLY C 605 16.02 -24.36 8.57
CA GLY C 605 15.12 -24.40 7.41
C GLY C 605 13.64 -24.44 7.81
N TRP C 606 12.77 -24.57 6.82
CA TRP C 606 11.32 -24.65 7.01
C TRP C 606 10.90 -25.95 7.72
N THR C 607 10.06 -25.83 8.76
CA THR C 607 9.35 -26.97 9.39
C THR C 607 8.40 -27.64 8.41
N ALA C 608 7.84 -28.81 8.75
CA ALA C 608 6.81 -29.43 7.92
C ALA C 608 5.58 -28.53 7.71
N ASN C 609 5.22 -27.71 8.70
CA ASN C 609 4.11 -26.77 8.60
C ASN C 609 4.48 -25.54 7.75
N MET C 610 5.67 -24.95 7.93
CA MET C 610 6.11 -23.88 7.04
C MET C 610 6.26 -24.37 5.59
N GLU C 611 6.72 -25.60 5.39
CA GLU C 611 6.84 -26.18 4.06
C GLU C 611 5.48 -26.35 3.39
N ARG C 612 4.45 -26.78 4.11
CA ARG C 612 3.13 -26.90 3.51
C ARG C 612 2.52 -25.50 3.22
N ILE C 613 2.81 -24.55 4.10
CA ILE C 613 2.28 -23.18 3.99
C ILE C 613 2.92 -22.46 2.81
N MET C 614 4.24 -22.50 2.66
CA MET C 614 4.91 -21.85 1.54
C MET C 614 4.55 -22.53 0.20
N LYS C 615 4.39 -23.86 0.17
CA LYS C 615 3.85 -24.59 -1.00
C LYS C 615 2.41 -24.22 -1.39
N ALA C 616 1.72 -23.39 -0.62
CA ALA C 616 0.35 -22.92 -0.87
C ALA C 616 0.25 -21.40 -1.11
N GLN C 617 1.33 -20.64 -1.00
CA GLN C 617 1.31 -19.22 -1.35
C GLN C 617 1.42 -19.06 -2.87
N ALA C 618 0.34 -18.64 -3.52
CA ALA C 618 0.22 -18.58 -4.97
C ALA C 618 1.26 -17.68 -5.65
N LEU C 619 1.57 -16.55 -5.02
CA LEU C 619 2.43 -15.49 -5.56
C LEU C 619 3.84 -15.44 -4.93
N ARG C 620 4.34 -16.61 -4.54
CA ARG C 620 5.69 -16.71 -4.03
C ARG C 620 6.56 -17.37 -5.12
N ASP C 621 7.76 -16.86 -5.38
CA ASP C 621 8.67 -17.43 -6.37
C ASP C 621 9.13 -18.84 -5.93
N ASN C 622 8.87 -19.87 -6.75
CA ASN C 622 9.19 -21.27 -6.45
C ASN C 622 10.69 -21.51 -6.16
N SER C 623 11.59 -20.64 -6.65
CA SER C 623 13.04 -20.79 -6.50
C SER C 623 13.49 -20.89 -5.03
N THR C 624 12.80 -20.22 -4.09
CA THR C 624 13.17 -20.24 -2.66
C THR C 624 12.81 -21.56 -1.99
N MET C 625 11.74 -22.21 -2.46
CA MET C 625 11.28 -23.52 -1.98
C MET C 625 12.32 -24.62 -2.27
N GLY C 626 13.13 -24.44 -3.33
CA GLY C 626 14.17 -25.39 -3.73
C GLY C 626 15.38 -25.48 -2.79
N TYR C 627 15.53 -24.57 -1.82
CA TYR C 627 16.61 -24.63 -0.83
C TYR C 627 16.18 -24.39 0.62
N MET C 628 15.12 -23.62 0.88
CA MET C 628 14.62 -23.39 2.24
C MET C 628 13.93 -24.60 2.88
N ALA C 629 13.42 -25.54 2.07
CA ALA C 629 12.85 -26.79 2.56
C ALA C 629 13.92 -27.58 3.33
N ALA C 630 13.74 -27.73 4.65
CA ALA C 630 14.72 -28.31 5.55
C ALA C 630 14.98 -29.80 5.29
N LYS C 631 16.10 -30.31 5.82
CA LYS C 631 16.48 -31.71 5.69
C LYS C 631 15.73 -32.58 6.70
N LYS C 632 15.08 -33.64 6.24
CA LYS C 632 14.29 -34.57 7.08
C LYS C 632 15.21 -35.52 7.84
N HIS C 633 15.06 -35.64 9.16
CA HIS C 633 15.70 -36.71 9.94
C HIS C 633 14.63 -37.67 10.43
N LEU C 634 14.81 -38.97 10.24
CA LEU C 634 13.90 -39.95 10.84
C LEU C 634 14.35 -40.27 12.27
N GLU C 635 13.55 -39.87 13.24
CA GLU C 635 13.74 -40.22 14.63
C GLU C 635 13.07 -41.55 14.95
N ILE C 636 13.84 -42.58 15.24
CA ILE C 636 13.42 -43.88 15.75
C ILE C 636 13.06 -43.80 17.24
N ASN C 637 12.00 -44.50 17.66
CA ASN C 637 11.74 -44.86 19.05
C ASN C 637 12.39 -46.21 19.39
N PRO C 638 13.48 -46.25 20.17
CA PRO C 638 14.19 -47.50 20.48
C PRO C 638 13.40 -48.44 21.40
N ASP C 639 12.37 -47.95 22.09
CA ASP C 639 11.53 -48.72 23.02
C ASP C 639 10.29 -49.34 22.36
N HIS C 640 10.10 -49.15 21.05
CA HIS C 640 8.96 -49.68 20.32
C HIS C 640 9.17 -51.15 19.91
N SER C 641 8.11 -51.95 20.00
CA SER C 641 8.14 -53.37 19.62
C SER C 641 8.36 -53.58 18.12
N ILE C 642 7.87 -52.70 17.25
CA ILE C 642 8.16 -52.73 15.81
C ILE C 642 9.66 -52.53 15.60
N ILE C 643 10.25 -51.52 16.23
CA ILE C 643 11.66 -51.15 16.03
C ILE C 643 12.61 -52.21 16.59
N GLU C 644 12.33 -52.77 17.77
CA GLU C 644 13.13 -53.87 18.31
C GLU C 644 13.04 -55.13 17.41
N THR C 645 11.87 -55.40 16.83
CA THR C 645 11.72 -56.53 15.88
C THR C 645 12.45 -56.24 14.56
N LEU C 646 12.37 -55.00 14.07
CA LEU C 646 13.08 -54.50 12.90
C LEU C 646 14.61 -54.56 13.10
N ARG C 647 15.07 -54.41 14.33
CA ARG C 647 16.49 -54.55 14.62
C ARG C 647 16.89 -56.03 14.48
N GLN C 648 16.11 -56.92 15.11
CA GLN C 648 16.39 -58.35 15.06
C GLN C 648 16.38 -58.91 13.63
N LYS C 649 15.54 -58.37 12.74
CA LYS C 649 15.57 -58.69 11.30
C LYS C 649 16.75 -58.04 10.58
N ALA C 650 16.99 -56.75 10.77
CA ALA C 650 18.09 -56.02 10.11
C ALA C 650 19.48 -56.57 10.48
N GLU C 651 19.68 -56.97 11.73
CA GLU C 651 20.92 -57.61 12.20
C GLU C 651 21.04 -59.09 11.82
N ALA C 652 19.93 -59.75 11.45
CA ALA C 652 19.96 -61.09 10.86
C ALA C 652 20.32 -61.03 9.37
N ASP C 653 19.69 -60.13 8.60
CA ASP C 653 19.92 -59.90 7.17
C ASP C 653 19.65 -58.44 6.78
N LYS C 654 20.72 -57.73 6.41
CA LYS C 654 20.71 -56.32 5.95
C LYS C 654 19.81 -56.06 4.74
N ASN C 655 19.61 -57.08 3.89
CA ASN C 655 18.96 -56.98 2.59
C ASN C 655 17.66 -57.80 2.49
N ASP C 656 17.05 -58.15 3.62
CA ASP C 656 15.75 -58.82 3.65
C ASP C 656 14.66 -57.92 3.03
N LYS C 657 13.96 -58.41 2.00
CA LYS C 657 12.88 -57.66 1.34
C LYS C 657 11.77 -57.25 2.32
N SER C 658 11.52 -58.05 3.36
CA SER C 658 10.56 -57.70 4.40
C SER C 658 11.07 -56.59 5.34
N VAL C 659 12.38 -56.37 5.45
CA VAL C 659 12.95 -55.16 6.07
C VAL C 659 12.85 -53.97 5.12
N LYS C 660 13.15 -54.14 3.83
CA LYS C 660 13.03 -53.05 2.85
C LYS C 660 11.61 -52.48 2.80
N ASP C 661 10.59 -53.34 2.77
CA ASP C 661 9.17 -52.96 2.78
C ASP C 661 8.73 -52.30 4.09
N LEU C 662 9.14 -52.86 5.24
CA LEU C 662 8.81 -52.33 6.56
C LEU C 662 9.38 -50.91 6.73
N VAL C 663 10.65 -50.71 6.38
CA VAL C 663 11.34 -49.42 6.60
C VAL C 663 10.75 -48.30 5.75
N ILE C 664 10.37 -48.56 4.50
CA ILE C 664 9.77 -47.53 3.64
C ILE C 664 8.31 -47.24 4.00
N LEU C 665 7.55 -48.24 4.45
CA LEU C 665 6.19 -48.04 4.96
C LEU C 665 6.18 -47.23 6.27
N LEU C 666 7.15 -47.45 7.16
CA LEU C 666 7.34 -46.60 8.35
C LEU C 666 7.72 -45.17 7.98
N TYR C 667 8.60 -44.96 7.00
CA TYR C 667 8.92 -43.61 6.52
C TYR C 667 7.70 -42.87 5.97
N GLU C 668 6.89 -43.50 5.12
CA GLU C 668 5.70 -42.85 4.55
C GLU C 668 4.63 -42.59 5.61
N THR C 669 4.47 -43.48 6.58
CA THR C 669 3.56 -43.25 7.71
C THR C 669 4.08 -42.14 8.62
N ALA C 670 5.40 -42.03 8.82
CA ALA C 670 6.02 -40.95 9.55
C ALA C 670 5.90 -39.61 8.83
N LEU C 671 5.99 -39.56 7.49
CA LEU C 671 5.78 -38.31 6.74
C LEU C 671 4.39 -37.73 7.02
N LEU C 672 3.36 -38.57 6.98
CA LEU C 672 1.98 -38.19 7.26
C LEU C 672 1.77 -37.79 8.73
N SER C 673 2.28 -38.58 9.67
CA SER C 673 2.22 -38.30 11.11
C SER C 673 2.89 -36.98 11.46
N SER C 674 4.01 -36.67 10.82
CA SER C 674 4.76 -35.41 10.95
C SER C 674 4.14 -34.22 10.24
N GLY C 675 3.14 -34.43 9.38
CA GLY C 675 2.40 -33.34 8.74
C GLY C 675 2.99 -32.87 7.40
N PHE C 676 3.93 -33.61 6.82
CA PHE C 676 4.29 -33.44 5.41
C PHE C 676 3.21 -33.99 4.47
N SER C 677 3.27 -33.62 3.19
CA SER C 677 2.66 -34.40 2.11
C SER C 677 3.67 -35.44 1.58
N LEU C 678 3.16 -36.49 0.93
CA LEU C 678 3.98 -37.49 0.23
C LEU C 678 4.34 -37.00 -1.17
N GLU C 679 5.53 -37.33 -1.70
CA GLU C 679 5.90 -37.00 -3.08
C GLU C 679 5.05 -37.75 -4.13
N ASP C 680 4.53 -38.93 -3.77
CA ASP C 680 3.43 -39.59 -4.48
C ASP C 680 2.54 -40.35 -3.49
N PRO C 681 1.34 -39.84 -3.16
CA PRO C 681 0.35 -40.57 -2.39
C PRO C 681 -0.12 -41.89 -3.00
N GLN C 682 -0.05 -42.10 -4.32
CA GLN C 682 -0.59 -43.31 -4.93
C GLN C 682 0.31 -44.53 -4.74
N THR C 683 1.63 -44.36 -4.87
CA THR C 683 2.61 -45.42 -4.55
C THR C 683 2.49 -45.86 -3.09
N HIS C 684 2.20 -44.93 -2.17
CA HIS C 684 1.88 -45.26 -0.78
C HIS C 684 0.54 -45.99 -0.64
N ALA C 685 -0.54 -45.46 -1.22
CA ALA C 685 -1.83 -46.10 -1.15
C ALA C 685 -1.78 -47.54 -1.68
N ASN C 686 -1.04 -47.82 -2.76
CA ASN C 686 -0.85 -49.16 -3.27
C ASN C 686 -0.17 -50.14 -2.28
N ARG C 687 0.53 -49.64 -1.26
CA ARG C 687 1.10 -50.48 -0.22
C ARG C 687 -0.04 -50.92 0.73
N ILE C 688 -0.83 -49.94 1.17
CA ILE C 688 -1.99 -50.22 2.02
C ILE C 688 -2.98 -51.12 1.29
N TYR C 689 -3.25 -50.91 0.00
CA TYR C 689 -4.14 -51.78 -0.76
C TYR C 689 -3.58 -53.20 -0.94
N ARG C 690 -2.26 -53.38 -1.00
CA ARG C 690 -1.65 -54.72 -0.92
C ARG C 690 -1.82 -55.35 0.46
N MET C 691 -1.61 -54.60 1.55
CA MET C 691 -1.86 -55.09 2.91
C MET C 691 -3.33 -55.45 3.16
N ILE C 692 -4.26 -54.67 2.64
CA ILE C 692 -5.70 -54.95 2.68
C ILE C 692 -6.03 -56.22 1.88
N LYS C 693 -5.47 -56.41 0.67
CA LYS C 693 -5.66 -57.67 -0.06
C LYS C 693 -5.18 -58.87 0.76
N LEU C 694 -3.99 -58.79 1.35
CA LEU C 694 -3.44 -59.86 2.19
C LEU C 694 -4.27 -60.11 3.46
N GLY C 695 -4.82 -59.06 4.08
CA GLY C 695 -5.73 -59.15 5.22
C GLY C 695 -7.10 -59.73 4.88
N LEU C 696 -7.64 -59.41 3.71
CA LEU C 696 -8.87 -59.98 3.16
C LEU C 696 -8.66 -61.39 2.57
N GLY C 697 -7.41 -61.82 2.37
CA GLY C 697 -7.07 -63.13 1.79
C GLY C 697 -7.28 -63.21 0.27
N ILE C 698 -7.17 -62.08 -0.43
CA ILE C 698 -7.35 -61.93 -1.88
C ILE C 698 -6.12 -62.46 -2.61
PG ANP D . 6.70 26.34 -15.40
O1G ANP D . 6.56 26.71 -13.98
O2G ANP D . 8.02 25.52 -15.52
O3G ANP D . 5.54 25.44 -15.89
PB ANP D . 7.93 28.62 -16.48
O1B ANP D . 7.81 29.53 -17.61
O2B ANP D . 9.15 27.73 -16.62
N3B ANP D . 6.59 27.66 -16.45
PA ANP D . 9.30 30.11 -14.58
O1A ANP D . 10.24 29.06 -14.17
O2A ANP D . 8.82 30.93 -13.42
O3A ANP D . 8.04 29.49 -15.22
O5' ANP D . 9.92 31.06 -15.63
C5' ANP D . 9.22 32.18 -16.25
C4' ANP D . 9.97 32.54 -17.48
O4' ANP D . 11.31 32.93 -17.14
C3' ANP D . 10.24 31.44 -18.49
O3' ANP D . 9.05 31.16 -19.17
C2' ANP D . 11.31 32.11 -19.35
O2' ANP D . 10.76 33.13 -20.18
C1' ANP D . 12.17 32.73 -18.25
N9 ANP D . 13.34 31.94 -17.85
C8 ANP D . 13.53 31.23 -16.69
N7 ANP D . 14.67 30.63 -16.60
C5 ANP D . 15.30 30.95 -17.77
C6 ANP D . 16.59 30.61 -18.32
N6 ANP D . 17.46 29.84 -17.67
N1 ANP D . 16.96 31.11 -19.56
C2 ANP D . 16.07 31.89 -20.25
N3 ANP D . 14.82 32.27 -19.82
C4 ANP D . 14.48 31.76 -18.57
PG ANP E . -8.35 29.23 2.51
O1G ANP E . -7.90 29.36 1.12
O2G ANP E . -9.75 28.52 2.53
O3G ANP E . -7.36 28.35 3.31
PB ANP E . -9.63 31.69 2.99
O1B ANP E . -9.55 32.89 3.82
O2B ANP E . -10.83 30.85 3.42
N3B ANP E . -8.30 30.75 3.28
PA ANP E . -11.12 32.43 0.79
O1A ANP E . -12.07 31.33 0.93
O2A ANP E . -10.78 32.77 -0.62
O3A ANP E . -9.79 32.10 1.53
O5' ANP E . -11.70 33.70 1.44
C5' ANP E . -11.00 34.95 1.62
C4' ANP E . -11.83 35.72 2.60
O4' ANP E . -13.16 35.87 2.08
C3' ANP E . -12.11 35.06 3.92
O3' ANP E . -10.96 35.10 4.72
C2' ANP E . -13.26 35.94 4.44
O2' ANP E . -12.78 37.22 4.86
C1' ANP E . -14.08 36.09 3.14
N9 ANP E . -15.23 35.18 3.02
C8 ANP E . -15.41 34.13 2.15
N7 ANP E . -16.54 33.50 2.27
C5 ANP E . -17.17 34.14 3.31
C6 ANP E . -18.43 33.93 3.98
N6 ANP E . -19.26 32.94 3.63
N1 ANP E . -18.80 34.79 5.01
C2 ANP E . -17.93 35.77 5.38
N3 ANP E . -16.72 36.05 4.82
C4 ANP E . -16.37 35.19 3.79
#